data_8RMY
#
_entry.id   8RMY
#
_cell.length_a   94.184
_cell.length_b   260.191
_cell.length_c   139.024
_cell.angle_alpha   90
_cell.angle_beta   95.1
_cell.angle_gamma   90
#
_symmetry.space_group_name_H-M   'I 1 2 1'
#
loop_
_entity.id
_entity.type
_entity.pdbx_description
1 polymer 'Antibody Fab fragment light chain IGKV4-1'
2 polymer 'Protein-glutamine gamma-glutamyltransferase E'
3 polymer 'Antibody Fab fragment heavy chain IGHV2-5'
4 polymer P6S-ONL-VAL-PRO-MLL
5 non-polymer 'CITRATE ANION'
6 non-polymer 1,2-ETHANEDIOL
7 non-polymer 'CALCIUM ION'
8 non-polymer 'PHOSPHATE ION'
9 water water
#
loop_
_entity_poly.entity_id
_entity_poly.type
_entity_poly.pdbx_seq_one_letter_code
_entity_poly.pdbx_strand_id
1 'polypeptide(L)'
;DIVMTQSPDSLAVSLGERATINCKSSQSVLYSSNNKNYLAWYQQKPGQPPKLLISWASTRESGVPDRFSGSGSGTDFTLT
ISSLQAEDVAVYYCQQYYSLWTFGQGTKVEIKRTVAAPSVFIFPPSDEQLKSGTASVVCLLNNFYPREAKVQWKVDNALQ
SGNSQESVTEQDSKDSTYSLSSTLTLSKADYEKHKVYACEVTHQGLSSPVTKSFNRGEC
;
F,C
2 'polypeptide(L)'
;MAALGVQSINWQTAFNRQAHHTDKFSSQELILRRGQNFQVLMIMNKGLGSNERLEFIVSTGPYPSESAMTKAVFPLSNGS
SGGWSAVLQASNGNTLTISISSPASAPIGRYTMALQIFSQGGISSVKLGTFILLFNPWLNVDSVFMGNHAEREEYVQEDA
GIIFVGSTNRIGMIGWNFGQFEEDILSICLSILDRSLNFRRDAATDVASRNDPKYVGRVLSAMINSNDDNGVLAGNWSGT
YTGGRDPRSWNGSVEILKNWKKSGFSPVRYGQCWVFAGTLNTALRSLGIPSRVITNFNSAHDTDRNLSVDVYYDPMGNPL
DKGSDSVWNFHVWNEGWFVRSDLGPSYGGWQVLDATPQERSQGVFQCGPASVIGVREGDVQLNFDMPFIFAEVNADRITW
LYDNTTGKQWKNSVNSHTIGRYISTKAVGSNARMDVTDKYKYPEGSDQERQVFQKALGKLKPNT
;
A,D
3 'polypeptide(L)'
;QITLKESGPTLVKPTQTLTLTCTFSGFSLDTSGVSVGWIRQPPGKALEWLALIFWDDDKRYSPSLKSRLTITKDTSKNQV
VLTMTNMEPVDTATYYCAHRFVGTLDVWGQGTTVTVSSASTKGPSVFPLAPSSKSTSGGTAALGCLVKDYFPEPVTVSWN
SGALTSGVHTFPAVLQSSGLYSLSSVVTVPSSSLGTQTYICNVNHKPSNTKVDKRVEPKSC
;
E,B
4 'polypeptide(L)' (P6S)(ONL)VP(MLL) J,K
#
loop_
_chem_comp.id
_chem_comp.type
_chem_comp.name
_chem_comp.formula
CA non-polymer 'CALCIUM ION' 'Ca 2'
EDO non-polymer 1,2-ETHANEDIOL 'C2 H6 O2'
FLC non-polymer 'CITRATE ANION' 'C6 H5 O7 -3'
P6S non-polymer 'benzyl hydrogen carbonate' 'C8 H8 O3'
PO4 non-polymer 'PHOSPHATE ION' 'O4 P -3'
#
# COMPACT_ATOMS: atom_id res chain seq x y z
N ASP A 1 31.58 -7.85 -5.84
CA ASP A 1 32.21 -9.12 -6.31
C ASP A 1 31.78 -9.38 -7.76
N ILE A 2 30.47 -9.64 -7.99
CA ILE A 2 30.03 -10.17 -9.27
C ILE A 2 29.72 -9.02 -10.20
N VAL A 3 30.19 -9.16 -11.44
CA VAL A 3 30.19 -8.06 -12.39
C VAL A 3 29.43 -8.45 -13.65
N MET A 4 28.52 -7.55 -14.05
CA MET A 4 27.57 -7.84 -15.09
C MET A 4 27.90 -6.98 -16.30
N THR A 5 28.13 -7.64 -17.45
CA THR A 5 28.63 -6.95 -18.63
C THR A 5 27.72 -7.22 -19.82
N GLN A 6 27.06 -6.17 -20.32
CA GLN A 6 26.08 -6.36 -21.41
C GLN A 6 26.76 -6.11 -22.75
N SER A 7 26.22 -6.74 -23.81
CA SER A 7 26.64 -6.46 -25.19
C SER A 7 25.49 -6.73 -26.18
N PRO A 8 25.37 -5.97 -27.28
CA PRO A 8 26.14 -4.75 -27.47
C PRO A 8 25.76 -3.65 -26.49
N ASP A 9 26.35 -2.48 -26.69
CA ASP A 9 26.05 -1.31 -25.89
C ASP A 9 24.84 -0.59 -26.50
N SER A 10 24.63 -0.71 -27.83
CA SER A 10 23.41 -0.16 -28.42
C SER A 10 23.15 -0.79 -29.80
N LEU A 11 21.93 -0.56 -30.32
CA LEU A 11 21.27 -1.51 -31.22
C LEU A 11 20.09 -0.82 -31.91
N ALA A 12 20.10 -0.85 -33.26
CA ALA A 12 18.94 -0.43 -34.05
C ALA A 12 18.53 -1.51 -35.06
N VAL A 13 17.29 -2.00 -34.89
CA VAL A 13 16.71 -3.02 -35.75
C VAL A 13 15.55 -2.40 -36.52
N SER A 14 15.30 -2.92 -37.75
CA SER A 14 14.13 -2.54 -38.53
C SER A 14 12.87 -3.05 -37.86
N LEU A 15 11.78 -2.31 -38.06
CA LEU A 15 10.49 -2.67 -37.49
C LEU A 15 10.16 -4.14 -37.85
N GLY A 16 10.08 -5.01 -36.82
CA GLY A 16 9.59 -6.36 -37.01
C GLY A 16 10.71 -7.40 -37.12
N GLU A 17 11.96 -6.92 -36.93
CA GLU A 17 13.13 -7.77 -36.95
C GLU A 17 13.48 -8.26 -35.54
N ARG A 18 14.43 -9.21 -35.46
CA ARG A 18 14.85 -9.78 -34.21
C ARG A 18 15.96 -8.92 -33.59
N ALA A 19 15.81 -8.69 -32.29
CA ALA A 19 16.78 -7.95 -31.51
C ALA A 19 17.36 -8.87 -30.45
N THR A 20 18.70 -8.90 -30.39
CA THR A 20 19.39 -9.77 -29.48
C THR A 20 20.30 -8.93 -28.57
N ILE A 21 20.32 -9.30 -27.31
CA ILE A 21 21.02 -8.57 -26.26
C ILE A 21 21.68 -9.60 -25.34
N ASN A 22 22.96 -9.39 -25.02
CA ASN A 22 23.73 -10.39 -24.29
C ASN A 22 24.14 -9.84 -22.93
N CYS A 23 24.38 -10.76 -22.00
CA CYS A 23 24.83 -10.42 -20.67
C CYS A 23 25.81 -11.51 -20.24
N LYS A 24 26.95 -11.10 -19.69
CA LYS A 24 27.91 -12.05 -19.16
C LYS A 24 28.17 -11.74 -17.69
N SER A 25 28.52 -12.78 -16.95
CA SER A 25 28.74 -12.66 -15.52
C SER A 25 30.21 -12.96 -15.18
N SER A 26 30.79 -12.13 -14.31
CA SER A 26 32.05 -12.43 -13.64
C SER A 26 32.12 -13.94 -13.27
N GLN A 27 31.02 -14.49 -12.72
CA GLN A 27 31.00 -15.85 -12.18
C GLN A 27 29.68 -16.52 -12.52
N SER A 28 29.60 -17.83 -12.30
CA SER A 28 28.34 -18.54 -12.42
C SER A 28 27.38 -18.01 -11.38
N VAL A 29 26.13 -17.78 -11.83
CA VAL A 29 25.03 -17.37 -10.98
C VAL A 29 24.01 -18.52 -10.91
N LEU A 30 24.50 -19.74 -11.08
CA LEU A 30 23.67 -20.92 -11.03
C LEU A 30 23.91 -21.65 -9.71
N TYR A 31 22.85 -21.73 -8.89
CA TYR A 31 22.94 -22.37 -7.58
C TYR A 31 22.82 -23.87 -7.77
N SER A 32 23.82 -24.61 -7.29
CA SER A 32 23.94 -26.02 -7.62
C SER A 32 22.83 -26.81 -6.94
N SER A 33 22.26 -26.24 -5.88
CA SER A 33 21.37 -26.96 -4.99
C SER A 33 19.96 -27.01 -5.57
N ASN A 34 19.56 -26.00 -6.34
CA ASN A 34 18.23 -26.02 -6.93
C ASN A 34 18.35 -25.95 -8.46
N ASN A 35 19.57 -25.78 -8.95
CA ASN A 35 19.82 -25.74 -10.39
C ASN A 35 19.01 -24.65 -11.04
N LYS A 36 18.92 -23.50 -10.36
CA LYS A 36 18.17 -22.38 -10.89
C LYS A 36 19.14 -21.20 -11.14
N ASN A 37 18.87 -20.45 -12.24
CA ASN A 37 19.73 -19.36 -12.64
C ASN A 37 19.19 -18.03 -12.10
N TYR A 38 19.95 -17.43 -11.17
CA TYR A 38 19.53 -16.21 -10.48
C TYR A 38 19.85 -14.99 -11.34
N LEU A 39 19.18 -14.91 -12.50
CA LEU A 39 19.40 -13.80 -13.40
C LEU A 39 18.08 -13.21 -13.81
N ALA A 40 18.06 -11.90 -14.07
CA ALA A 40 16.83 -11.21 -14.42
C ALA A 40 17.06 -10.20 -15.57
N TRP A 41 16.00 -9.82 -16.25
CA TRP A 41 16.07 -8.80 -17.30
C TRP A 41 15.05 -7.70 -17.02
N TYR A 42 15.50 -6.43 -17.10
CA TYR A 42 14.59 -5.30 -16.97
C TYR A 42 14.47 -4.52 -18.29
N GLN A 43 13.36 -3.78 -18.40
CA GLN A 43 13.20 -2.77 -19.43
C GLN A 43 12.93 -1.41 -18.79
N GLN A 44 13.56 -0.35 -19.35
CA GLN A 44 13.41 1.01 -18.85
C GLN A 44 13.09 1.97 -19.99
N LYS A 45 11.82 2.42 -20.04
CA LYS A 45 11.40 3.46 -20.95
C LYS A 45 11.79 4.83 -20.40
N PRO A 46 11.93 5.85 -21.28
CA PRO A 46 12.28 7.19 -20.81
C PRO A 46 11.27 7.77 -19.83
N GLY A 47 11.79 8.30 -18.70
CA GLY A 47 10.98 9.00 -17.73
C GLY A 47 10.24 8.04 -16.80
N GLN A 48 10.65 6.77 -16.79
CA GLN A 48 9.97 5.76 -16.00
C GLN A 48 10.99 4.88 -15.30
N PRO A 49 10.58 4.20 -14.22
CA PRO A 49 11.44 3.24 -13.55
C PRO A 49 11.56 1.95 -14.32
N PRO A 50 12.53 1.07 -14.01
CA PRO A 50 12.64 -0.19 -14.70
C PRO A 50 11.50 -1.17 -14.36
N LYS A 51 11.10 -1.97 -15.38
CA LYS A 51 10.01 -2.95 -15.30
C LYS A 51 10.60 -4.33 -15.58
N LEU A 52 10.19 -5.32 -14.80
CA LEU A 52 10.90 -6.60 -14.77
C LEU A 52 10.26 -7.51 -15.78
N LEU A 53 11.08 -8.07 -16.68
CA LEU A 53 10.55 -8.83 -17.81
C LEU A 53 10.62 -10.31 -17.53
N ILE A 54 11.66 -10.74 -16.77
CA ILE A 54 12.12 -12.12 -16.80
C ILE A 54 12.96 -12.38 -15.55
N SER A 55 12.48 -13.33 -14.73
CA SER A 55 13.26 -13.86 -13.61
C SER A 55 13.79 -15.24 -13.99
N TRP A 56 14.73 -15.74 -13.19
CA TRP A 56 15.24 -17.09 -13.32
C TRP A 56 15.75 -17.39 -14.73
N ALA A 57 16.26 -16.35 -15.40
CA ALA A 57 16.95 -16.46 -16.66
C ALA A 57 15.97 -16.54 -17.83
N SER A 58 14.78 -17.12 -17.60
CA SER A 58 13.97 -17.63 -18.69
C SER A 58 12.47 -17.52 -18.40
N THR A 59 12.05 -17.67 -17.12
CA THR A 59 10.63 -17.51 -16.76
C THR A 59 10.25 -16.04 -16.87
N ARG A 60 9.19 -15.77 -17.61
CA ARG A 60 8.80 -14.41 -17.96
C ARG A 60 7.74 -13.94 -16.96
N GLU A 61 7.76 -12.68 -16.57
CA GLU A 61 6.82 -12.20 -15.57
C GLU A 61 5.42 -12.21 -16.15
N SER A 62 4.44 -12.42 -15.27
CA SER A 62 3.04 -12.30 -15.61
C SER A 62 2.81 -11.01 -16.42
N GLY A 63 2.29 -11.16 -17.64
CA GLY A 63 1.73 -10.03 -18.36
C GLY A 63 2.62 -9.53 -19.49
N VAL A 64 3.82 -10.13 -19.62
CA VAL A 64 4.80 -9.67 -20.58
C VAL A 64 4.55 -10.36 -21.91
N PRO A 65 4.54 -9.64 -23.04
CA PRO A 65 4.34 -10.29 -24.33
C PRO A 65 5.27 -11.48 -24.55
N ASP A 66 4.85 -12.42 -25.43
CA ASP A 66 5.57 -13.67 -25.63
C ASP A 66 6.85 -13.40 -26.41
N ARG A 67 6.94 -12.20 -27.03
CA ARG A 67 8.04 -11.90 -27.94
C ARG A 67 9.34 -11.71 -27.15
N PHE A 68 9.21 -11.45 -25.85
CA PHE A 68 10.36 -11.35 -24.96
C PHE A 68 10.68 -12.72 -24.39
N SER A 69 11.88 -13.24 -24.71
CA SER A 69 12.30 -14.55 -24.20
C SER A 69 13.71 -14.47 -23.71
N GLY A 70 13.98 -15.17 -22.62
CA GLY A 70 15.28 -15.17 -21.99
C GLY A 70 15.92 -16.55 -22.08
N SER A 71 17.22 -16.59 -22.39
CA SER A 71 17.95 -17.83 -22.50
C SER A 71 19.29 -17.73 -21.77
N GLY A 72 20.01 -18.85 -21.72
CA GLY A 72 21.36 -18.87 -21.18
C GLY A 72 21.43 -19.74 -19.95
N SER A 73 22.65 -20.00 -19.47
CA SER A 73 22.88 -20.53 -18.16
C SER A 73 24.28 -20.17 -17.69
N GLY A 74 24.53 -20.28 -16.37
CA GLY A 74 25.87 -20.16 -15.79
C GLY A 74 26.34 -18.70 -15.73
N THR A 75 26.86 -18.18 -16.87
CA THR A 75 27.52 -16.87 -16.89
C THR A 75 27.17 -16.13 -18.19
N ASP A 76 26.60 -16.83 -19.18
CA ASP A 76 26.23 -16.20 -20.45
C ASP A 76 24.73 -16.31 -20.66
N PHE A 77 24.09 -15.16 -20.81
CA PHE A 77 22.66 -15.10 -20.91
C PHE A 77 22.26 -14.21 -22.09
N THR A 78 21.02 -14.35 -22.53
CA THR A 78 20.60 -13.68 -23.75
C THR A 78 19.11 -13.34 -23.67
N LEU A 79 18.80 -12.10 -24.03
CA LEU A 79 17.44 -11.63 -24.10
C LEU A 79 17.10 -11.41 -25.56
N THR A 80 16.07 -12.12 -26.04
CA THR A 80 15.74 -12.06 -27.46
C THR A 80 14.35 -11.46 -27.65
N ILE A 81 14.25 -10.50 -28.58
CA ILE A 81 12.98 -9.94 -28.95
C ILE A 81 12.70 -10.33 -30.38
N SER A 82 11.67 -11.15 -30.57
CA SER A 82 11.52 -11.89 -31.80
C SER A 82 11.07 -10.95 -32.92
N SER A 83 10.15 -10.03 -32.60
CA SER A 83 9.70 -9.06 -33.59
C SER A 83 9.47 -7.70 -32.94
N LEU A 84 10.36 -6.77 -33.28
CA LEU A 84 10.52 -5.56 -32.51
C LEU A 84 9.44 -4.60 -32.92
N GLN A 85 8.66 -4.13 -31.94
CA GLN A 85 7.59 -3.18 -32.19
C GLN A 85 8.12 -1.80 -31.87
N ALA A 86 7.43 -0.75 -32.36
CA ALA A 86 7.95 0.62 -32.30
C ALA A 86 8.03 1.11 -30.88
N GLU A 87 7.33 0.39 -30.00
CA GLU A 87 7.07 0.78 -28.63
C GLU A 87 7.98 -0.01 -27.67
N ASP A 88 8.93 -0.77 -28.23
CA ASP A 88 9.83 -1.58 -27.42
C ASP A 88 11.15 -0.83 -27.22
N VAL A 89 11.21 0.36 -27.80
CA VAL A 89 12.40 1.18 -27.72
C VAL A 89 12.60 1.58 -26.25
N ALA A 90 13.81 1.31 -25.74
CA ALA A 90 14.09 1.49 -24.32
C ALA A 90 15.48 0.94 -24.01
N VAL A 91 15.84 0.96 -22.73
CA VAL A 91 17.11 0.43 -22.27
C VAL A 91 16.84 -0.85 -21.50
N TYR A 92 17.53 -1.91 -21.92
CA TYR A 92 17.36 -3.21 -21.33
C TYR A 92 18.54 -3.46 -20.40
N TYR A 93 18.24 -3.77 -19.14
CA TYR A 93 19.26 -4.06 -18.14
C TYR A 93 19.17 -5.52 -17.77
N CYS A 94 20.34 -6.15 -17.61
CA CYS A 94 20.43 -7.45 -16.95
C CYS A 94 20.86 -7.27 -15.48
N GLN A 95 20.55 -8.26 -14.64
CA GLN A 95 20.73 -8.16 -13.19
C GLN A 95 20.98 -9.56 -12.64
N GLN A 96 21.89 -9.66 -11.67
CA GLN A 96 22.12 -10.90 -10.97
C GLN A 96 21.57 -10.75 -9.55
N TYR A 97 20.96 -11.81 -9.02
CA TYR A 97 20.55 -11.83 -7.63
C TYR A 97 21.01 -13.13 -6.99
N TYR A 98 22.16 -13.66 -7.48
CA TYR A 98 22.79 -14.83 -6.88
C TYR A 98 23.41 -14.42 -5.55
N SER A 99 24.08 -13.27 -5.55
CA SER A 99 24.63 -12.69 -4.33
C SER A 99 24.32 -11.20 -4.28
N LEU A 100 23.46 -10.78 -3.32
CA LEU A 100 22.82 -9.47 -3.38
C LEU A 100 22.49 -9.09 -4.86
N TRP A 101 22.62 -7.81 -5.22
CA TRP A 101 22.12 -7.34 -6.51
C TRP A 101 23.16 -6.47 -7.22
N THR A 102 23.45 -6.78 -8.48
CA THR A 102 24.25 -5.90 -9.35
C THR A 102 23.61 -5.87 -10.74
N PHE A 103 23.76 -4.76 -11.47
CA PHE A 103 23.11 -4.63 -12.77
C PHE A 103 24.15 -4.50 -13.88
N GLY A 104 23.75 -4.81 -15.11
CA GLY A 104 24.48 -4.41 -16.30
C GLY A 104 24.44 -2.89 -16.46
N GLN A 105 25.33 -2.39 -17.32
CA GLN A 105 25.39 -0.98 -17.64
C GLN A 105 24.17 -0.59 -18.50
N GLY A 106 23.58 -1.58 -19.17
CA GLY A 106 22.39 -1.32 -19.97
C GLY A 106 22.70 -1.34 -21.46
N THR A 107 21.67 -1.61 -22.26
CA THR A 107 21.75 -1.64 -23.70
C THR A 107 20.56 -0.87 -24.28
N LYS A 108 20.85 0.06 -25.14
CA LYS A 108 19.80 0.88 -25.75
C LYS A 108 19.36 0.26 -27.06
N VAL A 109 18.05 0.25 -27.28
CA VAL A 109 17.46 -0.39 -28.45
C VAL A 109 16.54 0.60 -29.13
N GLU A 110 16.75 0.78 -30.45
CA GLU A 110 16.00 1.76 -31.22
C GLU A 110 15.51 1.15 -32.53
N ILE A 111 14.54 1.81 -33.14
CA ILE A 111 14.05 1.42 -34.45
C ILE A 111 14.92 2.07 -35.52
N LYS A 112 15.57 1.25 -36.35
CA LYS A 112 16.10 1.69 -37.62
C LYS A 112 14.95 1.92 -38.61
N ARG A 113 14.92 3.12 -39.21
CA ARG A 113 13.85 3.53 -40.13
C ARG A 113 14.41 4.49 -41.17
N THR A 114 13.53 4.99 -42.05
CA THR A 114 13.96 5.82 -43.18
C THR A 114 14.52 7.13 -42.63
N VAL A 115 15.42 7.75 -43.39
CA VAL A 115 15.84 9.11 -43.14
C VAL A 115 14.61 10.02 -43.33
N ALA A 116 14.67 11.19 -42.73
CA ALA A 116 13.49 12.00 -42.53
C ALA A 116 13.91 13.34 -42.02
N ALA A 117 13.92 14.34 -42.91
CA ALA A 117 14.40 15.67 -42.55
C ALA A 117 13.53 16.20 -41.44
N PRO A 118 14.00 17.22 -40.70
CA PRO A 118 13.14 17.97 -39.82
C PRO A 118 12.21 18.93 -40.55
N SER A 119 11.04 19.15 -39.94
CA SER A 119 10.29 20.38 -40.12
C SER A 119 10.74 21.41 -39.09
N VAL A 120 11.09 22.61 -39.56
CA VAL A 120 11.51 23.71 -38.69
C VAL A 120 10.33 24.69 -38.44
N PHE A 121 10.06 24.95 -37.15
CA PHE A 121 9.11 25.98 -36.74
C PHE A 121 9.81 26.95 -35.78
N ILE A 122 9.34 28.21 -35.75
CA ILE A 122 10.02 29.26 -34.99
C ILE A 122 8.99 30.06 -34.22
N PHE A 123 9.41 30.54 -33.05
CA PHE A 123 8.51 31.12 -32.08
C PHE A 123 9.16 32.38 -31.53
N PRO A 124 8.71 33.58 -31.97
CA PRO A 124 9.19 34.83 -31.40
C PRO A 124 8.98 34.90 -29.90
N PRO A 125 9.71 35.75 -29.14
CA PRO A 125 9.48 35.86 -27.71
C PRO A 125 8.08 36.33 -27.42
N SER A 126 7.58 36.08 -26.20
CA SER A 126 6.20 36.44 -25.85
C SER A 126 6.17 37.84 -25.26
N ASP A 127 5.06 38.53 -25.49
CA ASP A 127 4.86 39.88 -24.98
C ASP A 127 4.99 39.86 -23.45
N GLU A 128 4.47 38.77 -22.88
CA GLU A 128 4.45 38.55 -21.45
C GLU A 128 5.88 38.46 -20.90
N GLN A 129 6.84 38.11 -21.77
CA GLN A 129 8.20 37.84 -21.34
C GLN A 129 9.10 39.03 -21.63
N LEU A 130 8.68 39.86 -22.60
CA LEU A 130 9.40 41.08 -22.92
C LEU A 130 9.34 42.04 -21.74
N LYS A 131 8.20 42.03 -21.05
CA LYS A 131 8.01 42.80 -19.82
C LYS A 131 9.01 42.39 -18.73
N SER A 132 9.41 41.12 -18.71
CA SER A 132 10.36 40.63 -17.73
C SER A 132 11.77 41.16 -18.03
N GLY A 133 12.05 41.41 -19.32
CA GLY A 133 13.31 42.01 -19.72
C GLY A 133 14.40 40.95 -19.93
N THR A 134 13.98 39.74 -20.31
CA THR A 134 14.76 38.92 -21.24
C THR A 134 13.87 38.58 -22.44
N ALA A 135 14.48 37.94 -23.46
CA ALA A 135 13.76 37.49 -24.65
C ALA A 135 14.31 36.13 -25.10
N SER A 136 13.44 35.10 -25.01
CA SER A 136 13.77 33.76 -25.45
C SER A 136 13.12 33.48 -26.81
N VAL A 137 13.96 33.17 -27.82
CA VAL A 137 13.47 32.82 -29.16
C VAL A 137 13.66 31.33 -29.36
N VAL A 138 12.66 30.65 -29.99
CA VAL A 138 12.62 29.19 -29.96
C VAL A 138 12.47 28.60 -31.37
N CYS A 139 13.48 27.77 -31.74
CA CYS A 139 13.50 26.99 -32.98
C CYS A 139 13.14 25.54 -32.64
N LEU A 140 12.24 24.94 -33.43
CA LEU A 140 11.75 23.59 -33.14
C LEU A 140 11.99 22.70 -34.34
N LEU A 141 12.67 21.57 -34.10
CA LEU A 141 12.86 20.56 -35.12
C LEU A 141 11.97 19.35 -34.79
N ASN A 142 11.06 19.03 -35.70
CA ASN A 142 9.97 18.15 -35.37
C ASN A 142 10.03 16.92 -36.27
N ASN A 143 10.29 15.75 -35.62
CA ASN A 143 10.13 14.41 -36.22
C ASN A 143 11.17 14.18 -37.31
N PHE A 144 12.42 14.05 -36.89
CA PHE A 144 13.49 13.79 -37.81
C PHE A 144 14.14 12.47 -37.44
N TYR A 145 14.71 11.83 -38.44
CA TYR A 145 15.51 10.65 -38.24
C TYR A 145 16.62 10.68 -39.26
N PRO A 146 17.87 10.37 -38.87
CA PRO A 146 18.18 10.01 -37.50
C PRO A 146 18.34 11.22 -36.60
N ARG A 147 19.00 10.98 -35.43
CA ARG A 147 19.00 11.89 -34.28
C ARG A 147 19.88 13.12 -34.53
N GLU A 148 21.08 12.89 -35.12
CA GLU A 148 22.12 13.93 -35.23
C GLU A 148 21.59 15.12 -36.02
N ALA A 149 21.54 16.28 -35.37
CA ALA A 149 21.18 17.52 -36.03
C ALA A 149 21.99 18.66 -35.45
N LYS A 150 21.94 19.82 -36.12
CA LYS A 150 22.70 20.98 -35.68
C LYS A 150 21.86 22.24 -35.93
N VAL A 151 21.82 23.11 -34.91
CA VAL A 151 21.18 24.42 -35.03
C VAL A 151 22.24 25.52 -34.77
N GLN A 152 22.32 26.48 -35.70
CA GLN A 152 22.98 27.74 -35.44
C GLN A 152 21.98 28.89 -35.61
N TRP A 153 22.23 29.97 -34.88
CA TRP A 153 21.42 31.16 -35.01
C TRP A 153 22.21 32.27 -35.71
N LYS A 154 21.52 33.01 -36.58
CA LYS A 154 22.02 34.27 -37.08
C LYS A 154 20.99 35.34 -36.78
N VAL A 155 21.49 36.51 -36.37
CA VAL A 155 20.65 37.64 -36.04
C VAL A 155 21.20 38.86 -36.76
N ASP A 156 20.42 39.35 -37.73
CA ASP A 156 20.93 40.30 -38.72
C ASP A 156 22.21 39.73 -39.32
N ASN A 157 22.17 38.45 -39.65
CA ASN A 157 23.25 37.78 -40.33
C ASN A 157 24.51 37.76 -39.47
N ALA A 158 24.33 37.74 -38.14
CA ALA A 158 25.47 37.52 -37.23
C ALA A 158 25.36 36.14 -36.56
N LEU A 159 26.31 35.26 -36.86
CA LEU A 159 26.36 33.96 -36.21
C LEU A 159 26.48 34.19 -34.72
N GLN A 160 25.77 33.39 -33.92
CA GLN A 160 25.79 33.53 -32.48
C GLN A 160 26.75 32.50 -31.89
N SER A 161 27.10 32.70 -30.61
CA SER A 161 27.66 31.64 -29.80
C SER A 161 27.56 31.98 -28.31
N GLY A 162 27.35 30.95 -27.48
CA GLY A 162 27.40 31.05 -26.03
C GLY A 162 26.09 31.60 -25.44
N ASN A 163 24.99 31.52 -26.19
CA ASN A 163 23.73 32.15 -25.77
C ASN A 163 22.52 31.30 -26.22
N SER A 164 22.75 29.99 -26.40
CA SER A 164 21.73 29.08 -26.93
C SER A 164 21.98 27.66 -26.42
N GLN A 165 20.88 26.96 -26.10
CA GLN A 165 20.95 25.61 -25.56
C GLN A 165 19.95 24.72 -26.32
N GLU A 166 20.33 23.43 -26.49
CA GLU A 166 19.51 22.48 -27.24
C GLU A 166 19.01 21.39 -26.29
N SER A 167 17.91 20.73 -26.67
CA SER A 167 17.39 19.61 -25.90
C SER A 167 16.74 18.63 -26.84
N VAL A 168 17.05 17.32 -26.69
CA VAL A 168 16.50 16.31 -27.59
C VAL A 168 15.62 15.30 -26.83
N THR A 169 14.55 14.87 -27.51
CA THR A 169 13.71 13.78 -27.04
C THR A 169 14.38 12.45 -27.33
N GLU A 170 13.95 11.45 -26.57
CA GLU A 170 14.19 10.07 -26.92
C GLU A 170 13.28 9.67 -28.09
N GLN A 171 13.58 8.52 -28.69
CA GLN A 171 12.86 8.06 -29.87
C GLN A 171 11.39 7.83 -29.50
N ASP A 172 10.49 8.15 -30.45
CA ASP A 172 9.06 8.03 -30.24
C ASP A 172 8.62 6.56 -30.31
N SER A 173 7.42 6.27 -29.77
CA SER A 173 6.90 4.91 -29.75
C SER A 173 5.88 4.69 -30.88
N LYS A 174 5.60 5.75 -31.68
CA LYS A 174 4.67 5.64 -32.80
C LYS A 174 5.43 5.79 -34.13
N ASP A 175 5.84 7.03 -34.49
CA ASP A 175 6.48 7.27 -35.79
C ASP A 175 8.00 7.02 -35.71
N SER A 176 8.51 6.84 -34.48
CA SER A 176 9.85 6.34 -34.26
C SER A 176 10.91 7.39 -34.66
N THR A 177 10.64 8.68 -34.31
CA THR A 177 11.52 9.78 -34.68
C THR A 177 11.84 10.63 -33.46
N TYR A 178 12.57 11.72 -33.70
CA TYR A 178 13.07 12.58 -32.66
C TYR A 178 12.53 13.98 -32.86
N SER A 179 12.56 14.75 -31.77
CA SER A 179 12.33 16.18 -31.83
C SER A 179 13.36 16.92 -30.96
N LEU A 180 13.67 18.15 -31.36
CA LEU A 180 14.73 18.93 -30.72
C LEU A 180 14.28 20.37 -30.61
N SER A 181 14.71 21.06 -29.53
CA SER A 181 14.41 22.48 -29.35
C SER A 181 15.69 23.25 -29.08
N SER A 182 15.78 24.45 -29.68
CA SER A 182 16.88 25.37 -29.49
C SER A 182 16.31 26.65 -28.92
N THR A 183 16.94 27.16 -27.87
CA THR A 183 16.52 28.43 -27.32
C THR A 183 17.69 29.41 -27.32
N LEU A 184 17.49 30.52 -28.02
CA LEU A 184 18.40 31.65 -28.03
C LEU A 184 17.92 32.68 -27.04
N THR A 185 18.79 33.02 -26.08
CA THR A 185 18.38 33.78 -24.93
C THR A 185 19.11 35.13 -24.97
N LEU A 186 18.29 36.22 -25.04
CA LEU A 186 18.80 37.59 -25.18
C LEU A 186 18.22 38.48 -24.08
N SER A 187 18.95 39.54 -23.73
CA SER A 187 18.38 40.71 -23.07
C SER A 187 17.33 41.36 -23.98
N LYS A 188 16.24 41.84 -23.37
CA LYS A 188 15.23 42.60 -24.10
C LYS A 188 15.90 43.74 -24.87
N ALA A 189 16.95 44.32 -24.26
CA ALA A 189 17.69 45.41 -24.87
C ALA A 189 18.05 45.03 -26.29
N ASP A 190 18.70 43.86 -26.44
CA ASP A 190 19.38 43.48 -27.65
C ASP A 190 18.40 42.88 -28.63
N TYR A 191 17.37 42.20 -28.10
CA TYR A 191 16.30 41.68 -28.94
C TYR A 191 15.53 42.86 -29.52
N GLU A 192 15.76 44.05 -28.93
CA GLU A 192 15.13 45.27 -29.39
C GLU A 192 15.93 45.88 -30.55
N LYS A 193 17.26 45.68 -30.52
CA LYS A 193 18.19 46.41 -31.39
C LYS A 193 18.18 45.86 -32.81
N HIS A 194 17.95 44.55 -32.93
CA HIS A 194 18.13 43.84 -34.18
C HIS A 194 16.76 43.51 -34.78
N LYS A 195 16.74 43.16 -36.08
CA LYS A 195 15.49 43.00 -36.82
C LYS A 195 15.29 41.53 -37.25
N VAL A 196 16.35 40.90 -37.77
CA VAL A 196 16.19 39.64 -38.50
C VAL A 196 16.73 38.47 -37.67
N TYR A 197 15.79 37.59 -37.26
CA TYR A 197 16.09 36.43 -36.45
C TYR A 197 15.83 35.16 -37.25
N ALA A 198 16.85 34.28 -37.30
CA ALA A 198 16.80 33.08 -38.11
C ALA A 198 17.58 31.97 -37.43
N CYS A 199 16.96 30.77 -37.34
CA CYS A 199 17.71 29.56 -37.07
C CYS A 199 17.90 28.79 -38.37
N GLU A 200 18.90 27.91 -38.36
CA GLU A 200 19.52 27.36 -39.57
C GLU A 200 20.03 25.97 -39.24
N VAL A 201 19.64 24.99 -40.07
CA VAL A 201 19.40 23.64 -39.60
C VAL A 201 20.15 22.64 -40.48
N THR A 202 20.95 21.79 -39.84
CA THR A 202 21.73 20.77 -40.52
C THR A 202 21.17 19.42 -40.13
N HIS A 203 20.93 18.57 -41.13
CA HIS A 203 20.56 17.18 -40.89
C HIS A 203 21.05 16.35 -42.06
N GLN A 204 21.04 15.04 -41.87
CA GLN A 204 21.39 14.11 -42.95
C GLN A 204 20.48 14.34 -44.15
N GLY A 205 19.17 14.49 -43.88
CA GLY A 205 18.15 14.41 -44.92
C GLY A 205 18.15 15.64 -45.84
N LEU A 206 18.99 16.64 -45.54
CA LEU A 206 19.00 17.89 -46.32
C LEU A 206 20.34 17.98 -47.01
N SER A 207 20.33 18.60 -48.19
CA SER A 207 21.50 18.62 -49.07
C SER A 207 22.28 19.92 -48.86
N SER A 208 21.56 20.99 -48.57
CA SER A 208 22.15 22.13 -47.89
C SER A 208 21.33 22.47 -46.65
N PRO A 209 21.77 23.48 -45.86
CA PRO A 209 21.03 23.92 -44.69
C PRO A 209 19.67 24.54 -44.99
N VAL A 210 18.72 24.24 -44.11
CA VAL A 210 17.40 24.82 -44.09
C VAL A 210 17.37 25.99 -43.11
N THR A 211 16.97 27.18 -43.59
CA THR A 211 16.75 28.31 -42.69
C THR A 211 15.24 28.56 -42.51
N LYS A 212 14.84 28.89 -41.27
CA LYS A 212 13.51 29.42 -41.00
C LYS A 212 13.65 30.72 -40.21
N SER A 213 13.03 31.80 -40.72
CA SER A 213 13.30 33.14 -40.17
C SER A 213 12.00 33.88 -39.92
N PHE A 214 12.10 34.85 -38.98
CA PHE A 214 11.13 35.93 -38.81
C PHE A 214 11.87 37.26 -38.61
N ASN A 215 11.27 38.34 -39.14
CA ASN A 215 11.66 39.70 -38.80
C ASN A 215 10.75 40.22 -37.67
N ARG A 216 11.38 40.83 -36.63
CA ARG A 216 10.64 41.48 -35.55
C ARG A 216 9.68 42.53 -36.12
N GLY A 217 8.54 42.68 -35.47
CA GLY A 217 7.39 43.30 -36.10
C GLY A 217 6.09 42.82 -35.50
N GLU A 218 5.01 43.47 -35.87
CA GLU A 218 3.67 43.05 -35.51
C GLU A 218 3.23 41.93 -36.45
N CYS A 219 3.82 41.92 -37.66
CA CYS A 219 3.69 40.82 -38.60
C CYS A 219 4.91 39.89 -38.48
N ILE B 2 -28.63 37.30 0.55
CA ILE B 2 -28.23 37.55 1.98
C ILE B 2 -28.08 39.03 2.19
N VAL B 3 -28.61 39.49 3.34
CA VAL B 3 -28.80 40.90 3.62
C VAL B 3 -28.03 41.28 4.91
N MET B 4 -27.25 42.36 4.78
CA MET B 4 -26.29 42.74 5.79
C MET B 4 -26.70 44.07 6.39
N THR B 5 -26.95 44.06 7.71
CA THR B 5 -27.58 45.18 8.39
C THR B 5 -26.71 45.66 9.54
N GLN B 6 -26.14 46.88 9.42
CA GLN B 6 -25.26 47.39 10.46
C GLN B 6 -26.11 48.08 11.55
N SER B 7 -25.46 48.34 12.70
CA SER B 7 -25.99 49.26 13.72
C SER B 7 -24.87 49.65 14.69
N PRO B 8 -24.84 50.91 15.17
CA PRO B 8 -25.71 51.96 14.69
C PRO B 8 -25.34 52.44 13.29
N ASP B 9 -25.91 53.60 12.88
CA ASP B 9 -25.57 54.25 11.63
C ASP B 9 -24.46 55.28 11.88
N SER B 10 -24.37 55.80 13.10
CA SER B 10 -23.41 56.84 13.40
C SER B 10 -23.17 56.94 14.91
N LEU B 11 -22.01 57.48 15.26
CA LEU B 11 -21.36 57.18 16.51
C LEU B 11 -20.30 58.23 16.77
N ALA B 12 -20.42 58.89 17.92
CA ALA B 12 -19.40 59.82 18.39
C ALA B 12 -18.92 59.36 19.76
N VAL B 13 -17.58 59.39 19.94
CA VAL B 13 -16.94 58.86 21.14
C VAL B 13 -15.64 59.64 21.40
N SER B 14 -15.33 59.84 22.70
CA SER B 14 -14.22 60.67 23.14
C SER B 14 -12.90 59.95 22.88
N LEU B 15 -11.86 60.71 22.53
CA LEU B 15 -10.57 60.13 22.11
C LEU B 15 -10.08 59.18 23.22
N GLY B 16 -10.00 57.89 22.92
CA GLY B 16 -9.43 56.90 23.83
C GLY B 16 -10.50 55.99 24.43
N GLU B 17 -11.77 56.21 24.03
CA GLU B 17 -12.89 55.42 24.52
C GLU B 17 -13.20 54.27 23.55
N ARG B 18 -14.07 53.35 24.01
CA ARG B 18 -14.40 52.14 23.26
C ARG B 18 -15.52 52.44 22.27
N ALA B 19 -15.33 51.94 21.04
CA ALA B 19 -16.32 52.07 19.99
C ALA B 19 -16.85 50.67 19.61
N THR B 20 -18.18 50.56 19.54
CA THR B 20 -18.85 49.29 19.30
C THR B 20 -19.75 49.42 18.08
N ILE B 21 -19.62 48.47 17.14
CA ILE B 21 -20.35 48.49 15.87
C ILE B 21 -20.88 47.09 15.59
N ASN B 22 -22.13 46.98 15.12
CA ASN B 22 -22.80 45.70 15.01
C ASN B 22 -23.18 45.41 13.57
N CYS B 23 -23.25 44.12 13.24
CA CYS B 23 -23.60 43.66 11.91
C CYS B 23 -24.44 42.40 12.07
N LYS B 24 -25.57 42.36 11.37
CA LYS B 24 -26.49 41.26 11.46
C LYS B 24 -26.67 40.64 10.06
N SER B 25 -27.06 39.39 10.04
CA SER B 25 -26.96 38.61 8.83
C SER B 25 -28.31 37.97 8.56
N SER B 26 -28.89 38.33 7.39
CA SER B 26 -30.11 37.70 6.88
C SER B 26 -30.16 36.19 7.22
N GLN B 27 -29.03 35.45 7.00
CA GLN B 27 -28.91 34.04 7.43
C GLN B 27 -27.47 33.74 7.82
N SER B 28 -27.23 32.55 8.39
CA SER B 28 -25.93 32.22 8.95
C SER B 28 -24.88 32.28 7.85
N VAL B 29 -23.73 32.88 8.17
CA VAL B 29 -22.56 32.88 7.29
C VAL B 29 -21.47 31.96 7.87
N LEU B 30 -21.89 30.95 8.63
CA LEU B 30 -20.96 30.02 9.24
C LEU B 30 -21.01 28.70 8.49
N TYR B 31 -19.90 28.35 7.83
CA TYR B 31 -19.81 27.15 7.02
C TYR B 31 -19.49 26.00 7.93
N SER B 32 -20.39 25.00 7.97
CA SER B 32 -20.30 23.96 8.99
C SER B 32 -19.13 23.04 8.68
N SER B 33 -18.67 23.09 7.42
CA SER B 33 -17.68 22.16 6.92
C SER B 33 -16.30 22.51 7.46
N ASN B 34 -15.98 23.81 7.57
CA ASN B 34 -14.67 24.20 8.06
C ASN B 34 -14.79 25.00 9.34
N ASN B 35 -16.04 25.23 9.77
CA ASN B 35 -16.31 25.91 11.03
C ASN B 35 -15.66 27.29 11.04
N LYS B 36 -15.74 28.00 9.91
CA LYS B 36 -15.19 29.33 9.77
C LYS B 36 -16.32 30.30 9.39
N ASN B 37 -16.19 31.57 9.81
CA ASN B 37 -17.21 32.58 9.57
C ASN B 37 -16.78 33.48 8.42
N TYR B 38 -17.59 33.50 7.34
CA TYR B 38 -17.25 34.20 6.10
C TYR B 38 -17.70 35.66 6.15
N LEU B 39 -17.12 36.41 7.07
CA LEU B 39 -17.54 37.76 7.32
C LEU B 39 -16.32 38.65 7.44
N ALA B 40 -16.45 39.90 7.00
CA ALA B 40 -15.30 40.80 6.94
C ALA B 40 -15.68 42.20 7.41
N TRP B 41 -14.66 43.01 7.75
CA TRP B 41 -14.87 44.38 8.16
C TRP B 41 -13.95 45.30 7.35
N TYR B 42 -14.54 46.37 6.79
CA TYR B 42 -13.81 47.32 5.99
C TYR B 42 -13.87 48.71 6.63
N GLN B 43 -12.87 49.53 6.31
CA GLN B 43 -12.81 50.90 6.76
C GLN B 43 -12.60 51.79 5.55
N GLN B 44 -13.42 52.85 5.41
CA GLN B 44 -13.31 53.78 4.29
C GLN B 44 -13.26 55.22 4.82
N LYS B 45 -12.07 55.83 4.76
CA LYS B 45 -11.90 57.26 4.94
C LYS B 45 -12.32 57.99 3.66
N PRO B 46 -12.80 59.26 3.76
CA PRO B 46 -13.36 59.94 2.60
C PRO B 46 -12.37 60.07 1.46
N GLY B 47 -12.85 59.76 0.24
CA GLY B 47 -12.06 59.98 -0.97
C GLY B 47 -10.90 59.01 -1.07
N GLN B 48 -11.11 57.82 -0.52
CA GLN B 48 -10.16 56.73 -0.66
C GLN B 48 -10.91 55.46 -1.01
N PRO B 49 -10.20 54.44 -1.56
CA PRO B 49 -10.73 53.07 -1.58
C PRO B 49 -10.89 52.49 -0.18
N PRO B 50 -11.84 51.53 0.04
CA PRO B 50 -11.96 50.88 1.33
C PRO B 50 -10.79 49.94 1.64
N LYS B 51 -10.48 49.80 2.95
CA LYS B 51 -9.39 48.94 3.41
C LYS B 51 -9.97 47.78 4.21
N LEU B 52 -9.33 46.62 4.10
CA LEU B 52 -9.79 45.44 4.80
C LEU B 52 -9.12 45.38 6.17
N LEU B 53 -9.92 45.23 7.21
CA LEU B 53 -9.41 45.18 8.58
C LEU B 53 -9.26 43.73 9.02
N ILE B 54 -10.23 42.90 8.58
CA ILE B 54 -10.60 41.69 9.29
C ILE B 54 -11.31 40.75 8.33
N SER B 55 -10.70 39.59 8.07
CA SER B 55 -11.40 38.47 7.46
C SER B 55 -11.81 37.46 8.53
N TRP B 56 -12.67 36.52 8.14
CA TRP B 56 -13.02 35.37 8.96
C TRP B 56 -13.55 35.79 10.33
N ALA B 57 -14.15 36.99 10.40
CA ALA B 57 -14.93 37.42 11.58
C ALA B 57 -14.02 38.01 12.64
N SER B 58 -12.80 37.46 12.79
CA SER B 58 -11.95 37.76 13.94
C SER B 58 -10.46 37.84 13.57
N THR B 59 -10.03 37.17 12.49
CA THR B 59 -8.62 37.25 12.11
C THR B 59 -8.37 38.61 11.47
N ARG B 60 -7.31 39.28 11.93
CA ARG B 60 -6.98 40.64 11.50
C ARG B 60 -5.93 40.63 10.39
N GLU B 61 -6.14 41.44 9.34
CA GLU B 61 -5.19 41.51 8.23
C GLU B 61 -3.89 42.13 8.74
N SER B 62 -2.81 41.80 8.04
CA SER B 62 -1.46 42.20 8.42
C SER B 62 -1.34 43.72 8.45
N GLY B 63 -0.82 44.27 9.55
CA GLY B 63 -0.54 45.70 9.65
C GLY B 63 -1.77 46.50 10.09
N VAL B 64 -2.68 45.82 10.79
CA VAL B 64 -3.78 46.50 11.46
C VAL B 64 -3.44 46.62 12.94
N PRO B 65 -3.48 47.84 13.52
CA PRO B 65 -3.19 48.00 14.95
C PRO B 65 -4.05 47.11 15.84
N ASP B 66 -3.59 46.86 17.07
CA ASP B 66 -4.16 45.85 17.96
C ASP B 66 -5.54 46.31 18.45
N ARG B 67 -5.79 47.61 18.36
CA ARG B 67 -6.98 48.19 18.99
C ARG B 67 -8.23 47.70 18.27
N PHE B 68 -8.08 47.36 16.96
CA PHE B 68 -9.17 46.85 16.15
C PHE B 68 -9.31 45.34 16.35
N SER B 69 -10.51 44.89 16.81
CA SER B 69 -10.73 43.49 17.19
C SER B 69 -12.20 43.08 16.97
N GLY B 70 -12.40 42.11 16.06
CA GLY B 70 -13.72 41.69 15.65
C GLY B 70 -14.14 40.38 16.33
N SER B 71 -15.46 40.27 16.58
CA SER B 71 -16.03 39.08 17.19
C SER B 71 -17.31 38.70 16.46
N GLY B 72 -18.12 37.87 17.13
CA GLY B 72 -19.38 37.41 16.58
C GLY B 72 -19.32 35.92 16.23
N SER B 73 -20.50 35.33 15.98
CA SER B 73 -20.59 34.11 15.18
C SER B 73 -22.04 33.87 14.76
N GLY B 74 -22.24 33.46 13.51
CA GLY B 74 -23.52 32.94 13.06
C GLY B 74 -24.25 33.97 12.21
N THR B 75 -24.95 34.88 12.89
CA THR B 75 -25.69 35.94 12.20
C THR B 75 -25.38 37.29 12.84
N ASP B 76 -24.73 37.27 14.02
CA ASP B 76 -24.51 38.48 14.80
C ASP B 76 -23.02 38.66 15.03
N PHE B 77 -22.49 39.81 14.56
CA PHE B 77 -21.07 40.08 14.63
C PHE B 77 -20.86 41.47 15.19
N THR B 78 -19.64 41.74 15.65
CA THR B 78 -19.32 43.00 16.31
C THR B 78 -17.88 43.38 16.04
N LEU B 79 -17.66 44.63 15.67
CA LEU B 79 -16.33 45.19 15.54
C LEU B 79 -16.10 46.18 16.67
N THR B 80 -15.06 45.91 17.48
CA THR B 80 -14.78 46.70 18.67
C THR B 80 -13.46 47.45 18.49
N ILE B 81 -13.47 48.74 18.81
CA ILE B 81 -12.22 49.47 18.98
C ILE B 81 -12.05 49.79 20.46
N SER B 82 -10.97 49.28 21.05
CA SER B 82 -10.71 49.43 22.47
C SER B 82 -10.43 50.90 22.79
N SER B 83 -9.68 51.58 21.89
CA SER B 83 -9.25 52.95 22.14
C SER B 83 -9.17 53.75 20.83
N LEU B 84 -10.07 54.74 20.68
CA LEU B 84 -10.31 55.40 19.38
C LEU B 84 -9.34 56.59 19.19
N GLN B 85 -8.45 56.47 18.20
CA GLN B 85 -7.50 57.54 17.89
C GLN B 85 -8.09 58.51 16.86
N ALA B 86 -7.41 59.65 16.68
CA ALA B 86 -8.00 60.81 16.05
C ALA B 86 -8.18 60.58 14.55
N GLU B 87 -7.49 59.55 14.04
CA GLU B 87 -7.39 59.34 12.60
C GLU B 87 -8.29 58.17 12.17
N ASP B 88 -9.05 57.61 13.13
CA ASP B 88 -9.84 56.42 12.86
C ASP B 88 -11.20 56.80 12.32
N VAL B 89 -11.48 58.11 12.27
CA VAL B 89 -12.76 58.62 11.83
C VAL B 89 -12.97 58.20 10.36
N ALA B 90 -14.11 57.56 10.09
CA ALA B 90 -14.43 57.08 8.74
C ALA B 90 -15.73 56.28 8.77
N VAL B 91 -16.06 55.63 7.63
CA VAL B 91 -17.23 54.78 7.53
C VAL B 91 -16.79 53.32 7.53
N TYR B 92 -17.39 52.52 8.40
CA TYR B 92 -16.97 51.13 8.59
C TYR B 92 -18.06 50.21 8.02
N TYR B 93 -17.66 49.37 7.05
CA TYR B 93 -18.59 48.50 6.36
C TYR B 93 -18.34 47.05 6.77
N CYS B 94 -19.44 46.29 6.90
CA CYS B 94 -19.37 44.86 7.06
C CYS B 94 -19.77 44.20 5.76
N GLN B 95 -19.16 43.05 5.47
CA GLN B 95 -19.41 42.30 4.24
C GLN B 95 -19.51 40.82 4.56
N GLN B 96 -20.41 40.15 3.88
CA GLN B 96 -20.40 38.71 3.89
C GLN B 96 -19.89 38.23 2.53
N TYR B 97 -19.08 37.19 2.55
CA TYR B 97 -18.63 36.55 1.33
C TYR B 97 -18.92 35.06 1.44
N TYR B 98 -19.96 34.72 2.21
CA TYR B 98 -20.41 33.34 2.37
C TYR B 98 -21.07 32.89 1.06
N SER B 99 -21.79 33.80 0.44
CA SER B 99 -22.43 33.56 -0.84
C SER B 99 -22.28 34.82 -1.70
N LEU B 100 -21.32 34.80 -2.64
CA LEU B 100 -20.89 36.00 -3.34
C LEU B 100 -20.68 37.13 -2.31
N TRP B 101 -20.92 38.39 -2.70
CA TRP B 101 -20.56 39.52 -1.85
C TRP B 101 -21.73 40.49 -1.69
N THR B 102 -22.07 40.78 -0.43
CA THR B 102 -23.03 41.83 -0.11
C THR B 102 -22.48 42.67 1.04
N PHE B 103 -22.91 43.95 1.12
CA PHE B 103 -22.40 44.88 2.12
C PHE B 103 -23.49 45.28 3.15
N GLY B 104 -23.04 45.87 4.24
CA GLY B 104 -23.90 46.72 5.03
C GLY B 104 -24.06 48.10 4.38
N GLN B 105 -24.92 48.92 4.99
CA GLN B 105 -25.09 50.31 4.61
C GLN B 105 -23.89 51.14 5.10
N GLY B 106 -23.21 50.66 6.13
CA GLY B 106 -22.06 51.37 6.67
C GLY B 106 -22.41 52.06 7.97
N THR B 107 -21.37 52.44 8.73
CA THR B 107 -21.50 53.06 10.03
C THR B 107 -20.44 54.16 10.16
N LYS B 108 -20.88 55.35 10.58
CA LYS B 108 -20.01 56.53 10.59
C LYS B 108 -19.45 56.72 12.00
N VAL B 109 -18.12 56.95 12.11
CA VAL B 109 -17.44 57.01 13.41
C VAL B 109 -16.76 58.37 13.54
N GLU B 110 -17.05 59.07 14.66
CA GLU B 110 -16.74 60.48 14.81
C GLU B 110 -16.12 60.77 16.19
N ILE B 111 -15.20 61.75 16.23
CA ILE B 111 -14.51 62.12 17.45
C ILE B 111 -15.37 63.11 18.23
N LYS B 112 -15.65 62.78 19.50
CA LYS B 112 -16.45 63.63 20.36
C LYS B 112 -15.54 64.50 21.23
N ARG B 113 -15.81 65.81 21.21
CA ARG B 113 -14.87 66.81 21.72
C ARG B 113 -15.65 68.02 22.22
N THR B 114 -14.93 69.01 22.76
CA THR B 114 -15.54 70.20 23.34
C THR B 114 -16.26 70.98 22.24
N VAL B 115 -17.28 71.76 22.65
CA VAL B 115 -18.04 72.60 21.72
C VAL B 115 -17.10 73.66 21.15
N ALA B 116 -17.46 74.22 19.98
CA ALA B 116 -16.75 75.36 19.41
C ALA B 116 -17.52 75.93 18.21
N ALA B 117 -17.85 77.23 18.27
CA ALA B 117 -18.74 77.87 17.29
C ALA B 117 -17.92 78.38 16.10
N PRO B 118 -18.57 78.85 15.00
CA PRO B 118 -17.89 79.05 13.72
C PRO B 118 -17.30 80.45 13.54
N SER B 119 -16.21 80.54 12.75
CA SER B 119 -15.69 81.80 12.25
C SER B 119 -16.27 82.10 10.87
N VAL B 120 -16.96 83.26 10.76
CA VAL B 120 -17.77 83.60 9.57
C VAL B 120 -16.96 84.57 8.68
N PHE B 121 -16.74 84.17 7.41
CA PHE B 121 -16.07 85.02 6.43
C PHE B 121 -16.98 85.12 5.20
N ILE B 122 -16.92 86.26 4.50
CA ILE B 122 -17.77 86.51 3.33
C ILE B 122 -16.88 86.96 2.17
N PHE B 123 -17.24 86.53 0.95
CA PHE B 123 -16.37 86.73 -0.21
C PHE B 123 -17.20 87.23 -1.38
N PRO B 124 -17.17 88.56 -1.64
CA PRO B 124 -17.94 89.16 -2.72
C PRO B 124 -17.68 88.50 -4.09
N PRO B 125 -18.47 88.83 -5.13
CA PRO B 125 -18.11 88.48 -6.51
C PRO B 125 -16.99 89.35 -7.09
N SER B 126 -16.32 88.85 -8.13
CA SER B 126 -15.16 89.52 -8.72
C SER B 126 -15.58 90.27 -9.98
N ASP B 127 -14.74 91.21 -10.42
CA ASP B 127 -14.98 91.93 -11.66
C ASP B 127 -14.91 90.95 -12.83
N GLU B 128 -14.05 89.94 -12.70
CA GLU B 128 -13.91 88.90 -13.70
C GLU B 128 -15.21 88.11 -13.84
N GLN B 129 -16.09 88.23 -12.83
CA GLN B 129 -17.32 87.45 -12.78
C GLN B 129 -18.53 88.33 -13.11
N LEU B 130 -18.38 89.64 -12.93
CA LEU B 130 -19.38 90.61 -13.38
C LEU B 130 -19.49 90.52 -14.90
N LYS B 131 -18.33 90.30 -15.56
CA LYS B 131 -18.23 90.13 -17.01
C LYS B 131 -19.10 88.94 -17.46
N SER B 132 -19.21 87.93 -16.60
CA SER B 132 -19.95 86.72 -16.95
C SER B 132 -21.46 87.00 -16.91
N GLY B 133 -21.87 87.96 -16.07
CA GLY B 133 -23.27 88.39 -16.00
C GLY B 133 -24.14 87.43 -15.18
N THR B 134 -23.49 86.59 -14.36
CA THR B 134 -24.05 86.14 -13.10
C THR B 134 -23.06 86.54 -11.98
N ALA B 135 -23.53 86.54 -10.72
CA ALA B 135 -22.74 87.07 -9.60
C ALA B 135 -23.04 86.31 -8.30
N SER B 136 -22.02 85.58 -7.82
CA SER B 136 -22.21 84.55 -6.80
C SER B 136 -21.56 85.00 -5.49
N VAL B 137 -22.35 85.01 -4.40
CA VAL B 137 -21.86 85.45 -3.09
C VAL B 137 -21.63 84.22 -2.20
N VAL B 138 -20.53 84.25 -1.42
CA VAL B 138 -20.04 83.06 -0.74
C VAL B 138 -19.78 83.36 0.75
N CYS B 139 -20.47 82.60 1.61
CA CYS B 139 -20.30 82.62 3.06
C CYS B 139 -19.48 81.39 3.48
N LEU B 140 -18.52 81.57 4.42
CA LEU B 140 -17.63 80.47 4.83
C LEU B 140 -17.65 80.33 6.35
N LEU B 141 -17.89 79.10 6.82
CA LEU B 141 -17.76 78.77 8.23
C LEU B 141 -16.52 77.88 8.41
N ASN B 142 -15.65 78.25 9.35
CA ASN B 142 -14.41 77.50 9.56
C ASN B 142 -14.36 76.94 10.99
N ASN B 143 -14.15 75.60 11.10
CA ASN B 143 -13.43 74.97 12.22
C ASN B 143 -14.34 74.77 13.44
N PHE B 144 -15.60 74.36 13.21
CA PHE B 144 -16.62 74.36 14.26
C PHE B 144 -16.97 72.93 14.65
N TYR B 145 -17.53 72.79 15.86
CA TYR B 145 -18.12 71.53 16.30
C TYR B 145 -19.28 71.84 17.25
N PRO B 146 -20.49 71.27 17.02
CA PRO B 146 -20.71 70.23 16.03
C PRO B 146 -21.03 70.78 14.64
N ARG B 147 -21.69 69.97 13.78
CA ARG B 147 -21.93 70.34 12.39
C ARG B 147 -23.10 71.33 12.28
N GLU B 148 -24.20 71.08 13.03
CA GLU B 148 -25.45 71.85 12.87
C GLU B 148 -25.14 73.36 12.74
N ALA B 149 -25.68 73.99 11.69
CA ALA B 149 -25.81 75.45 11.62
C ALA B 149 -27.13 75.79 10.92
N LYS B 150 -27.64 77.01 11.19
CA LYS B 150 -28.67 77.62 10.35
C LYS B 150 -28.11 78.90 9.72
N VAL B 151 -28.05 78.91 8.39
CA VAL B 151 -27.48 80.01 7.63
C VAL B 151 -28.56 80.58 6.72
N GLN B 152 -28.94 81.85 6.97
CA GLN B 152 -29.95 82.56 6.19
C GLN B 152 -29.31 83.80 5.56
N TRP B 153 -29.65 84.09 4.28
CA TRP B 153 -29.16 85.25 3.57
C TRP B 153 -30.17 86.40 3.69
N LYS B 154 -29.66 87.63 3.77
CA LYS B 154 -30.48 88.82 3.85
C LYS B 154 -29.95 89.85 2.86
N VAL B 155 -30.82 90.32 1.94
CA VAL B 155 -30.40 91.22 0.86
C VAL B 155 -31.35 92.41 0.79
N ASP B 156 -30.89 93.56 1.29
CA ASP B 156 -31.74 94.70 1.54
C ASP B 156 -32.96 94.24 2.33
N ASN B 157 -32.71 93.42 3.36
CA ASN B 157 -33.75 92.96 4.27
C ASN B 157 -34.77 92.11 3.52
N ALA B 158 -34.30 91.36 2.52
CA ALA B 158 -35.07 90.26 1.95
C ALA B 158 -34.44 88.93 2.32
N LEU B 159 -35.14 88.14 3.18
CA LEU B 159 -34.74 86.78 3.48
C LEU B 159 -34.59 86.03 2.16
N GLN B 160 -33.50 85.26 2.03
CA GLN B 160 -33.28 84.45 0.86
C GLN B 160 -33.68 83.02 1.18
N SER B 161 -34.46 82.44 0.28
CA SER B 161 -34.62 81.01 0.20
C SER B 161 -34.97 80.65 -1.25
N GLY B 162 -34.56 79.46 -1.67
CA GLY B 162 -34.90 78.95 -2.99
C GLY B 162 -33.94 79.48 -4.06
N ASN B 163 -32.76 79.94 -3.62
CA ASN B 163 -31.75 80.46 -4.55
C ASN B 163 -30.33 80.14 -4.07
N SER B 164 -30.19 79.19 -3.11
CA SER B 164 -28.96 79.09 -2.32
C SER B 164 -28.73 77.64 -1.85
N GLN B 165 -27.45 77.22 -1.81
CA GLN B 165 -27.07 75.83 -1.60
C GLN B 165 -25.87 75.77 -0.64
N GLU B 166 -25.83 74.72 0.21
CA GLU B 166 -24.78 74.55 1.22
C GLU B 166 -23.97 73.27 0.95
N SER B 167 -22.90 73.10 1.74
CA SER B 167 -21.94 72.02 1.51
C SER B 167 -20.93 72.02 2.66
N VAL B 168 -20.79 70.86 3.32
CA VAL B 168 -19.97 70.75 4.52
C VAL B 168 -18.82 69.77 4.22
N THR B 169 -17.65 70.04 4.85
CA THR B 169 -16.54 69.11 4.80
C THR B 169 -16.76 68.02 5.84
N GLU B 170 -16.12 66.87 5.61
CA GLU B 170 -16.09 65.80 6.59
C GLU B 170 -15.12 66.16 7.71
N GLN B 171 -15.19 65.41 8.83
CA GLN B 171 -14.45 65.74 10.03
C GLN B 171 -12.95 65.61 9.74
N ASP B 172 -12.15 66.53 10.29
CA ASP B 172 -10.69 66.48 10.15
C ASP B 172 -10.14 65.38 11.06
N SER B 173 -8.89 64.95 10.82
CA SER B 173 -8.24 63.95 11.66
C SER B 173 -7.18 64.60 12.56
N LYS B 174 -7.11 65.95 12.56
CA LYS B 174 -6.17 66.67 13.41
C LYS B 174 -6.94 67.44 14.49
N ASP B 175 -7.59 68.55 14.12
CA ASP B 175 -8.32 69.36 15.09
C ASP B 175 -9.75 68.82 15.27
N SER B 176 -10.17 67.91 14.38
CA SER B 176 -11.40 67.15 14.55
C SER B 176 -12.64 68.05 14.42
N THR B 177 -12.65 68.94 13.41
CA THR B 177 -13.73 69.90 13.21
C THR B 177 -14.26 69.81 11.77
N TYR B 178 -15.24 70.67 11.43
CA TYR B 178 -15.79 70.74 10.07
C TYR B 178 -15.56 72.15 9.50
N SER B 179 -16.00 72.36 8.24
CA SER B 179 -16.22 73.69 7.69
C SER B 179 -17.44 73.66 6.76
N LEU B 180 -18.20 74.78 6.72
CA LEU B 180 -19.43 74.88 5.91
C LEU B 180 -19.27 75.97 4.85
N SER B 181 -20.06 75.87 3.77
CA SER B 181 -19.97 76.76 2.64
C SER B 181 -21.37 77.07 2.08
N SER B 182 -21.76 78.35 2.15
CA SER B 182 -23.07 78.80 1.67
C SER B 182 -22.91 79.59 0.37
N THR B 183 -23.79 79.36 -0.61
CA THR B 183 -23.66 79.99 -1.92
C THR B 183 -25.01 80.62 -2.31
N LEU B 184 -24.98 81.92 -2.62
CA LEU B 184 -26.16 82.66 -3.06
C LEU B 184 -25.97 83.11 -4.50
N THR B 185 -26.91 82.74 -5.38
CA THR B 185 -26.79 83.02 -6.80
C THR B 185 -27.86 84.04 -7.22
N LEU B 186 -27.41 85.25 -7.64
CA LEU B 186 -28.24 86.24 -8.32
C LEU B 186 -27.55 86.65 -9.63
N SER B 187 -28.32 87.17 -10.61
CA SER B 187 -27.76 87.65 -11.87
C SER B 187 -27.34 89.12 -11.75
N LYS B 188 -26.69 89.64 -12.80
CA LYS B 188 -26.09 90.96 -12.76
C LYS B 188 -27.15 91.99 -12.35
N ALA B 189 -28.40 91.76 -12.78
CA ALA B 189 -29.51 92.62 -12.41
C ALA B 189 -29.50 92.90 -10.91
N ASP B 190 -29.54 91.82 -10.10
CA ASP B 190 -29.84 91.92 -8.67
C ASP B 190 -28.56 91.83 -7.84
N TYR B 191 -27.40 91.70 -8.50
CA TYR B 191 -26.13 92.11 -7.91
C TYR B 191 -26.04 93.63 -7.98
N GLU B 192 -26.75 94.22 -8.95
CA GLU B 192 -26.69 95.65 -9.20
C GLU B 192 -27.81 96.35 -8.45
N LYS B 193 -29.01 95.73 -8.44
CA LYS B 193 -30.26 96.38 -8.04
C LYS B 193 -30.34 96.50 -6.50
N HIS B 194 -29.77 95.51 -5.81
CA HIS B 194 -29.62 95.56 -4.37
C HIS B 194 -28.14 95.87 -4.04
N LYS B 195 -27.83 96.14 -2.76
CA LYS B 195 -26.51 96.68 -2.42
C LYS B 195 -26.10 96.36 -0.97
N VAL B 196 -27.07 96.09 -0.08
CA VAL B 196 -26.77 95.51 1.23
C VAL B 196 -27.06 94.00 1.19
N TYR B 197 -25.99 93.18 1.09
CA TYR B 197 -26.10 91.74 1.23
C TYR B 197 -25.40 91.31 2.53
N ALA B 198 -26.10 90.52 3.36
CA ALA B 198 -25.56 90.05 4.65
C ALA B 198 -25.86 88.56 4.85
N CYS B 199 -24.81 87.77 5.19
CA CYS B 199 -24.95 86.34 5.51
C CYS B 199 -24.85 86.14 7.02
N GLU B 200 -25.79 85.34 7.57
CA GLU B 200 -25.96 85.23 9.02
C GLU B 200 -25.83 83.77 9.45
N VAL B 201 -25.14 83.53 10.57
CA VAL B 201 -24.89 82.18 11.05
C VAL B 201 -25.45 82.04 12.47
N THR B 202 -26.37 81.09 12.66
CA THR B 202 -26.89 80.74 13.97
C THR B 202 -26.34 79.36 14.37
N HIS B 203 -25.81 79.27 15.58
CA HIS B 203 -25.01 78.12 16.01
C HIS B 203 -25.14 77.99 17.53
N GLN B 204 -24.60 76.89 18.08
CA GLN B 204 -24.77 76.60 19.49
C GLN B 204 -23.57 77.13 20.29
N GLY B 205 -22.36 76.93 19.76
CA GLY B 205 -21.15 77.44 20.39
C GLY B 205 -21.08 78.98 20.37
N LEU B 206 -21.99 79.63 19.57
CA LEU B 206 -22.20 81.09 19.58
C LEU B 206 -23.34 81.45 20.55
N SER B 207 -23.34 82.71 21.06
CA SER B 207 -24.44 83.22 21.88
C SER B 207 -25.24 84.28 21.13
N SER B 208 -24.54 85.20 20.44
CA SER B 208 -25.18 86.11 19.51
C SER B 208 -25.07 85.55 18.08
N PRO B 209 -26.21 85.43 17.34
CA PRO B 209 -26.15 85.14 15.90
C PRO B 209 -25.27 86.12 15.13
N VAL B 210 -24.25 85.59 14.41
CA VAL B 210 -23.16 86.40 13.84
C VAL B 210 -23.48 86.68 12.36
N THR B 211 -23.56 87.99 12.01
CA THR B 211 -23.81 88.44 10.64
C THR B 211 -22.49 88.92 10.03
N LYS B 212 -22.36 88.80 8.70
CA LYS B 212 -21.35 89.55 7.95
C LYS B 212 -22.01 90.21 6.73
N SER B 213 -22.33 91.50 6.87
CA SER B 213 -22.91 92.28 5.79
C SER B 213 -21.83 92.79 4.85
N PHE B 214 -22.27 93.33 3.72
CA PHE B 214 -21.39 93.77 2.65
C PHE B 214 -22.18 94.74 1.76
N ASN B 215 -21.58 95.92 1.49
CA ASN B 215 -22.24 96.99 0.75
C ASN B 215 -21.47 97.24 -0.54
N ARG B 216 -22.15 97.04 -1.69
CA ARG B 216 -21.48 96.92 -2.98
C ARG B 216 -20.75 98.23 -3.29
N GLY B 217 -19.47 98.12 -3.71
CA GLY B 217 -18.48 99.16 -3.47
C GLY B 217 -18.04 99.18 -1.99
N ALA C 2 -68.40 -45.72 -25.76
CA ALA C 2 -67.14 -45.48 -25.02
C ALA C 2 -66.26 -44.50 -25.80
N ALA C 3 -66.10 -43.27 -25.25
CA ALA C 3 -65.35 -42.22 -25.96
C ALA C 3 -63.89 -42.21 -25.53
N LEU C 4 -63.03 -41.57 -26.33
CA LEU C 4 -61.59 -41.60 -26.10
C LEU C 4 -61.25 -40.77 -24.87
N GLY C 5 -60.55 -41.38 -23.91
CA GLY C 5 -60.19 -40.70 -22.68
C GLY C 5 -58.83 -41.17 -22.17
N VAL C 6 -58.23 -40.39 -21.28
CA VAL C 6 -56.92 -40.72 -20.73
C VAL C 6 -57.13 -41.56 -19.49
N GLN C 7 -56.45 -42.70 -19.41
CA GLN C 7 -56.43 -43.54 -18.22
C GLN C 7 -55.44 -42.94 -17.21
N SER C 8 -54.23 -42.68 -17.70
CA SER C 8 -53.12 -42.36 -16.83
C SER C 8 -51.95 -41.94 -17.69
N ILE C 9 -51.00 -41.24 -17.09
CA ILE C 9 -49.83 -40.77 -17.81
C ILE C 9 -48.58 -41.02 -16.99
N ASN C 10 -47.56 -41.59 -17.64
CA ASN C 10 -46.28 -41.79 -17.01
C ASN C 10 -45.28 -40.76 -17.54
N TRP C 11 -44.84 -39.87 -16.63
CA TRP C 11 -44.00 -38.72 -16.97
C TRP C 11 -42.53 -39.11 -17.12
N GLN C 12 -42.17 -40.34 -16.68
CA GLN C 12 -40.80 -40.85 -16.82
C GLN C 12 -39.83 -39.85 -16.20
N THR C 13 -40.17 -39.43 -14.98
CA THR C 13 -39.56 -38.29 -14.34
C THR C 13 -38.05 -38.50 -14.24
N ALA C 14 -37.63 -39.62 -13.67
CA ALA C 14 -36.23 -39.84 -13.38
C ALA C 14 -35.42 -39.75 -14.69
N PHE C 15 -35.95 -40.36 -15.76
CA PHE C 15 -35.30 -40.37 -17.06
C PHE C 15 -35.17 -38.94 -17.60
N ASN C 16 -36.28 -38.19 -17.65
CA ASN C 16 -36.26 -36.88 -18.26
C ASN C 16 -35.37 -35.91 -17.46
N ARG C 17 -35.43 -36.00 -16.11
CA ARG C 17 -34.64 -35.13 -15.25
C ARG C 17 -33.16 -35.34 -15.50
N GLN C 18 -32.76 -36.59 -15.74
CA GLN C 18 -31.37 -36.88 -16.03
C GLN C 18 -30.98 -36.22 -17.37
N ALA C 19 -31.81 -36.38 -18.40
CA ALA C 19 -31.50 -35.84 -19.73
C ALA C 19 -31.46 -34.31 -19.71
N HIS C 20 -32.26 -33.70 -18.83
CA HIS C 20 -32.43 -32.25 -18.75
C HIS C 20 -31.44 -31.65 -17.74
N HIS C 21 -30.67 -32.51 -17.08
CA HIS C 21 -29.64 -32.09 -16.12
C HIS C 21 -30.29 -31.37 -14.94
N THR C 22 -31.37 -31.94 -14.43
CA THR C 22 -32.05 -31.39 -13.27
C THR C 22 -32.20 -32.47 -12.23
N ASP C 23 -31.43 -33.54 -12.39
CA ASP C 23 -31.63 -34.75 -11.59
C ASP C 23 -31.11 -34.51 -10.15
N LYS C 24 -30.38 -33.42 -9.91
CA LYS C 24 -29.67 -33.23 -8.66
C LYS C 24 -30.53 -32.55 -7.58
N PHE C 25 -31.61 -31.86 -7.99
CA PHE C 25 -32.49 -31.19 -7.03
C PHE C 25 -33.17 -32.24 -6.15
N SER C 26 -33.22 -31.97 -4.84
CA SER C 26 -34.06 -32.71 -3.92
C SER C 26 -35.51 -32.27 -4.08
N SER C 27 -36.27 -33.00 -4.89
CA SER C 27 -37.65 -32.64 -5.20
C SER C 27 -38.31 -33.81 -5.89
N GLN C 28 -39.62 -33.96 -5.68
CA GLN C 28 -40.39 -35.02 -6.30
C GLN C 28 -40.87 -34.58 -7.70
N GLU C 29 -40.79 -33.26 -7.98
CA GLU C 29 -41.47 -32.69 -9.14
C GLU C 29 -40.72 -33.04 -10.42
N LEU C 30 -41.43 -32.89 -11.53
CA LEU C 30 -40.83 -32.95 -12.87
C LEU C 30 -40.22 -31.58 -13.18
N ILE C 31 -38.89 -31.56 -13.23
CA ILE C 31 -38.13 -30.34 -13.50
C ILE C 31 -37.43 -30.51 -14.86
N LEU C 32 -37.55 -29.48 -15.71
CA LEU C 32 -37.21 -29.60 -17.12
C LEU C 32 -36.49 -28.34 -17.54
N ARG C 33 -35.81 -28.40 -18.69
CA ARG C 33 -35.21 -27.22 -19.28
C ARG C 33 -35.81 -26.99 -20.66
N ARG C 34 -35.91 -25.71 -21.02
CA ARG C 34 -36.65 -25.30 -22.20
C ARG C 34 -35.86 -25.65 -23.44
N GLY C 35 -36.58 -25.83 -24.56
CA GLY C 35 -35.95 -26.00 -25.87
C GLY C 35 -35.55 -27.45 -26.12
N GLN C 36 -35.92 -28.32 -25.19
CA GLN C 36 -35.45 -29.69 -25.18
C GLN C 36 -36.66 -30.59 -24.96
N ASN C 37 -36.78 -31.62 -25.80
CA ASN C 37 -37.94 -32.50 -25.74
C ASN C 37 -37.85 -33.35 -24.48
N PHE C 38 -39.04 -33.80 -24.01
CA PHE C 38 -39.13 -34.85 -23.01
C PHE C 38 -40.19 -35.83 -23.48
N GLN C 39 -40.16 -37.04 -22.89
CA GLN C 39 -40.98 -38.13 -23.38
C GLN C 39 -41.90 -38.62 -22.29
N VAL C 40 -43.16 -38.83 -22.64
CA VAL C 40 -44.14 -39.35 -21.71
C VAL C 40 -44.90 -40.49 -22.38
N LEU C 41 -45.44 -41.38 -21.53
CA LEU C 41 -46.27 -42.50 -21.96
C LEU C 41 -47.70 -42.23 -21.56
N MET C 42 -48.59 -42.17 -22.52
CA MET C 42 -49.97 -41.84 -22.23
C MET C 42 -50.84 -43.05 -22.49
N ILE C 43 -51.47 -43.57 -21.42
CA ILE C 43 -52.28 -44.78 -21.49
C ILE C 43 -53.73 -44.39 -21.66
N MET C 44 -54.28 -44.61 -22.85
CA MET C 44 -55.65 -44.23 -23.14
C MET C 44 -56.59 -45.40 -22.80
N ASN C 45 -57.89 -45.17 -22.97
CA ASN C 45 -58.88 -46.21 -22.78
C ASN C 45 -59.01 -47.03 -24.07
N LYS C 46 -58.47 -46.54 -25.21
CA LYS C 46 -58.51 -47.33 -26.45
C LYS C 46 -57.45 -46.88 -27.47
N GLY C 47 -57.53 -47.47 -28.68
CA GLY C 47 -56.79 -47.03 -29.83
C GLY C 47 -57.33 -45.70 -30.35
N LEU C 48 -56.44 -44.93 -30.96
CA LEU C 48 -56.76 -43.64 -31.53
C LEU C 48 -57.42 -43.83 -32.89
N GLY C 49 -58.68 -43.39 -33.02
CA GLY C 49 -59.42 -43.56 -34.25
C GLY C 49 -59.19 -42.39 -35.22
N SER C 50 -59.73 -42.52 -36.42
CA SER C 50 -59.89 -41.39 -37.30
C SER C 50 -61.07 -40.54 -36.80
N ASN C 51 -61.01 -39.25 -37.13
CA ASN C 51 -61.99 -38.26 -36.67
C ASN C 51 -61.85 -38.00 -35.17
N GLU C 52 -60.73 -38.42 -34.60
CA GLU C 52 -60.43 -38.06 -33.21
C GLU C 52 -59.17 -37.22 -33.18
N ARG C 53 -59.09 -36.31 -32.21
CA ARG C 53 -57.98 -35.39 -32.13
C ARG C 53 -57.58 -35.17 -30.65
N LEU C 54 -56.25 -35.11 -30.39
CA LEU C 54 -55.73 -34.73 -29.07
C LEU C 54 -55.08 -33.36 -29.18
N GLU C 55 -55.37 -32.47 -28.21
CA GLU C 55 -54.75 -31.16 -28.14
C GLU C 55 -54.13 -30.96 -26.76
N PHE C 56 -52.87 -30.54 -26.73
CA PHE C 56 -52.19 -30.23 -25.48
C PHE C 56 -52.36 -28.75 -25.16
N ILE C 57 -52.42 -28.44 -23.86
CA ILE C 57 -52.49 -27.06 -23.43
C ILE C 57 -51.56 -26.85 -22.23
N VAL C 58 -50.68 -25.86 -22.35
CA VAL C 58 -49.75 -25.53 -21.31
C VAL C 58 -49.92 -24.06 -20.98
N SER C 59 -49.91 -23.75 -19.68
CA SER C 59 -50.03 -22.39 -19.21
C SER C 59 -49.15 -22.19 -17.99
N THR C 60 -48.64 -20.95 -17.84
CA THR C 60 -47.86 -20.53 -16.70
C THR C 60 -48.37 -19.16 -16.28
N GLY C 61 -48.47 -18.96 -14.98
CA GLY C 61 -48.81 -17.67 -14.45
C GLY C 61 -50.32 -17.46 -14.44
N PRO C 62 -50.79 -16.38 -13.81
CA PRO C 62 -52.17 -16.26 -13.44
C PRO C 62 -53.09 -15.70 -14.54
N TYR C 63 -52.50 -15.08 -15.58
CA TYR C 63 -53.32 -14.52 -16.66
C TYR C 63 -52.77 -14.96 -18.02
N PRO C 64 -52.68 -16.29 -18.27
CA PRO C 64 -51.91 -16.78 -19.40
C PRO C 64 -52.62 -16.58 -20.72
N SER C 65 -51.84 -16.34 -21.78
CA SER C 65 -52.38 -16.02 -23.08
C SER C 65 -51.42 -16.45 -24.19
N GLU C 66 -51.99 -16.85 -25.32
CA GLU C 66 -51.23 -17.25 -26.49
C GLU C 66 -50.32 -16.12 -26.98
N SER C 67 -50.82 -14.89 -26.99
CA SER C 67 -50.10 -13.78 -27.59
C SER C 67 -48.81 -13.52 -26.81
N ALA C 68 -48.88 -13.68 -25.47
CA ALA C 68 -47.78 -13.37 -24.56
C ALA C 68 -46.86 -14.57 -24.39
N MET C 69 -47.25 -15.69 -24.99
CA MET C 69 -46.44 -16.91 -25.05
C MET C 69 -46.49 -17.62 -23.72
N THR C 70 -47.54 -17.34 -22.92
CA THR C 70 -47.65 -17.88 -21.57
C THR C 70 -48.76 -18.94 -21.54
N LYS C 71 -49.46 -19.11 -22.69
CA LYS C 71 -50.29 -20.28 -22.94
C LYS C 71 -50.01 -20.80 -24.35
N ALA C 72 -50.01 -22.14 -24.52
CA ALA C 72 -49.84 -22.72 -25.84
C ALA C 72 -50.80 -23.90 -26.04
N VAL C 73 -51.32 -24.02 -27.28
CA VAL C 73 -52.24 -25.07 -27.66
C VAL C 73 -51.68 -25.80 -28.87
N PHE C 74 -51.49 -27.11 -28.76
CA PHE C 74 -50.79 -27.81 -29.82
C PHE C 74 -51.29 -29.24 -29.96
N PRO C 75 -51.57 -29.67 -31.23
CA PRO C 75 -52.08 -31.00 -31.50
C PRO C 75 -51.01 -32.07 -31.42
N LEU C 76 -51.43 -33.27 -31.02
CA LEU C 76 -50.67 -34.48 -31.30
C LEU C 76 -50.49 -34.56 -32.80
N SER C 77 -49.25 -34.77 -33.24
CA SER C 77 -48.97 -34.78 -34.66
C SER C 77 -47.70 -35.57 -34.93
N ASN C 78 -47.22 -35.50 -36.17
CA ASN C 78 -45.99 -36.16 -36.55
C ASN C 78 -44.93 -35.12 -36.87
N GLY C 79 -45.35 -33.96 -37.37
CA GLY C 79 -44.40 -32.93 -37.77
C GLY C 79 -44.07 -32.03 -36.59
N SER C 80 -42.76 -31.78 -36.36
CA SER C 80 -42.33 -30.76 -35.43
C SER C 80 -42.55 -29.37 -36.06
N SER C 81 -43.59 -28.66 -35.59
CA SER C 81 -43.94 -27.33 -36.09
C SER C 81 -42.87 -26.31 -35.72
N GLY C 82 -42.33 -26.39 -34.50
CA GLY C 82 -41.23 -25.53 -34.09
C GLY C 82 -41.48 -24.86 -32.74
N GLY C 83 -42.77 -24.67 -32.36
CA GLY C 83 -43.13 -23.94 -31.14
C GLY C 83 -43.13 -24.85 -29.90
N TRP C 84 -44.25 -24.91 -29.20
CA TRP C 84 -44.58 -26.09 -28.40
C TRP C 84 -45.03 -27.19 -29.36
N SER C 85 -44.54 -28.43 -29.20
CA SER C 85 -44.89 -29.52 -30.12
C SER C 85 -45.10 -30.81 -29.36
N ALA C 86 -45.92 -31.69 -29.95
CA ALA C 86 -46.11 -33.04 -29.43
C ALA C 86 -46.12 -34.03 -30.60
N VAL C 87 -45.16 -34.99 -30.58
CA VAL C 87 -45.00 -35.91 -31.69
C VAL C 87 -45.32 -37.30 -31.20
N LEU C 88 -46.12 -38.04 -31.99
CA LEU C 88 -46.48 -39.41 -31.65
C LEU C 88 -45.38 -40.33 -32.16
N GLN C 89 -44.63 -40.94 -31.23
CA GLN C 89 -43.45 -41.71 -31.57
C GLN C 89 -43.80 -43.19 -31.79
N ALA C 90 -44.77 -43.69 -31.03
CA ALA C 90 -45.15 -45.09 -31.14
C ALA C 90 -46.49 -45.28 -30.47
N SER C 91 -47.28 -46.22 -30.98
CA SER C 91 -48.46 -46.69 -30.28
C SER C 91 -48.36 -48.18 -30.03
N ASN C 92 -48.74 -48.59 -28.83
CA ASN C 92 -48.66 -49.98 -28.41
C ASN C 92 -49.95 -50.34 -27.68
N GLY C 93 -50.93 -50.83 -28.45
CA GLY C 93 -52.28 -51.01 -27.96
C GLY C 93 -52.93 -49.68 -27.62
N ASN C 94 -53.09 -49.42 -26.33
CA ASN C 94 -53.77 -48.23 -25.88
C ASN C 94 -52.74 -47.16 -25.53
N THR C 95 -51.47 -47.58 -25.39
CA THR C 95 -50.41 -46.73 -24.85
C THR C 95 -49.73 -45.94 -25.98
N LEU C 96 -49.65 -44.62 -25.82
CA LEU C 96 -48.97 -43.76 -26.76
C LEU C 96 -47.65 -43.29 -26.16
N THR C 97 -46.58 -43.36 -26.95
CA THR C 97 -45.30 -42.78 -26.59
C THR C 97 -45.18 -41.41 -27.25
N ILE C 98 -45.10 -40.35 -26.43
CA ILE C 98 -45.21 -39.00 -26.96
C ILE C 98 -43.99 -38.16 -26.54
N SER C 99 -43.43 -37.42 -27.52
CA SER C 99 -42.30 -36.54 -27.30
C SER C 99 -42.75 -35.09 -27.40
N ILE C 100 -42.69 -34.39 -26.26
CA ILE C 100 -43.14 -33.01 -26.17
C ILE C 100 -41.92 -32.11 -26.13
N SER C 101 -41.98 -31.02 -26.91
CA SER C 101 -40.92 -30.04 -26.99
C SER C 101 -41.44 -28.64 -26.62
N SER C 102 -40.61 -27.88 -25.89
CA SER C 102 -40.89 -26.50 -25.56
C SER C 102 -40.02 -25.61 -26.44
N PRO C 103 -40.44 -24.39 -26.77
CA PRO C 103 -39.56 -23.44 -27.44
C PRO C 103 -38.40 -23.01 -26.55
N ALA C 104 -37.28 -22.64 -27.18
CA ALA C 104 -36.10 -22.20 -26.43
C ALA C 104 -36.30 -20.78 -25.89
N SER C 105 -37.45 -20.19 -26.24
CA SER C 105 -37.77 -18.83 -25.87
C SER C 105 -38.94 -18.81 -24.88
N ALA C 106 -39.26 -19.99 -24.33
CA ALA C 106 -40.38 -20.13 -23.42
C ALA C 106 -40.08 -19.42 -22.10
N PRO C 107 -41.07 -18.72 -21.49
CA PRO C 107 -40.95 -18.23 -20.11
C PRO C 107 -40.61 -19.32 -19.11
N ILE C 108 -39.65 -19.09 -18.22
CA ILE C 108 -39.38 -20.07 -17.18
C ILE C 108 -40.47 -19.95 -16.11
N GLY C 109 -40.71 -21.04 -15.42
CA GLY C 109 -41.56 -21.05 -14.25
C GLY C 109 -42.26 -22.40 -14.07
N ARG C 110 -43.34 -22.38 -13.28
CA ARG C 110 -44.25 -23.51 -13.15
C ARG C 110 -45.30 -23.45 -14.26
N TYR C 111 -45.57 -24.62 -14.83
CA TYR C 111 -46.57 -24.74 -15.88
C TYR C 111 -47.58 -25.80 -15.49
N THR C 112 -48.78 -25.68 -16.05
CA THR C 112 -49.81 -26.69 -15.93
C THR C 112 -50.01 -27.28 -17.31
N MET C 113 -50.26 -28.58 -17.37
CA MET C 113 -50.48 -29.23 -18.64
C MET C 113 -51.79 -29.99 -18.60
N ALA C 114 -52.59 -29.78 -19.66
CA ALA C 114 -53.92 -30.30 -19.78
C ALA C 114 -54.10 -30.87 -21.18
N LEU C 115 -55.02 -31.83 -21.33
CA LEU C 115 -55.28 -32.45 -22.61
C LEU C 115 -56.76 -32.33 -22.96
N GLN C 116 -57.00 -31.94 -24.20
CA GLN C 116 -58.33 -31.72 -24.71
C GLN C 116 -58.56 -32.72 -25.84
N ILE C 117 -59.63 -33.53 -25.72
CA ILE C 117 -59.90 -34.62 -26.64
C ILE C 117 -61.18 -34.33 -27.41
N PHE C 118 -61.13 -34.51 -28.73
CA PHE C 118 -62.31 -34.35 -29.58
C PHE C 118 -62.67 -35.71 -30.15
N SER C 119 -63.85 -36.22 -29.80
CA SER C 119 -64.31 -37.54 -30.29
C SER C 119 -65.83 -37.65 -30.12
N GLN C 120 -66.48 -38.33 -31.08
CA GLN C 120 -67.92 -38.55 -31.04
C GLN C 120 -68.65 -37.20 -30.88
N GLY C 121 -68.18 -36.18 -31.59
CA GLY C 121 -68.81 -34.88 -31.55
C GLY C 121 -68.67 -34.17 -30.20
N GLY C 122 -68.06 -34.87 -29.19
CA GLY C 122 -67.92 -34.33 -27.83
C GLY C 122 -66.48 -33.88 -27.54
N ILE C 123 -66.32 -33.01 -26.54
CA ILE C 123 -65.01 -32.47 -26.20
C ILE C 123 -64.80 -32.67 -24.71
N SER C 124 -63.65 -33.26 -24.34
CA SER C 124 -63.28 -33.41 -22.95
C SER C 124 -61.97 -32.67 -22.70
N SER C 125 -61.78 -32.21 -21.46
CA SER C 125 -60.57 -31.55 -21.05
C SER C 125 -60.19 -32.02 -19.65
N VAL C 126 -58.94 -32.44 -19.46
CA VAL C 126 -58.49 -32.96 -18.17
C VAL C 126 -57.07 -32.48 -17.92
N LYS C 127 -56.76 -32.20 -16.65
CA LYS C 127 -55.43 -31.78 -16.23
C LYS C 127 -54.55 -33.01 -16.07
N LEU C 128 -53.40 -33.00 -16.76
CA LEU C 128 -52.44 -34.10 -16.71
C LEU C 128 -51.45 -33.90 -15.57
N GLY C 129 -51.09 -32.62 -15.29
CA GLY C 129 -50.13 -32.35 -14.23
C GLY C 129 -49.39 -31.04 -14.43
N THR C 130 -48.25 -30.91 -13.70
CA THR C 130 -47.48 -29.67 -13.62
C THR C 130 -46.01 -29.98 -13.78
N PHE C 131 -45.25 -28.97 -14.20
CA PHE C 131 -43.81 -29.10 -14.26
C PHE C 131 -43.18 -27.74 -14.08
N ILE C 132 -41.88 -27.78 -13.79
CA ILE C 132 -41.06 -26.60 -13.73
C ILE C 132 -40.20 -26.57 -14.96
N LEU C 133 -40.07 -25.37 -15.55
CA LEU C 133 -39.28 -25.17 -16.74
C LEU C 133 -38.22 -24.13 -16.44
N LEU C 134 -36.95 -24.49 -16.66
CA LEU C 134 -35.83 -23.61 -16.33
C LEU C 134 -35.12 -23.19 -17.60
N PHE C 135 -34.16 -22.27 -17.43
CA PHE C 135 -33.23 -21.92 -18.47
C PHE C 135 -32.34 -23.11 -18.80
N ASN C 136 -31.84 -23.17 -20.04
CA ASN C 136 -31.13 -24.33 -20.54
C ASN C 136 -29.74 -23.94 -21.05
N PRO C 137 -28.71 -23.96 -20.18
CA PRO C 137 -27.36 -23.61 -20.59
C PRO C 137 -26.64 -24.68 -21.41
N TRP C 138 -27.26 -25.86 -21.58
CA TRP C 138 -26.71 -26.91 -22.43
C TRP C 138 -27.16 -26.74 -23.89
N LEU C 139 -28.03 -25.77 -24.16
CA LEU C 139 -28.73 -25.72 -25.44
C LEU C 139 -28.20 -24.54 -26.23
N ASN C 140 -27.63 -24.85 -27.38
CA ASN C 140 -26.81 -23.90 -28.11
C ASN C 140 -27.65 -22.66 -28.51
N VAL C 141 -28.98 -22.82 -28.63
CA VAL C 141 -29.83 -21.71 -29.07
C VAL C 141 -30.39 -20.90 -27.86
N ASP C 142 -30.34 -21.44 -26.64
CA ASP C 142 -30.79 -20.67 -25.47
C ASP C 142 -29.84 -19.49 -25.30
N SER C 143 -30.36 -18.36 -24.80
CA SER C 143 -29.55 -17.18 -24.56
C SER C 143 -28.50 -17.42 -23.47
N VAL C 144 -28.71 -18.44 -22.61
CA VAL C 144 -27.79 -18.66 -21.50
C VAL C 144 -26.78 -19.75 -21.86
N PHE C 145 -26.62 -20.03 -23.16
CA PHE C 145 -25.76 -21.13 -23.60
C PHE C 145 -24.34 -20.92 -23.06
N MET C 146 -23.79 -21.98 -22.44
CA MET C 146 -22.39 -22.02 -22.04
C MET C 146 -21.81 -23.34 -22.54
N GLY C 147 -21.00 -23.26 -23.61
CA GLY C 147 -20.58 -24.43 -24.37
C GLY C 147 -19.60 -25.32 -23.60
N ASN C 148 -18.69 -24.69 -22.85
CA ASN C 148 -17.64 -25.44 -22.17
C ASN C 148 -18.23 -26.22 -20.99
N HIS C 149 -17.91 -27.53 -20.90
CA HIS C 149 -18.56 -28.45 -19.96
C HIS C 149 -18.06 -28.22 -18.53
N ALA C 150 -16.74 -28.05 -18.36
CA ALA C 150 -16.18 -27.87 -17.02
C ALA C 150 -16.71 -26.56 -16.42
N GLU C 151 -16.83 -25.52 -17.27
CA GLU C 151 -17.27 -24.21 -16.82
C GLU C 151 -18.74 -24.29 -16.40
N ARG C 152 -19.51 -25.09 -17.14
CA ARG C 152 -20.92 -25.29 -16.89
C ARG C 152 -21.12 -25.99 -15.55
N GLU C 153 -20.29 -27.00 -15.26
CA GLU C 153 -20.40 -27.74 -14.00
C GLU C 153 -20.12 -26.81 -12.82
N GLU C 154 -19.21 -25.85 -13.01
CA GLU C 154 -18.85 -24.93 -11.94
C GLU C 154 -20.00 -23.96 -11.71
N TYR C 155 -20.47 -23.35 -12.80
CA TYR C 155 -21.20 -22.09 -12.74
C TYR C 155 -22.71 -22.35 -12.63
N VAL C 156 -23.10 -23.63 -12.80
CA VAL C 156 -24.49 -24.06 -12.77
C VAL C 156 -24.65 -25.09 -11.66
N GLN C 157 -23.84 -26.17 -11.73
CA GLN C 157 -24.13 -27.41 -10.99
C GLN C 157 -23.38 -27.45 -9.64
N GLU C 158 -22.48 -26.49 -9.39
CA GLU C 158 -21.68 -26.51 -8.17
C GLU C 158 -22.43 -25.77 -7.05
N ASP C 159 -22.69 -26.47 -5.94
CA ASP C 159 -23.54 -25.95 -4.89
C ASP C 159 -22.71 -25.44 -3.71
N ALA C 160 -21.37 -25.47 -3.86
CA ALA C 160 -20.49 -24.95 -2.83
C ALA C 160 -19.38 -24.12 -3.46
N GLY C 161 -19.00 -23.04 -2.77
CA GLY C 161 -18.13 -22.04 -3.35
C GLY C 161 -17.27 -21.34 -2.30
N ILE C 162 -16.64 -20.27 -2.75
CA ILE C 162 -15.58 -19.60 -2.03
C ILE C 162 -15.68 -18.12 -2.36
N ILE C 163 -15.77 -17.28 -1.32
CA ILE C 163 -15.86 -15.84 -1.52
C ILE C 163 -14.59 -15.23 -0.95
N PHE C 164 -13.95 -14.33 -1.72
CA PHE C 164 -12.75 -13.68 -1.25
C PHE C 164 -13.13 -12.40 -0.53
N VAL C 165 -12.33 -12.06 0.53
CA VAL C 165 -12.68 -11.01 1.47
C VAL C 165 -11.40 -10.38 2.04
N GLY C 166 -11.57 -9.29 2.81
CA GLY C 166 -10.47 -8.64 3.50
C GLY C 166 -10.10 -7.30 2.85
N SER C 167 -8.80 -7.10 2.64
CA SER C 167 -8.31 -5.91 1.97
C SER C 167 -7.13 -6.24 1.05
N THR C 168 -6.70 -5.24 0.27
CA THR C 168 -5.60 -5.37 -0.69
C THR C 168 -4.36 -5.99 -0.04
N ASN C 169 -4.09 -5.62 1.22
CA ASN C 169 -2.88 -6.06 1.91
C ASN C 169 -2.98 -7.55 2.26
N ARG C 170 -4.17 -7.98 2.67
CA ARG C 170 -4.36 -9.36 3.07
C ARG C 170 -5.71 -9.83 2.60
N ILE C 171 -5.67 -10.52 1.50
CA ILE C 171 -6.80 -11.24 1.00
C ILE C 171 -7.02 -12.56 1.76
N GLY C 172 -8.27 -12.80 2.20
CA GLY C 172 -8.68 -14.08 2.76
C GLY C 172 -9.87 -14.67 1.98
N MET C 173 -10.49 -15.72 2.54
CA MET C 173 -11.60 -16.37 1.87
C MET C 173 -12.55 -16.98 2.89
N ILE C 174 -13.83 -17.16 2.49
CA ILE C 174 -14.78 -17.87 3.31
C ILE C 174 -15.53 -18.88 2.45
N GLY C 175 -15.85 -20.02 3.08
CA GLY C 175 -16.72 -21.01 2.50
C GLY C 175 -18.18 -20.53 2.46
N TRP C 176 -18.87 -20.90 1.39
CA TRP C 176 -20.26 -20.56 1.26
C TRP C 176 -21.00 -21.70 0.59
N ASN C 177 -22.05 -22.17 1.26
CA ASN C 177 -22.92 -23.21 0.73
C ASN C 177 -24.09 -22.54 -0.02
N PHE C 178 -24.03 -22.59 -1.35
CA PHE C 178 -25.09 -22.07 -2.18
C PHE C 178 -26.36 -22.90 -1.99
N GLY C 179 -26.20 -24.23 -2.04
CA GLY C 179 -27.22 -25.16 -1.59
C GLY C 179 -28.47 -25.17 -2.50
N GLN C 180 -28.28 -24.91 -3.80
CA GLN C 180 -29.42 -24.79 -4.70
C GLN C 180 -30.23 -26.10 -4.77
N PHE C 181 -29.60 -27.23 -4.42
CA PHE C 181 -30.22 -28.54 -4.62
C PHE C 181 -30.98 -28.99 -3.38
N GLU C 182 -30.84 -28.27 -2.26
CA GLU C 182 -31.46 -28.69 -1.02
C GLU C 182 -32.96 -28.45 -1.08
N GLU C 183 -33.70 -29.17 -0.22
CA GLU C 183 -35.15 -29.24 -0.30
C GLU C 183 -35.76 -27.84 -0.20
N ASP C 184 -36.70 -27.54 -1.13
CA ASP C 184 -37.56 -26.35 -1.07
C ASP C 184 -36.89 -25.15 -1.77
N ILE C 185 -35.58 -25.25 -2.08
CA ILE C 185 -34.83 -24.06 -2.42
C ILE C 185 -35.17 -23.64 -3.84
N LEU C 186 -35.20 -24.58 -4.79
CA LEU C 186 -35.64 -24.22 -6.13
C LEU C 186 -37.01 -23.58 -6.01
N SER C 187 -37.90 -24.22 -5.25
CA SER C 187 -39.24 -23.70 -5.12
C SER C 187 -39.24 -22.26 -4.57
N ILE C 188 -38.44 -22.00 -3.52
CA ILE C 188 -38.43 -20.68 -2.89
C ILE C 188 -37.94 -19.63 -3.90
N CYS C 189 -36.91 -19.98 -4.70
CA CYS C 189 -36.31 -19.04 -5.63
C CYS C 189 -37.32 -18.65 -6.71
N LEU C 190 -38.19 -19.60 -7.07
CA LEU C 190 -39.29 -19.32 -7.99
C LEU C 190 -40.28 -18.38 -7.34
N SER C 191 -40.62 -18.65 -6.06
CA SER C 191 -41.46 -17.75 -5.25
C SER C 191 -41.05 -16.31 -5.47
N ILE C 192 -39.74 -16.09 -5.46
CA ILE C 192 -39.24 -14.74 -5.43
C ILE C 192 -39.84 -13.95 -6.60
N LEU C 193 -39.87 -14.56 -7.78
CA LEU C 193 -40.26 -13.86 -9.00
C LEU C 193 -41.71 -13.42 -8.92
N ASP C 194 -42.53 -14.18 -8.16
CA ASP C 194 -43.96 -13.94 -8.01
C ASP C 194 -44.26 -12.93 -6.90
N ARG C 195 -43.21 -12.29 -6.36
CA ARG C 195 -43.41 -11.34 -5.27
C ARG C 195 -42.73 -10.01 -5.58
N SER C 196 -42.17 -9.86 -6.80
CA SER C 196 -41.51 -8.62 -7.23
C SER C 196 -42.54 -7.52 -7.36
N LEU C 197 -42.07 -6.27 -7.40
CA LEU C 197 -42.92 -5.12 -7.79
C LEU C 197 -43.45 -5.33 -9.20
N ASN C 198 -42.53 -5.64 -10.11
CA ASN C 198 -42.85 -5.92 -11.49
C ASN C 198 -44.11 -6.78 -11.58
N PHE C 199 -44.21 -7.80 -10.71
CA PHE C 199 -45.27 -8.79 -10.79
C PHE C 199 -46.53 -8.25 -10.12
N ARG C 200 -46.34 -7.49 -9.02
CA ARG C 200 -47.46 -6.95 -8.27
C ARG C 200 -48.20 -5.91 -9.11
N ARG C 201 -47.49 -5.27 -10.03
CA ARG C 201 -48.05 -4.18 -10.81
C ARG C 201 -48.56 -4.65 -12.16
N ASP C 202 -48.01 -5.75 -12.70
CA ASP C 202 -48.56 -6.33 -13.93
C ASP C 202 -48.06 -7.77 -14.09
N ALA C 203 -48.79 -8.70 -13.47
CA ALA C 203 -48.38 -10.09 -13.43
C ALA C 203 -48.29 -10.67 -14.84
N ALA C 204 -49.29 -10.37 -15.68
CA ALA C 204 -49.36 -11.02 -16.99
C ALA C 204 -48.10 -10.72 -17.79
N THR C 205 -47.65 -9.47 -17.70
CA THR C 205 -46.50 -9.00 -18.46
C THR C 205 -45.22 -9.48 -17.79
N ASP C 206 -45.17 -9.47 -16.44
CA ASP C 206 -43.99 -9.97 -15.73
C ASP C 206 -43.70 -11.39 -16.19
N VAL C 207 -44.74 -12.23 -16.24
CA VAL C 207 -44.54 -13.66 -16.46
C VAL C 207 -44.08 -13.88 -17.90
N ALA C 208 -44.62 -13.08 -18.83
CA ALA C 208 -44.18 -13.14 -20.22
C ALA C 208 -42.70 -12.79 -20.34
N SER C 209 -42.21 -11.92 -19.43
CA SER C 209 -40.85 -11.43 -19.52
C SER C 209 -39.86 -12.43 -18.92
N ARG C 210 -40.37 -13.52 -18.35
CA ARG C 210 -39.53 -14.48 -17.65
C ARG C 210 -38.80 -15.39 -18.64
N ASN C 211 -39.04 -15.20 -19.94
CA ASN C 211 -38.26 -15.87 -20.98
C ASN C 211 -36.87 -15.22 -21.12
N ASP C 212 -36.67 -14.08 -20.48
CA ASP C 212 -35.51 -13.26 -20.75
C ASP C 212 -34.62 -13.17 -19.51
N PRO C 213 -33.35 -13.64 -19.58
CA PRO C 213 -32.46 -13.66 -18.41
C PRO C 213 -31.98 -12.28 -17.99
N LYS C 214 -32.05 -11.31 -18.91
CA LYS C 214 -31.81 -9.91 -18.55
C LYS C 214 -32.84 -9.48 -17.52
N TYR C 215 -34.08 -9.90 -17.75
CA TYR C 215 -35.21 -9.48 -16.93
C TYR C 215 -35.18 -10.21 -15.60
N VAL C 216 -35.20 -11.55 -15.67
CA VAL C 216 -35.14 -12.36 -14.48
C VAL C 216 -33.94 -11.91 -13.62
N GLY C 217 -32.80 -11.68 -14.27
CA GLY C 217 -31.58 -11.32 -13.55
C GLY C 217 -31.73 -10.02 -12.76
N ARG C 218 -32.34 -9.02 -13.39
CA ARG C 218 -32.44 -7.70 -12.78
C ARG C 218 -33.48 -7.72 -11.66
N VAL C 219 -34.56 -8.49 -11.85
CA VAL C 219 -35.61 -8.60 -10.84
C VAL C 219 -35.00 -9.22 -9.58
N LEU C 220 -34.12 -10.19 -9.77
CA LEU C 220 -33.49 -10.85 -8.63
C LEU C 220 -32.60 -9.86 -7.90
N SER C 221 -31.93 -8.95 -8.65
CA SER C 221 -31.03 -7.97 -8.05
C SER C 221 -31.80 -7.03 -7.14
N ALA C 222 -33.11 -6.89 -7.42
CA ALA C 222 -34.00 -6.11 -6.55
C ALA C 222 -34.44 -6.97 -5.36
N MET C 223 -34.89 -8.19 -5.63
CA MET C 223 -35.72 -8.90 -4.68
C MET C 223 -34.89 -9.59 -3.59
N ILE C 224 -33.57 -9.59 -3.73
CA ILE C 224 -32.73 -10.29 -2.77
C ILE C 224 -32.46 -9.35 -1.61
N ASN C 225 -32.69 -8.05 -1.82
CA ASN C 225 -32.65 -7.10 -0.72
C ASN C 225 -34.08 -6.71 -0.32
N SER C 226 -34.23 -6.39 0.99
CA SER C 226 -35.49 -6.00 1.62
C SER C 226 -36.04 -4.68 1.03
N ASN C 227 -35.15 -3.76 0.66
CA ASN C 227 -35.56 -2.42 0.23
C ASN C 227 -36.68 -2.51 -0.82
N ASP C 228 -37.75 -1.73 -0.60
CA ASP C 228 -38.70 -1.39 -1.64
C ASP C 228 -39.78 -2.48 -1.80
N ASP C 229 -39.54 -3.73 -1.31
CA ASP C 229 -40.29 -4.87 -1.85
C ASP C 229 -40.42 -6.03 -0.84
N ASN C 230 -39.84 -5.88 0.34
CA ASN C 230 -39.83 -6.95 1.36
C ASN C 230 -39.11 -8.18 0.82
N GLY C 231 -38.03 -7.95 0.08
CA GLY C 231 -37.17 -9.02 -0.40
C GLY C 231 -36.40 -9.66 0.75
N VAL C 232 -35.42 -10.48 0.40
CA VAL C 232 -35.02 -11.55 1.28
C VAL C 232 -34.23 -11.00 2.47
N LEU C 233 -33.28 -10.10 2.19
CA LEU C 233 -32.24 -9.78 3.16
C LEU C 233 -32.26 -8.30 3.48
N ALA C 234 -32.09 -8.00 4.77
CA ALA C 234 -31.96 -6.62 5.22
C ALA C 234 -30.52 -6.37 5.65
N GLY C 235 -29.94 -5.35 5.05
CA GLY C 235 -28.54 -5.02 5.28
C GLY C 235 -28.38 -4.27 6.59
N ASN C 236 -27.24 -4.47 7.25
CA ASN C 236 -26.88 -3.75 8.45
C ASN C 236 -25.36 -3.67 8.53
N TRP C 237 -24.83 -2.43 8.50
CA TRP C 237 -23.40 -2.21 8.64
C TRP C 237 -23.10 -1.44 9.93
N SER C 238 -24.10 -1.34 10.83
CA SER C 238 -24.01 -0.47 12.01
C SER C 238 -22.96 -1.00 13.00
N GLY C 239 -22.77 -2.33 13.05
CA GLY C 239 -21.94 -2.94 14.08
C GLY C 239 -22.77 -3.50 15.23
N THR C 240 -24.06 -3.13 15.28
CA THR C 240 -24.99 -3.60 16.29
C THR C 240 -26.04 -4.49 15.64
N TYR C 241 -26.08 -5.77 16.03
CA TYR C 241 -26.84 -6.76 15.27
C TYR C 241 -27.90 -7.38 16.19
N THR C 242 -28.45 -6.53 17.06
CA THR C 242 -29.53 -6.94 17.95
C THR C 242 -30.83 -7.09 17.15
N GLY C 243 -31.60 -8.14 17.48
CA GLY C 243 -32.87 -8.40 16.83
C GLY C 243 -32.71 -9.21 15.55
N GLY C 244 -31.51 -9.83 15.40
CA GLY C 244 -31.20 -10.71 14.28
C GLY C 244 -29.80 -11.34 14.39
N ARG C 245 -29.32 -11.92 13.29
CA ARG C 245 -28.04 -12.62 13.25
C ARG C 245 -26.95 -11.66 12.77
N ASP C 246 -25.75 -11.79 13.35
CA ASP C 246 -24.56 -11.14 12.83
C ASP C 246 -24.28 -11.65 11.42
N PRO C 247 -24.06 -10.75 10.41
CA PRO C 247 -23.76 -11.20 9.06
C PRO C 247 -22.65 -12.24 8.99
N ARG C 248 -21.70 -12.17 9.95
CA ARG C 248 -20.52 -13.02 9.93
C ARG C 248 -20.89 -14.44 10.39
N SER C 249 -22.17 -14.65 10.73
CA SER C 249 -22.57 -15.90 11.36
C SER C 249 -23.27 -16.84 10.37
N TRP C 250 -23.70 -16.32 9.21
CA TRP C 250 -24.25 -17.15 8.14
C TRP C 250 -23.13 -17.96 7.47
N ASN C 251 -23.47 -19.18 6.98
CA ASN C 251 -22.51 -20.05 6.28
C ASN C 251 -22.98 -20.36 4.84
N GLY C 252 -24.17 -19.90 4.48
CA GLY C 252 -24.73 -20.24 3.18
C GLY C 252 -26.10 -19.60 3.01
N SER C 253 -26.81 -20.02 1.95
CA SER C 253 -28.02 -19.33 1.52
C SER C 253 -29.26 -20.02 2.10
N VAL C 254 -29.10 -21.28 2.52
CA VAL C 254 -30.24 -22.15 2.67
C VAL C 254 -31.07 -21.66 3.85
N GLU C 255 -30.41 -21.36 4.98
CA GLU C 255 -31.09 -20.87 6.18
C GLU C 255 -31.81 -19.56 5.86
N ILE C 256 -31.13 -18.71 5.11
CA ILE C 256 -31.61 -17.39 4.81
C ILE C 256 -32.92 -17.50 4.04
N LEU C 257 -32.91 -18.28 2.96
CA LEU C 257 -34.05 -18.33 2.05
C LEU C 257 -35.22 -19.02 2.74
N LYS C 258 -34.92 -20.07 3.52
CA LYS C 258 -35.92 -20.76 4.33
C LYS C 258 -36.52 -19.81 5.37
N ASN C 259 -35.68 -19.05 6.07
CA ASN C 259 -36.17 -18.18 7.13
C ASN C 259 -37.04 -17.10 6.50
N TRP C 260 -36.72 -16.67 5.28
CA TRP C 260 -37.54 -15.68 4.59
C TRP C 260 -38.94 -16.26 4.37
N LYS C 261 -38.99 -17.49 3.85
CA LYS C 261 -40.27 -18.10 3.50
C LYS C 261 -41.10 -18.33 4.77
N LYS C 262 -40.43 -18.85 5.82
CA LYS C 262 -41.11 -19.33 7.03
C LYS C 262 -41.64 -18.15 7.85
N SER C 263 -41.05 -16.97 7.70
CA SER C 263 -41.53 -15.78 8.40
C SER C 263 -42.70 -15.14 7.64
N GLY C 264 -43.17 -15.83 6.58
CA GLY C 264 -44.17 -15.27 5.66
C GLY C 264 -43.57 -14.16 4.79
N PHE C 265 -42.41 -14.45 4.17
CA PHE C 265 -41.80 -13.57 3.16
C PHE C 265 -41.51 -12.21 3.79
N SER C 266 -41.02 -12.27 5.04
CA SER C 266 -40.60 -11.12 5.79
C SER C 266 -39.07 -11.05 5.80
N PRO C 267 -38.47 -9.84 5.65
CA PRO C 267 -37.01 -9.72 5.55
C PRO C 267 -36.22 -10.38 6.66
N VAL C 268 -35.02 -10.87 6.27
CA VAL C 268 -34.14 -11.61 7.14
C VAL C 268 -33.02 -10.70 7.58
N ARG C 269 -32.71 -10.76 8.88
CA ARG C 269 -31.78 -9.85 9.55
C ARG C 269 -30.62 -10.66 10.10
N TYR C 270 -29.35 -10.29 9.78
CA TYR C 270 -28.99 -9.23 8.84
C TYR C 270 -27.90 -9.72 7.88
N GLY C 271 -27.71 -8.98 6.78
CA GLY C 271 -26.70 -9.32 5.80
C GLY C 271 -25.73 -8.17 5.53
N GLN C 272 -24.58 -8.52 4.93
CA GLN C 272 -23.72 -7.59 4.22
C GLN C 272 -23.39 -8.16 2.84
N CYS C 273 -22.48 -7.48 2.12
CA CYS C 273 -22.34 -7.64 0.68
C CYS C 273 -22.20 -9.12 0.30
N TRP C 274 -21.27 -9.83 0.95
CA TRP C 274 -21.00 -11.20 0.56
C TRP C 274 -22.24 -12.06 0.80
N VAL C 275 -23.07 -11.64 1.76
CA VAL C 275 -24.26 -12.40 2.11
C VAL C 275 -25.34 -12.21 1.02
N PHE C 276 -25.44 -10.98 0.49
CA PHE C 276 -26.30 -10.72 -0.67
C PHE C 276 -25.77 -11.49 -1.89
N ALA C 277 -24.46 -11.39 -2.17
CA ALA C 277 -23.90 -11.99 -3.37
C ALA C 277 -24.06 -13.51 -3.34
N GLY C 278 -23.89 -14.12 -2.16
CA GLY C 278 -24.00 -15.58 -2.02
C GLY C 278 -25.43 -16.06 -2.24
N THR C 279 -26.40 -15.30 -1.70
CA THR C 279 -27.81 -15.66 -1.77
C THR C 279 -28.29 -15.47 -3.21
N LEU C 280 -27.84 -14.38 -3.87
CA LEU C 280 -28.23 -14.14 -5.25
C LEU C 280 -27.69 -15.26 -6.14
N ASN C 281 -26.49 -15.78 -5.79
CA ASN C 281 -25.85 -16.81 -6.58
C ASN C 281 -26.68 -18.10 -6.52
N THR C 282 -27.22 -18.41 -5.35
CA THR C 282 -28.10 -19.58 -5.20
C THR C 282 -29.27 -19.43 -6.17
N ALA C 283 -29.87 -18.24 -6.20
CA ALA C 283 -31.06 -18.01 -6.98
C ALA C 283 -30.74 -18.18 -8.46
N LEU C 284 -29.62 -17.62 -8.90
CA LEU C 284 -29.24 -17.64 -10.30
C LEU C 284 -28.96 -19.08 -10.75
N ARG C 285 -28.20 -19.83 -9.94
CA ARG C 285 -27.82 -21.18 -10.33
C ARG C 285 -29.05 -22.08 -10.32
N SER C 286 -30.00 -21.83 -9.41
CA SER C 286 -31.24 -22.61 -9.35
C SER C 286 -31.98 -22.55 -10.68
N LEU C 287 -32.10 -21.34 -11.21
CA LEU C 287 -33.02 -21.09 -12.30
C LEU C 287 -32.35 -21.41 -13.63
N GLY C 288 -31.03 -21.62 -13.61
CA GLY C 288 -30.30 -22.01 -14.80
C GLY C 288 -29.51 -20.85 -15.41
N ILE C 289 -29.23 -19.80 -14.65
CA ILE C 289 -28.34 -18.76 -15.15
C ILE C 289 -26.95 -18.99 -14.57
N PRO C 290 -26.00 -19.51 -15.37
CA PRO C 290 -24.67 -19.74 -14.86
C PRO C 290 -24.08 -18.45 -14.31
N SER C 291 -23.50 -18.53 -13.11
CA SER C 291 -23.13 -17.34 -12.37
C SER C 291 -21.99 -17.64 -11.44
N ARG C 292 -21.30 -16.57 -10.99
CA ARG C 292 -20.21 -16.70 -10.04
C ARG C 292 -20.16 -15.46 -9.17
N VAL C 293 -19.34 -15.55 -8.10
CA VAL C 293 -19.23 -14.46 -7.15
C VAL C 293 -17.93 -13.70 -7.42
N ILE C 294 -18.06 -12.37 -7.51
CA ILE C 294 -16.95 -11.46 -7.79
C ILE C 294 -16.73 -10.60 -6.57
N THR C 295 -15.49 -10.47 -6.16
CA THR C 295 -15.15 -9.56 -5.08
C THR C 295 -14.12 -8.52 -5.63
N ASN C 296 -14.30 -7.26 -5.23
CA ASN C 296 -13.49 -6.14 -5.72
C ASN C 296 -12.92 -5.40 -4.50
N PHE C 297 -11.59 -5.27 -4.44
CA PHE C 297 -10.94 -4.57 -3.33
C PHE C 297 -10.73 -3.11 -3.70
N ASN C 298 -10.79 -2.23 -2.69
CA ASN C 298 -10.88 -0.80 -2.89
C ASN C 298 -12.01 -0.47 -3.85
N SER C 299 -13.24 -0.88 -3.48
CA SER C 299 -14.40 -0.69 -4.33
C SER C 299 -14.96 0.70 -4.09
N ALA C 300 -15.08 1.49 -5.18
CA ALA C 300 -15.70 2.82 -5.12
C ALA C 300 -17.22 2.71 -5.00
N HIS C 301 -17.78 3.55 -4.12
CA HIS C 301 -19.18 3.94 -4.17
C HIS C 301 -19.27 5.40 -4.60
N ASP C 302 -19.52 5.62 -5.89
CA ASP C 302 -19.73 6.96 -6.41
C ASP C 302 -21.21 7.30 -6.33
N THR C 303 -21.50 8.52 -5.87
CA THR C 303 -22.85 8.88 -5.47
C THR C 303 -23.33 10.07 -6.28
N ASP C 304 -22.72 10.31 -7.44
CA ASP C 304 -23.05 11.48 -8.26
C ASP C 304 -22.52 11.36 -9.70
N ARG C 305 -22.39 10.12 -10.19
CA ARG C 305 -22.39 9.84 -11.63
C ARG C 305 -21.36 10.71 -12.39
N ASN C 306 -20.10 10.76 -11.89
CA ASN C 306 -19.03 11.49 -12.58
C ASN C 306 -17.77 10.61 -12.75
N LEU C 307 -17.86 9.33 -12.34
CA LEU C 307 -16.81 8.32 -12.54
C LEU C 307 -15.59 8.64 -11.68
N SER C 308 -15.81 9.31 -10.53
CA SER C 308 -14.70 9.69 -9.67
C SER C 308 -15.15 9.74 -8.22
N VAL C 309 -14.22 9.46 -7.32
CA VAL C 309 -14.43 9.53 -5.89
C VAL C 309 -13.82 10.83 -5.38
N ASP C 310 -14.69 11.75 -4.93
CA ASP C 310 -14.30 13.14 -4.73
C ASP C 310 -14.11 13.44 -3.25
N VAL C 311 -12.95 14.03 -2.95
CA VAL C 311 -12.59 14.56 -1.64
C VAL C 311 -12.40 16.06 -1.76
N TYR C 312 -12.76 16.82 -0.70
CA TYR C 312 -12.90 18.26 -0.82
C TYR C 312 -12.04 18.94 0.25
N TYR C 313 -11.35 20.00 -0.16
CA TYR C 313 -10.61 20.86 0.75
C TYR C 313 -10.94 22.30 0.40
N ASP C 314 -10.84 23.20 1.38
CA ASP C 314 -10.89 24.62 1.09
C ASP C 314 -9.52 25.07 0.56
N PRO C 315 -9.46 26.18 -0.19
CA PRO C 315 -8.20 26.60 -0.79
C PRO C 315 -7.13 26.99 0.23
N MET C 316 -7.40 26.77 1.52
CA MET C 316 -6.41 26.98 2.56
C MET C 316 -5.96 25.64 3.13
N GLY C 317 -6.58 24.56 2.64
CA GLY C 317 -6.09 23.22 2.92
C GLY C 317 -6.97 22.48 3.93
N ASN C 318 -7.87 23.20 4.62
CA ASN C 318 -8.76 22.54 5.59
C ASN C 318 -9.60 21.47 4.89
N PRO C 319 -9.71 20.28 5.49
CA PRO C 319 -10.61 19.26 4.97
C PRO C 319 -12.08 19.64 5.17
N LEU C 320 -12.81 19.73 4.07
CA LEU C 320 -14.23 20.02 4.12
C LEU C 320 -15.00 18.71 4.29
N ASP C 321 -15.75 18.61 5.37
CA ASP C 321 -16.69 17.53 5.55
C ASP C 321 -17.79 17.67 4.51
N LYS C 322 -17.42 17.45 3.23
CA LYS C 322 -18.33 17.61 2.10
C LYS C 322 -18.28 16.34 1.22
N GLY C 323 -19.44 15.95 0.67
CA GLY C 323 -19.51 14.94 -0.38
C GLY C 323 -19.80 13.55 0.22
N SER C 324 -20.27 12.62 -0.65
CA SER C 324 -20.86 11.35 -0.20
C SER C 324 -20.04 10.14 -0.67
N ASP C 325 -19.30 10.32 -1.78
CA ASP C 325 -18.41 9.31 -2.34
C ASP C 325 -17.67 8.59 -1.22
N SER C 326 -17.58 7.23 -1.29
CA SER C 326 -16.74 6.48 -0.37
C SER C 326 -16.00 5.34 -1.08
N VAL C 327 -15.12 4.65 -0.33
CA VAL C 327 -14.42 3.48 -0.83
C VAL C 327 -14.40 2.39 0.24
N TRP C 328 -14.90 1.20 -0.15
CA TRP C 328 -14.94 0.01 0.70
C TRP C 328 -13.59 -0.71 0.63
N ASN C 329 -13.22 -1.41 1.71
CA ASN C 329 -12.06 -2.29 1.69
C ASN C 329 -12.26 -3.40 0.66
N PHE C 330 -13.40 -4.10 0.73
CA PHE C 330 -13.83 -4.98 -0.33
C PHE C 330 -15.34 -4.81 -0.55
N HIS C 331 -15.80 -5.13 -1.78
CA HIS C 331 -17.21 -5.31 -2.10
C HIS C 331 -17.39 -6.62 -2.89
N VAL C 332 -18.59 -7.23 -2.79
CA VAL C 332 -18.88 -8.48 -3.47
C VAL C 332 -20.18 -8.35 -4.28
N TRP C 333 -20.13 -8.81 -5.54
CA TRP C 333 -21.28 -8.89 -6.43
C TRP C 333 -21.23 -10.18 -7.27
N ASN C 334 -22.10 -10.30 -8.28
CA ASN C 334 -22.26 -11.53 -9.05
C ASN C 334 -22.11 -11.21 -10.52
N GLU C 335 -21.75 -12.22 -11.32
CA GLU C 335 -21.83 -12.14 -12.78
C GLU C 335 -22.73 -13.28 -13.23
N GLY C 336 -23.59 -13.01 -14.22
CA GLY C 336 -24.39 -14.04 -14.86
C GLY C 336 -24.07 -14.11 -16.35
N TRP C 337 -24.21 -15.30 -16.94
CA TRP C 337 -23.75 -15.55 -18.30
C TRP C 337 -24.93 -15.57 -19.27
N PHE C 338 -25.04 -14.53 -20.14
CA PHE C 338 -26.04 -14.59 -21.22
C PHE C 338 -25.73 -13.59 -22.35
N VAL C 339 -26.33 -13.85 -23.52
CA VAL C 339 -26.25 -12.94 -24.65
C VAL C 339 -27.07 -11.68 -24.34
N ARG C 340 -26.74 -10.61 -25.07
CA ARG C 340 -27.43 -9.33 -24.92
C ARG C 340 -28.00 -8.92 -26.28
N SER C 341 -29.22 -9.38 -26.56
CA SER C 341 -29.91 -9.06 -27.80
C SER C 341 -30.15 -7.55 -27.93
N ASP C 342 -30.25 -6.88 -26.78
CA ASP C 342 -30.54 -5.44 -26.70
C ASP C 342 -29.31 -4.61 -27.05
N LEU C 343 -28.13 -5.22 -27.04
CA LEU C 343 -26.88 -4.46 -27.08
C LEU C 343 -26.15 -4.73 -28.39
N GLY C 344 -26.03 -6.00 -28.74
CA GLY C 344 -25.22 -6.39 -29.88
C GLY C 344 -24.39 -7.62 -29.58
N PRO C 345 -23.90 -8.30 -30.63
CA PRO C 345 -23.20 -9.58 -30.46
C PRO C 345 -21.88 -9.43 -29.72
N SER C 346 -21.35 -8.21 -29.77
CA SER C 346 -20.06 -7.93 -29.18
C SER C 346 -20.13 -7.93 -27.63
N TYR C 347 -21.35 -7.96 -27.05
CA TYR C 347 -21.54 -7.61 -25.64
C TYR C 347 -22.09 -8.79 -24.80
N GLY C 348 -22.20 -9.99 -25.40
CA GLY C 348 -22.63 -11.17 -24.64
C GLY C 348 -21.62 -11.56 -23.52
N GLY C 349 -21.82 -12.77 -22.94
CA GLY C 349 -20.96 -13.27 -21.88
C GLY C 349 -21.34 -12.70 -20.51
N TRP C 350 -20.35 -12.37 -19.68
CA TRP C 350 -20.61 -12.09 -18.28
C TRP C 350 -21.26 -10.73 -18.12
N GLN C 351 -22.27 -10.70 -17.23
CA GLN C 351 -23.03 -9.51 -16.93
C GLN C 351 -23.07 -9.34 -15.40
N VAL C 352 -22.73 -8.13 -14.96
CA VAL C 352 -22.72 -7.81 -13.55
C VAL C 352 -24.17 -7.68 -13.03
N LEU C 353 -24.41 -8.32 -11.89
CA LEU C 353 -25.66 -8.19 -11.12
C LEU C 353 -25.32 -8.04 -9.63
N ASP C 354 -25.92 -7.05 -8.98
CA ASP C 354 -25.57 -6.67 -7.62
C ASP C 354 -26.86 -6.46 -6.82
N ALA C 355 -27.02 -7.22 -5.75
CA ALA C 355 -28.25 -7.14 -4.96
C ALA C 355 -28.02 -6.32 -3.69
N THR C 356 -26.77 -5.84 -3.47
CA THR C 356 -26.46 -5.02 -2.31
C THR C 356 -27.02 -3.62 -2.54
N PRO C 357 -27.87 -3.08 -1.63
CA PRO C 357 -28.49 -1.78 -1.86
C PRO C 357 -27.51 -0.63 -1.71
N GLN C 358 -26.93 -0.18 -2.82
CA GLN C 358 -25.98 0.90 -2.75
C GLN C 358 -26.63 2.13 -3.38
N GLU C 359 -26.98 2.05 -4.67
CA GLU C 359 -27.63 3.17 -5.34
C GLU C 359 -28.92 2.70 -5.97
N ARG C 360 -29.83 3.66 -6.15
CA ARG C 360 -31.11 3.39 -6.75
C ARG C 360 -30.97 3.49 -8.25
N SER C 361 -31.87 2.79 -8.94
CA SER C 361 -31.80 2.67 -10.38
C SER C 361 -33.22 2.64 -10.92
N GLN C 362 -33.65 3.77 -11.53
CA GLN C 362 -35.05 3.97 -11.83
C GLN C 362 -35.88 3.87 -10.53
N GLY C 363 -35.33 4.39 -9.44
CA GLY C 363 -36.09 4.58 -8.22
C GLY C 363 -36.01 3.38 -7.27
N VAL C 364 -35.40 2.28 -7.71
CA VAL C 364 -35.41 1.03 -6.94
C VAL C 364 -33.98 0.59 -6.64
N PHE C 365 -33.77 -0.08 -5.50
CA PHE C 365 -32.48 -0.69 -5.21
C PHE C 365 -32.33 -1.95 -6.06
N GLN C 366 -31.76 -1.75 -7.24
CA GLN C 366 -31.46 -2.82 -8.17
C GLN C 366 -30.19 -2.43 -8.91
N CYS C 367 -29.58 -3.38 -9.63
CA CYS C 367 -28.31 -3.11 -10.28
C CYS C 367 -27.96 -4.19 -11.29
N GLY C 368 -27.91 -3.80 -12.57
CA GLY C 368 -27.49 -4.70 -13.66
C GLY C 368 -28.68 -5.18 -14.49
N PRO C 369 -28.46 -5.96 -15.59
CA PRO C 369 -27.14 -6.45 -15.98
C PRO C 369 -26.29 -5.44 -16.74
N ALA C 370 -24.95 -5.54 -16.53
CA ALA C 370 -23.96 -4.68 -17.19
C ALA C 370 -22.91 -5.53 -17.86
N SER C 371 -22.79 -5.37 -19.20
CA SER C 371 -21.80 -6.09 -19.99
C SER C 371 -20.39 -5.81 -19.44
N VAL C 372 -19.71 -6.87 -18.97
CA VAL C 372 -18.39 -6.69 -18.39
C VAL C 372 -17.47 -6.16 -19.49
N ILE C 373 -17.62 -6.71 -20.69
CA ILE C 373 -16.90 -6.24 -21.87
C ILE C 373 -17.16 -4.75 -22.07
N GLY C 374 -18.42 -4.36 -21.87
CA GLY C 374 -18.82 -2.99 -22.05
C GLY C 374 -18.08 -2.06 -21.09
N VAL C 375 -17.96 -2.52 -19.85
CA VAL C 375 -17.38 -1.69 -18.81
C VAL C 375 -15.92 -1.46 -19.13
N ARG C 376 -15.29 -2.50 -19.66
CA ARG C 376 -13.88 -2.45 -19.95
C ARG C 376 -13.62 -1.47 -21.09
N GLU C 377 -14.52 -1.45 -22.10
CA GLU C 377 -14.38 -0.58 -23.27
C GLU C 377 -14.93 0.83 -23.00
N GLY C 378 -15.40 1.07 -21.79
CA GLY C 378 -15.84 2.40 -21.40
C GLY C 378 -17.15 2.82 -22.10
N ASP C 379 -17.91 1.82 -22.58
CA ASP C 379 -19.15 2.07 -23.31
C ASP C 379 -20.31 2.28 -22.34
N VAL C 380 -20.24 3.33 -21.50
CA VAL C 380 -21.00 3.37 -20.26
C VAL C 380 -22.36 4.03 -20.46
N GLN C 381 -22.73 4.32 -21.71
CA GLN C 381 -24.05 4.84 -21.99
C GLN C 381 -25.08 3.72 -22.00
N LEU C 382 -24.60 2.46 -21.94
CA LEU C 382 -25.46 1.31 -22.19
C LEU C 382 -26.16 0.86 -20.92
N ASN C 383 -27.23 0.07 -21.11
CA ASN C 383 -27.99 -0.49 -19.99
C ASN C 383 -27.26 -1.72 -19.47
N PHE C 384 -27.24 -1.96 -18.13
CA PHE C 384 -27.80 -1.09 -17.09
C PHE C 384 -26.70 -0.66 -16.10
N ASP C 385 -26.75 0.59 -15.64
CA ASP C 385 -26.05 1.00 -14.44
C ASP C 385 -24.55 0.99 -14.68
N MET C 386 -24.14 1.27 -15.92
CA MET C 386 -22.73 1.08 -16.29
C MET C 386 -21.85 2.19 -15.67
N PRO C 387 -22.35 3.41 -15.46
CA PRO C 387 -21.60 4.41 -14.72
C PRO C 387 -21.29 4.05 -13.27
N PHE C 388 -22.24 3.43 -12.60
CA PHE C 388 -22.04 3.09 -11.20
C PHE C 388 -20.93 2.04 -11.12
N ILE C 389 -21.01 1.06 -12.00
CA ILE C 389 -20.18 -0.13 -11.93
C ILE C 389 -18.82 0.18 -12.53
N PHE C 390 -18.76 1.11 -13.48
CA PHE C 390 -17.47 1.60 -13.94
C PHE C 390 -16.73 2.25 -12.77
N ALA C 391 -17.40 3.16 -12.08
CA ALA C 391 -16.81 3.78 -10.90
C ALA C 391 -16.27 2.70 -9.95
N GLU C 392 -17.01 1.60 -9.80
CA GLU C 392 -16.70 0.64 -8.74
C GLU C 392 -15.27 0.14 -8.95
N VAL C 393 -14.95 -0.20 -10.20
CA VAL C 393 -13.74 -0.96 -10.50
C VAL C 393 -12.64 -0.02 -11.03
N ASN C 394 -13.00 1.18 -11.53
CA ASN C 394 -12.04 2.00 -12.26
C ASN C 394 -12.36 3.51 -12.14
N ALA C 395 -12.87 3.94 -10.97
CA ALA C 395 -12.92 5.36 -10.64
C ALA C 395 -11.51 5.91 -10.53
N ASP C 396 -11.36 7.20 -10.84
CA ASP C 396 -10.23 7.98 -10.32
C ASP C 396 -10.62 8.54 -8.96
N ARG C 397 -9.61 8.87 -8.16
CA ARG C 397 -9.82 9.46 -6.86
C ARG C 397 -9.25 10.86 -6.88
N ILE C 398 -10.12 11.86 -6.68
CA ILE C 398 -9.77 13.26 -6.91
C ILE C 398 -9.87 14.02 -5.60
N THR C 399 -8.82 14.79 -5.29
CA THR C 399 -8.91 15.81 -4.28
C THR C 399 -9.20 17.10 -4.99
N TRP C 400 -10.19 17.80 -4.45
CA TRP C 400 -10.72 19.01 -5.04
C TRP C 400 -10.45 20.16 -4.08
N LEU C 401 -10.32 21.37 -4.65
CA LEU C 401 -10.46 22.59 -3.89
C LEU C 401 -11.86 23.17 -4.11
N TYR C 402 -12.51 23.59 -3.01
CA TYR C 402 -13.88 24.10 -3.07
C TYR C 402 -13.97 25.50 -2.47
N ASP C 403 -14.45 26.45 -3.30
CA ASP C 403 -14.67 27.81 -2.88
C ASP C 403 -16.16 28.04 -2.59
N ASN C 404 -16.50 28.14 -1.30
CA ASN C 404 -17.88 28.21 -0.83
C ASN C 404 -18.54 29.51 -1.31
N THR C 405 -17.75 30.58 -1.44
CA THR C 405 -18.23 31.86 -1.93
C THR C 405 -18.90 31.69 -3.30
N THR C 406 -18.22 31.01 -4.23
CA THR C 406 -18.60 31.03 -5.65
C THR C 406 -19.16 29.66 -6.06
N GLY C 407 -18.95 28.66 -5.22
CA GLY C 407 -19.32 27.28 -5.57
C GLY C 407 -18.44 26.73 -6.71
N LYS C 408 -17.30 27.40 -6.94
CA LYS C 408 -16.32 26.97 -7.93
C LYS C 408 -15.53 25.78 -7.38
N GLN C 409 -15.17 24.88 -8.30
CA GLN C 409 -14.50 23.62 -8.00
C GLN C 409 -13.28 23.49 -8.96
N TRP C 410 -12.17 22.93 -8.46
CA TRP C 410 -11.05 22.62 -9.35
C TRP C 410 -10.18 21.53 -8.77
N LYS C 411 -9.47 20.80 -9.65
CA LYS C 411 -8.81 19.56 -9.26
C LYS C 411 -7.43 19.87 -8.68
N ASN C 412 -7.04 19.10 -7.67
CA ASN C 412 -5.76 19.30 -7.02
C ASN C 412 -4.88 18.07 -7.27
N SER C 413 -5.36 16.89 -6.84
CA SER C 413 -4.66 15.63 -6.98
C SER C 413 -5.54 14.63 -7.73
N VAL C 414 -4.93 13.77 -8.55
CA VAL C 414 -5.66 12.69 -9.21
C VAL C 414 -4.89 11.39 -8.99
N ASN C 415 -5.61 10.36 -8.54
CA ASN C 415 -5.02 9.03 -8.37
C ASN C 415 -5.82 8.05 -9.20
N SER C 416 -5.16 7.53 -10.25
CA SER C 416 -5.86 6.89 -11.35
C SER C 416 -5.84 5.36 -11.21
N HIS C 417 -5.33 4.82 -10.09
CA HIS C 417 -5.00 3.41 -10.05
C HIS C 417 -5.30 2.77 -8.68
N THR C 418 -5.69 3.58 -7.70
CA THR C 418 -5.89 3.02 -6.38
C THR C 418 -7.21 2.24 -6.35
N ILE C 419 -8.13 2.52 -7.31
CA ILE C 419 -9.47 1.91 -7.28
C ILE C 419 -9.48 0.62 -8.10
N GLY C 420 -10.04 -0.43 -7.51
CA GLY C 420 -10.36 -1.66 -8.22
C GLY C 420 -9.14 -2.55 -8.31
N ARG C 421 -8.93 -3.38 -7.27
CA ARG C 421 -7.71 -4.15 -7.12
C ARG C 421 -8.05 -5.62 -6.98
N TYR C 422 -7.16 -6.48 -7.46
CA TYR C 422 -7.22 -7.89 -7.16
C TYR C 422 -8.67 -8.40 -7.28
N ILE C 423 -9.33 -8.06 -8.39
CA ILE C 423 -10.69 -8.49 -8.59
C ILE C 423 -10.69 -10.01 -8.82
N SER C 424 -11.57 -10.72 -8.07
CA SER C 424 -11.34 -12.13 -7.72
C SER C 424 -12.64 -12.96 -7.79
N THR C 425 -12.50 -14.22 -8.15
CA THR C 425 -13.59 -15.18 -8.19
C THR C 425 -12.95 -16.57 -8.09
N LYS C 426 -13.73 -17.56 -7.66
CA LYS C 426 -13.21 -18.89 -7.40
C LYS C 426 -12.80 -19.53 -8.71
N ALA C 427 -11.72 -20.32 -8.67
CA ALA C 427 -11.26 -21.06 -9.82
C ALA C 427 -12.27 -22.13 -10.20
N VAL C 428 -12.34 -22.45 -11.50
CA VAL C 428 -13.06 -23.62 -11.98
C VAL C 428 -12.37 -24.86 -11.44
N GLY C 429 -13.09 -25.63 -10.65
CA GLY C 429 -12.58 -26.93 -10.24
C GLY C 429 -11.83 -26.89 -8.90
N SER C 430 -11.17 -25.79 -8.59
CA SER C 430 -10.41 -25.70 -7.33
C SER C 430 -10.85 -24.49 -6.50
N ASN C 431 -10.15 -24.27 -5.39
CA ASN C 431 -10.45 -23.16 -4.51
C ASN C 431 -9.41 -22.06 -4.66
N ALA C 432 -8.69 -22.09 -5.79
CA ALA C 432 -7.73 -21.07 -6.07
C ALA C 432 -8.45 -19.79 -6.47
N ARG C 433 -7.72 -18.67 -6.30
CA ARG C 433 -8.20 -17.35 -6.67
C ARG C 433 -7.85 -17.06 -8.13
N MET C 434 -8.87 -16.82 -8.95
CA MET C 434 -8.65 -16.25 -10.25
C MET C 434 -8.76 -14.74 -10.15
N ASP C 435 -7.82 -14.08 -10.79
CA ASP C 435 -7.92 -12.65 -10.98
C ASP C 435 -8.67 -12.38 -12.30
N VAL C 436 -9.62 -11.44 -12.23
CA VAL C 436 -10.36 -11.05 -13.40
C VAL C 436 -10.33 -9.53 -13.54
N THR C 437 -9.29 -8.89 -12.97
CA THR C 437 -9.12 -7.45 -13.08
C THR C 437 -9.06 -7.06 -14.56
N ASP C 438 -8.28 -7.82 -15.35
CA ASP C 438 -7.99 -7.46 -16.73
C ASP C 438 -9.25 -7.62 -17.60
N LYS C 439 -10.29 -8.27 -17.05
CA LYS C 439 -11.55 -8.44 -17.75
C LYS C 439 -12.41 -7.19 -17.58
N TYR C 440 -12.17 -6.43 -16.48
CA TYR C 440 -12.99 -5.27 -16.09
C TYR C 440 -12.37 -3.97 -16.62
N LYS C 441 -11.05 -3.97 -16.86
CA LYS C 441 -10.37 -2.76 -17.31
C LYS C 441 -9.03 -3.07 -17.97
N TYR C 442 -8.56 -2.09 -18.77
CA TYR C 442 -7.24 -2.12 -19.36
C TYR C 442 -6.21 -1.89 -18.26
N PRO C 443 -4.95 -2.26 -18.49
CA PRO C 443 -3.98 -2.30 -17.41
C PRO C 443 -3.65 -0.92 -16.87
N GLU C 444 -3.65 -0.80 -15.53
CA GLU C 444 -3.41 0.49 -14.89
C GLU C 444 -2.07 1.02 -15.38
N GLY C 445 -2.04 2.32 -15.74
CA GLY C 445 -0.82 2.97 -16.18
C GLY C 445 -0.58 2.85 -17.70
N SER C 446 -1.44 2.11 -18.40
CA SER C 446 -1.39 2.04 -19.87
C SER C 446 -2.10 3.26 -20.50
N ASP C 447 -1.95 3.41 -21.81
CA ASP C 447 -2.54 4.55 -22.51
C ASP C 447 -4.01 4.27 -22.74
N GLN C 448 -4.32 2.99 -23.08
CA GLN C 448 -5.68 2.56 -23.40
C GLN C 448 -6.60 2.87 -22.22
N GLU C 449 -6.04 2.65 -21.03
CA GLU C 449 -6.78 2.71 -19.78
C GLU C 449 -7.25 4.14 -19.52
N ARG C 450 -6.49 5.10 -20.04
CA ARG C 450 -6.77 6.50 -19.83
C ARG C 450 -7.71 7.02 -20.93
N GLN C 451 -7.52 6.51 -22.15
CA GLN C 451 -8.33 6.90 -23.28
C GLN C 451 -9.75 6.37 -23.12
N VAL C 452 -9.90 5.24 -22.38
CA VAL C 452 -11.24 4.71 -22.09
C VAL C 452 -11.84 5.58 -21.03
N PHE C 453 -11.08 5.84 -19.97
CA PHE C 453 -11.59 6.67 -18.91
C PHE C 453 -12.15 7.96 -19.52
N GLN C 454 -11.49 8.48 -20.53
CA GLN C 454 -11.95 9.69 -21.20
C GLN C 454 -13.23 9.40 -21.97
N LYS C 455 -13.16 8.41 -22.87
CA LYS C 455 -14.31 7.96 -23.64
C LYS C 455 -15.54 7.87 -22.74
N ALA C 456 -15.34 7.27 -21.58
CA ALA C 456 -16.43 6.92 -20.67
C ALA C 456 -16.98 8.18 -20.02
N LEU C 457 -16.10 9.15 -19.77
CA LEU C 457 -16.46 10.37 -19.07
C LEU C 457 -17.34 11.21 -20.00
N GLY C 458 -17.17 11.00 -21.30
CA GLY C 458 -17.92 11.74 -22.30
C GLY C 458 -19.23 11.03 -22.63
N LYS C 459 -19.40 9.83 -22.10
CA LYS C 459 -20.60 9.05 -22.40
C LYS C 459 -21.59 9.15 -21.24
N LEU C 460 -21.30 10.04 -20.27
CA LEU C 460 -22.23 10.35 -19.20
C LEU C 460 -23.26 11.35 -19.71
N LYS C 461 -23.02 11.91 -20.91
CA LYS C 461 -23.88 12.93 -21.48
C LYS C 461 -24.33 12.50 -22.88
N PRO C 462 -25.50 13.00 -23.37
CA PRO C 462 -25.98 12.66 -24.71
C PRO C 462 -25.25 13.42 -25.82
N ASN C 463 -25.63 13.14 -27.08
CA ASN C 463 -25.00 13.76 -28.24
C ASN C 463 -24.45 15.14 -27.86
N MET D 1 69.41 -72.24 64.49
CA MET D 1 68.82 -73.47 63.91
C MET D 1 68.44 -73.23 62.44
N ALA D 2 67.46 -72.32 62.20
CA ALA D 2 66.93 -72.07 60.87
C ALA D 2 66.01 -70.83 60.89
N ALA D 3 66.01 -70.05 59.78
CA ALA D 3 65.29 -68.78 59.70
C ALA D 3 63.85 -69.00 59.20
N LEU D 4 62.98 -68.03 59.47
CA LEU D 4 61.57 -68.18 59.15
C LEU D 4 61.38 -68.05 57.64
N GLY D 5 60.73 -69.04 57.03
CA GLY D 5 60.35 -68.98 55.62
C GLY D 5 59.00 -69.66 55.37
N VAL D 6 58.51 -69.51 54.14
CA VAL D 6 57.20 -70.04 53.77
C VAL D 6 57.40 -71.40 53.14
N GLN D 7 56.63 -72.39 53.58
CA GLN D 7 56.64 -73.70 52.95
C GLN D 7 55.64 -73.73 51.80
N SER D 8 54.43 -73.22 52.04
CA SER D 8 53.36 -73.31 51.05
C SER D 8 52.21 -72.43 51.48
N ILE D 9 51.32 -72.11 50.53
CA ILE D 9 50.16 -71.26 50.80
C ILE D 9 48.92 -71.84 50.14
N ASN D 10 47.85 -71.96 50.92
CA ASN D 10 46.56 -72.38 50.41
C ASN D 10 45.62 -71.19 50.29
N TRP D 11 45.28 -70.85 49.03
CA TRP D 11 44.49 -69.67 48.70
C TRP D 11 42.99 -69.89 48.92
N GLN D 12 42.59 -71.14 49.17
CA GLN D 12 41.19 -71.47 49.48
C GLN D 12 40.27 -70.93 48.38
N THR D 13 40.68 -71.18 47.14
CA THR D 13 40.15 -70.49 45.98
C THR D 13 38.63 -70.69 45.88
N ALA D 14 38.20 -71.95 45.97
CA ALA D 14 36.80 -72.28 45.78
C ALA D 14 35.95 -71.44 46.73
N PHE D 15 36.38 -71.42 48.00
CA PHE D 15 35.65 -70.76 49.07
C PHE D 15 35.58 -69.26 48.80
N ASN D 16 36.74 -68.63 48.57
CA ASN D 16 36.81 -67.20 48.41
C ASN D 16 36.00 -66.74 47.18
N ARG D 17 36.12 -67.48 46.05
CA ARG D 17 35.44 -67.11 44.81
C ARG D 17 33.92 -67.13 45.01
N GLN D 18 33.42 -68.07 45.81
CA GLN D 18 32.00 -68.11 46.12
C GLN D 18 31.60 -66.85 46.90
N ALA D 19 32.41 -66.47 47.90
CA ALA D 19 32.09 -65.33 48.76
C ALA D 19 32.15 -64.01 47.98
N HIS D 20 33.05 -63.96 46.99
CA HIS D 20 33.32 -62.76 46.20
C HIS D 20 32.41 -62.73 44.94
N HIS D 21 31.59 -63.76 44.78
CA HIS D 21 30.63 -63.83 43.67
C HIS D 21 31.37 -63.83 42.34
N THR D 22 32.45 -64.62 42.27
CA THR D 22 33.20 -64.78 41.04
C THR D 22 33.28 -66.25 40.69
N ASP D 23 32.44 -67.06 41.32
CA ASP D 23 32.57 -68.50 41.24
C ASP D 23 32.14 -69.01 39.85
N LYS D 24 31.46 -68.17 39.06
CA LYS D 24 30.84 -68.64 37.80
C LYS D 24 31.81 -68.56 36.60
N PHE D 25 32.89 -67.80 36.68
CA PHE D 25 33.85 -67.73 35.58
C PHE D 25 34.49 -69.10 35.37
N SER D 26 34.59 -69.52 34.10
CA SER D 26 35.33 -70.72 33.76
C SER D 26 36.83 -70.43 33.77
N SER D 27 37.48 -70.68 34.90
CA SER D 27 38.88 -70.32 35.08
C SER D 27 39.42 -70.98 36.33
N GLN D 28 40.71 -71.30 36.34
CA GLN D 28 41.35 -71.88 37.51
C GLN D 28 41.92 -70.78 38.41
N GLU D 29 41.87 -69.51 37.94
CA GLU D 29 42.52 -68.41 38.63
C GLU D 29 41.74 -68.03 39.88
N LEU D 30 42.43 -67.35 40.81
CA LEU D 30 41.82 -66.67 41.95
C LEU D 30 41.29 -65.32 41.48
N ILE D 31 39.95 -65.22 41.43
CA ILE D 31 39.28 -64.01 41.00
C ILE D 31 38.52 -63.42 42.21
N LEU D 32 38.76 -62.13 42.47
CA LEU D 32 38.37 -61.49 43.71
C LEU D 32 37.72 -60.16 43.39
N ARG D 33 36.99 -59.63 44.37
CA ARG D 33 36.46 -58.28 44.24
C ARG D 33 37.05 -57.40 45.35
N ARG D 34 37.21 -56.11 45.01
CA ARG D 34 37.92 -55.18 45.87
C ARG D 34 37.04 -54.83 47.06
N GLY D 35 37.68 -54.42 48.18
CA GLY D 35 36.98 -54.06 49.41
C GLY D 35 36.78 -55.26 50.32
N GLN D 36 36.49 -56.39 49.72
CA GLN D 36 36.15 -57.60 50.45
C GLN D 36 37.44 -58.34 50.80
N ASN D 37 37.51 -58.82 52.04
CA ASN D 37 38.67 -59.58 52.49
C ASN D 37 38.59 -61.00 51.94
N PHE D 38 39.75 -61.67 51.87
CA PHE D 38 39.81 -63.09 51.55
C PHE D 38 40.72 -63.78 52.56
N GLN D 39 40.54 -65.10 52.74
CA GLN D 39 41.28 -65.84 53.76
C GLN D 39 42.22 -66.84 53.12
N VAL D 40 43.44 -66.90 53.63
CA VAL D 40 44.43 -67.83 53.15
C VAL D 40 45.08 -68.52 54.33
N LEU D 41 45.63 -69.73 54.08
CA LEU D 41 46.37 -70.51 55.07
C LEU D 41 47.82 -70.55 54.66
N MET D 42 48.71 -70.04 55.50
CA MET D 42 50.11 -69.97 55.15
C MET D 42 50.89 -70.91 56.06
N ILE D 43 51.52 -71.92 55.45
CA ILE D 43 52.26 -72.95 56.19
C ILE D 43 53.73 -72.59 56.21
N MET D 44 54.23 -72.19 57.38
CA MET D 44 55.62 -71.75 57.51
C MET D 44 56.50 -72.95 57.86
N ASN D 45 57.82 -72.69 58.00
CA ASN D 45 58.75 -73.70 58.47
C ASN D 45 58.75 -73.76 60.01
N LYS D 46 58.19 -72.74 60.70
CA LYS D 46 58.10 -72.78 62.16
C LYS D 46 57.01 -71.83 62.70
N GLY D 47 56.96 -71.67 64.03
CA GLY D 47 56.16 -70.64 64.67
C GLY D 47 56.78 -69.25 64.51
N LEU D 48 55.94 -68.24 64.67
CA LEU D 48 56.38 -66.85 64.67
C LEU D 48 57.09 -66.54 65.99
N GLY D 49 58.33 -66.03 65.89
CA GLY D 49 58.98 -65.38 67.02
C GLY D 49 58.47 -63.95 67.21
N SER D 50 58.70 -63.38 68.39
CA SER D 50 58.18 -62.06 68.69
C SER D 50 59.23 -60.98 68.38
N ASN D 51 60.22 -61.34 67.56
CA ASN D 51 61.22 -60.38 67.07
C ASN D 51 61.16 -60.28 65.53
N GLU D 52 60.42 -61.21 64.90
CA GLU D 52 60.39 -61.36 63.44
C GLU D 52 59.19 -60.58 62.87
N ARG D 53 59.25 -60.23 61.57
CA ARG D 53 58.18 -59.45 60.95
C ARG D 53 57.90 -59.99 59.52
N LEU D 54 56.61 -60.06 59.16
CA LEU D 54 56.18 -60.45 57.81
C LEU D 54 55.55 -59.24 57.12
N GLU D 55 55.95 -58.98 55.86
CA GLU D 55 55.40 -57.86 55.09
C GLU D 55 54.88 -58.35 53.75
N PHE D 56 53.64 -57.99 53.43
CA PHE D 56 53.02 -58.37 52.17
C PHE D 56 53.27 -57.29 51.12
N ILE D 57 53.39 -57.69 49.86
CA ILE D 57 53.58 -56.74 48.77
C ILE D 57 52.69 -57.13 47.59
N VAL D 58 51.90 -56.15 47.13
CA VAL D 58 51.02 -56.35 45.98
C VAL D 58 51.32 -55.28 44.97
N SER D 59 51.32 -55.67 43.69
CA SER D 59 51.54 -54.76 42.58
C SER D 59 50.71 -55.18 41.38
N THR D 60 50.29 -54.18 40.59
CA THR D 60 49.58 -54.39 39.35
C THR D 60 50.18 -53.48 38.28
N GLY D 61 50.34 -54.02 37.07
CA GLY D 61 50.77 -53.26 35.92
C GLY D 61 52.29 -53.10 35.88
N PRO D 62 52.82 -52.46 34.82
CA PRO D 62 54.23 -52.55 34.51
C PRO D 62 55.11 -51.55 35.25
N TYR D 63 54.50 -50.50 35.80
CA TYR D 63 55.26 -49.45 36.49
C TYR D 63 54.59 -49.16 37.84
N PRO D 64 54.48 -50.15 38.73
CA PRO D 64 53.69 -50.00 39.93
C PRO D 64 54.39 -49.15 40.98
N SER D 65 53.61 -48.36 41.72
CA SER D 65 54.18 -47.47 42.70
C SER D 65 53.20 -47.20 43.82
N GLU D 66 53.74 -46.96 45.02
CA GLU D 66 52.97 -46.66 46.22
C GLU D 66 52.14 -45.38 46.02
N SER D 67 52.76 -44.38 45.40
CA SER D 67 52.13 -43.07 45.25
C SER D 67 50.86 -43.16 44.39
N ALA D 68 50.91 -44.03 43.36
CA ALA D 68 49.84 -44.18 42.39
C ALA D 68 48.82 -45.25 42.81
N MET D 69 49.12 -45.92 43.95
CA MET D 69 48.21 -46.87 44.58
C MET D 69 48.19 -48.20 43.79
N THR D 70 49.28 -48.44 43.03
CA THR D 70 49.37 -49.61 42.16
C THR D 70 50.42 -50.59 42.73
N LYS D 71 51.08 -50.18 43.83
CA LYS D 71 51.84 -51.07 44.69
C LYS D 71 51.53 -50.77 46.16
N ALA D 72 51.46 -51.82 47.00
CA ALA D 72 51.18 -51.65 48.43
C ALA D 72 52.04 -52.60 49.26
N VAL D 73 52.51 -52.10 50.40
CA VAL D 73 53.34 -52.86 51.32
C VAL D 73 52.69 -52.82 52.71
N PHE D 74 52.38 -53.97 53.28
CA PHE D 74 51.61 -53.97 54.50
C PHE D 74 52.03 -55.15 55.40
N PRO D 75 52.29 -54.89 56.71
CA PRO D 75 52.65 -55.91 57.67
C PRO D 75 51.50 -56.83 58.06
N LEU D 76 51.85 -58.09 58.33
CA LEU D 76 51.02 -58.98 59.11
C LEU D 76 50.77 -58.31 60.44
N SER D 77 49.51 -58.26 60.84
CA SER D 77 49.08 -57.35 61.88
C SER D 77 47.96 -58.02 62.69
N ASN D 78 47.61 -57.43 63.82
CA ASN D 78 46.32 -57.69 64.46
C ASN D 78 45.35 -56.54 64.15
N GLY D 79 45.92 -55.36 63.86
CA GLY D 79 45.12 -54.19 63.55
C GLY D 79 44.66 -54.20 62.11
N SER D 80 43.33 -54.08 61.92
CA SER D 80 42.75 -53.77 60.62
C SER D 80 42.97 -52.28 60.29
N SER D 81 43.73 -52.02 59.22
CA SER D 81 44.06 -50.64 58.80
C SER D 81 43.01 -50.13 57.81
N GLY D 82 43.34 -49.08 57.05
CA GLY D 82 42.42 -48.51 56.08
C GLY D 82 42.60 -49.13 54.67
N GLY D 83 43.86 -49.45 54.31
CA GLY D 83 44.21 -49.66 52.92
C GLY D 83 44.16 -51.13 52.54
N TRP D 84 45.25 -51.62 51.97
CA TRP D 84 45.56 -53.03 51.99
C TRP D 84 45.93 -53.43 53.40
N SER D 85 45.43 -54.58 53.88
CA SER D 85 45.85 -55.07 55.18
C SER D 85 45.80 -56.59 55.25
N ALA D 86 46.59 -57.13 56.19
CA ALA D 86 46.68 -58.55 56.46
C ALA D 86 46.54 -58.78 57.98
N VAL D 87 45.51 -59.53 58.37
CA VAL D 87 45.20 -59.77 59.76
C VAL D 87 45.50 -61.22 60.11
N LEU D 88 46.19 -61.44 61.23
CA LEU D 88 46.50 -62.79 61.69
C LEU D 88 45.35 -63.29 62.56
N GLN D 89 44.61 -64.30 62.05
CA GLN D 89 43.39 -64.76 62.70
C GLN D 89 43.68 -65.90 63.68
N ALA D 90 44.71 -66.72 63.39
CA ALA D 90 45.05 -67.85 64.26
C ALA D 90 46.38 -68.42 63.80
N SER D 91 47.16 -68.97 64.76
CA SER D 91 48.29 -69.83 64.44
C SER D 91 48.09 -71.21 65.05
N ASN D 92 48.41 -72.24 64.26
CA ASN D 92 48.22 -73.63 64.67
C ASN D 92 49.45 -74.43 64.24
N GLY D 93 50.38 -74.56 65.17
CA GLY D 93 51.70 -75.06 64.87
C GLY D 93 52.43 -74.10 63.95
N ASN D 94 52.62 -74.53 62.70
CA ASN D 94 53.38 -73.74 61.77
C ASN D 94 52.42 -72.96 60.85
N THR D 95 51.12 -73.33 60.90
CA THR D 95 50.14 -72.83 59.94
C THR D 95 49.51 -71.53 60.45
N LEU D 96 49.52 -70.50 59.62
CA LEU D 96 48.89 -69.23 59.94
C LEU D 96 47.61 -69.08 59.13
N THR D 97 46.54 -68.68 59.80
CA THR D 97 45.30 -68.32 59.12
C THR D 97 45.24 -66.80 58.98
N ILE D 98 45.21 -66.31 57.73
CA ILE D 98 45.35 -64.88 57.51
C ILE D 98 44.17 -64.36 56.67
N SER D 99 43.63 -63.19 57.08
CA SER D 99 42.58 -62.49 56.36
C SER D 99 43.15 -61.24 55.69
N ILE D 100 43.19 -61.23 54.36
CA ILE D 100 43.73 -60.11 53.59
C ILE D 100 42.58 -59.32 52.97
N SER D 101 42.66 -57.98 53.05
CA SER D 101 41.65 -57.12 52.42
C SER D 101 42.31 -56.07 51.52
N SER D 102 41.55 -55.67 50.51
CA SER D 102 41.95 -54.66 49.55
C SER D 102 41.10 -53.41 49.80
N PRO D 103 41.61 -52.19 49.47
CA PRO D 103 40.77 -51.00 49.51
C PRO D 103 39.67 -51.04 48.46
N ALA D 104 38.55 -50.38 48.73
CA ALA D 104 37.43 -50.32 47.80
C ALA D 104 37.71 -49.32 46.68
N SER D 105 38.92 -48.72 46.71
CA SER D 105 39.35 -47.76 45.71
C SER D 105 40.50 -48.34 44.87
N ALA D 106 40.79 -49.62 45.05
CA ALA D 106 41.94 -50.23 44.41
C ALA D 106 41.69 -50.31 42.90
N PRO D 107 42.73 -50.06 42.07
CA PRO D 107 42.67 -50.37 40.62
C PRO D 107 42.27 -51.82 40.33
N ILE D 108 41.35 -52.05 39.40
CA ILE D 108 41.07 -53.41 38.97
C ILE D 108 42.20 -53.90 38.06
N GLY D 109 42.39 -55.22 38.04
CA GLY D 109 43.30 -55.85 37.12
C GLY D 109 43.96 -57.08 37.71
N ARG D 110 45.10 -57.47 37.11
CA ARG D 110 45.92 -58.57 37.57
C ARG D 110 46.98 -58.05 38.55
N TYR D 111 47.13 -58.75 39.67
CA TYR D 111 48.06 -58.35 40.71
C TYR D 111 49.04 -59.48 41.00
N THR D 112 50.22 -59.12 41.50
CA THR D 112 51.21 -60.06 41.97
C THR D 112 51.35 -59.88 43.47
N MET D 113 51.52 -60.99 44.19
CA MET D 113 51.65 -60.92 45.62
C MET D 113 52.92 -61.63 46.06
N ALA D 114 53.64 -60.96 46.96
CA ALA D 114 54.94 -61.40 47.45
C ALA D 114 54.98 -61.21 48.96
N LEU D 115 55.84 -61.98 49.65
CA LEU D 115 56.02 -61.84 51.08
C LEU D 115 57.49 -61.64 51.42
N GLN D 116 57.73 -60.68 52.30
CA GLN D 116 59.06 -60.26 52.68
C GLN D 116 59.20 -60.49 54.19
N ILE D 117 60.25 -61.24 54.59
CA ILE D 117 60.39 -61.68 55.97
C ILE D 117 61.67 -61.08 56.55
N PHE D 118 61.56 -60.57 57.80
CA PHE D 118 62.69 -60.03 58.53
C PHE D 118 62.94 -60.91 59.75
N SER D 119 64.03 -61.69 59.71
CA SER D 119 64.31 -62.69 60.74
C SER D 119 65.81 -63.02 60.73
N GLN D 120 66.35 -63.30 61.93
CA GLN D 120 67.77 -63.59 62.10
C GLN D 120 68.61 -62.45 61.48
N GLY D 121 68.14 -61.20 61.66
CA GLY D 121 68.83 -60.02 61.15
C GLY D 121 69.06 -60.09 59.63
N GLY D 122 68.18 -60.81 58.92
CA GLY D 122 68.27 -60.95 57.46
C GLY D 122 66.90 -60.70 56.81
N ILE D 123 66.86 -60.54 55.48
CA ILE D 123 65.62 -60.23 54.78
C ILE D 123 65.45 -61.17 53.58
N SER D 124 64.31 -61.88 53.55
CA SER D 124 63.97 -62.75 52.44
C SER D 124 62.71 -62.25 51.75
N SER D 125 62.48 -62.76 50.55
CA SER D 125 61.44 -62.24 49.68
C SER D 125 61.06 -63.32 48.68
N VAL D 126 59.79 -63.72 48.70
CA VAL D 126 59.33 -64.77 47.82
C VAL D 126 57.98 -64.36 47.22
N LYS D 127 57.77 -64.79 45.97
CA LYS D 127 56.51 -64.60 45.28
C LYS D 127 55.51 -65.66 45.75
N LEU D 128 54.33 -65.21 46.21
CA LEU D 128 53.26 -66.09 46.66
C LEU D 128 52.36 -66.49 45.49
N GLY D 129 52.15 -65.57 44.53
CA GLY D 129 51.21 -65.85 43.44
C GLY D 129 50.60 -64.58 42.84
N THR D 130 49.45 -64.78 42.13
CA THR D 130 48.75 -63.71 41.39
C THR D 130 47.24 -63.92 41.51
N PHE D 131 46.50 -62.82 41.33
CA PHE D 131 45.06 -62.88 41.31
C PHE D 131 44.52 -61.77 40.43
N ILE D 132 43.24 -61.88 40.14
CA ILE D 132 42.50 -60.85 39.46
C ILE D 132 41.61 -60.15 40.47
N LEU D 133 41.51 -58.84 40.33
CA LEU D 133 40.68 -58.02 41.20
C LEU D 133 39.70 -57.23 40.33
N LEU D 134 38.41 -57.36 40.66
CA LEU D 134 37.36 -56.72 39.88
C LEU D 134 36.65 -55.69 40.72
N PHE D 135 35.77 -54.94 40.07
CA PHE D 135 34.82 -54.06 40.73
C PHE D 135 33.86 -54.89 41.56
N ASN D 136 33.32 -54.27 42.61
CA ASN D 136 32.55 -55.00 43.59
C ASN D 136 31.17 -54.35 43.78
N PRO D 137 30.17 -54.78 43.01
CA PRO D 137 28.83 -54.19 43.12
C PRO D 137 28.02 -54.65 44.31
N TRP D 138 28.58 -55.57 45.11
CA TRP D 138 27.95 -56.03 46.35
C TRP D 138 28.40 -55.16 47.54
N LEU D 139 29.32 -54.26 47.31
CA LEU D 139 29.96 -53.55 48.40
C LEU D 139 29.47 -52.10 48.44
N ASN D 140 28.85 -51.75 49.56
CA ASN D 140 28.07 -50.52 49.65
C ASN D 140 28.96 -49.29 49.38
N VAL D 141 30.28 -49.39 49.65
CA VAL D 141 31.17 -48.24 49.48
C VAL D 141 31.81 -48.20 48.06
N ASP D 142 31.80 -49.32 47.30
CA ASP D 142 32.31 -49.28 45.93
C ASP D 142 31.44 -48.34 45.12
N SER D 143 32.04 -47.65 44.14
CA SER D 143 31.32 -46.72 43.30
C SER D 143 30.27 -47.45 42.43
N VAL D 144 30.41 -48.77 42.24
CA VAL D 144 29.51 -49.48 41.33
C VAL D 144 28.41 -50.17 42.15
N PHE D 145 28.25 -49.79 43.42
CA PHE D 145 27.31 -50.48 44.30
C PHE D 145 25.92 -50.51 43.66
N MET D 146 25.31 -51.70 43.66
CA MET D 146 23.91 -51.86 43.27
C MET D 146 23.23 -52.70 44.36
N GLY D 147 22.41 -52.04 45.18
CA GLY D 147 21.91 -52.62 46.43
C GLY D 147 20.85 -53.71 46.21
N ASN D 148 19.95 -53.50 45.24
CA ASN D 148 18.87 -54.45 44.99
C ASN D 148 19.44 -55.74 44.38
N HIS D 149 19.05 -56.89 44.96
CA HIS D 149 19.68 -58.18 44.65
C HIS D 149 19.22 -58.71 43.28
N ALA D 150 17.90 -58.63 43.01
CA ALA D 150 17.34 -59.04 41.70
C ALA D 150 18.03 -58.29 40.55
N GLU D 151 18.17 -56.96 40.73
CA GLU D 151 18.72 -56.09 39.70
C GLU D 151 20.19 -56.46 39.46
N ARG D 152 20.90 -56.79 40.55
CA ARG D 152 22.30 -57.14 40.51
C ARG D 152 22.50 -58.43 39.71
N GLU D 153 21.64 -59.44 39.96
CA GLU D 153 21.75 -60.72 39.28
C GLU D 153 21.56 -60.52 37.78
N GLU D 154 20.65 -59.61 37.39
CA GLU D 154 20.35 -59.35 35.99
C GLU D 154 21.56 -58.66 35.34
N TYR D 155 22.03 -57.58 35.98
CA TYR D 155 22.83 -56.59 35.30
C TYR D 155 24.32 -56.91 35.42
N VAL D 156 24.64 -57.93 36.26
CA VAL D 156 26.01 -58.37 36.46
C VAL D 156 26.13 -59.84 36.05
N GLN D 157 25.26 -60.71 36.63
CA GLN D 157 25.52 -62.15 36.67
C GLN D 157 24.80 -62.87 35.50
N GLU D 158 23.91 -62.17 34.80
CA GLU D 158 23.15 -62.78 33.71
C GLU D 158 23.95 -62.72 32.39
N ASP D 159 24.21 -63.88 31.79
CA ASP D 159 25.13 -63.98 30.65
C ASP D 159 24.34 -64.07 29.33
N ALA D 160 23.00 -63.97 29.41
CA ALA D 160 22.19 -64.02 28.19
C ALA D 160 21.09 -62.98 28.26
N GLY D 161 20.80 -62.38 27.10
CA GLY D 161 19.96 -61.18 27.06
C GLY D 161 19.22 -61.04 25.72
N ILE D 162 18.63 -59.87 25.54
CA ILE D 162 17.63 -59.65 24.52
C ILE D 162 17.78 -58.19 24.06
N ILE D 163 17.99 -57.98 22.77
CA ILE D 163 18.12 -56.65 22.21
C ILE D 163 16.89 -56.37 21.33
N PHE D 164 16.29 -55.20 21.51
CA PHE D 164 15.16 -54.80 20.69
C PHE D 164 15.65 -54.12 19.41
N VAL D 165 14.89 -54.32 18.31
CA VAL D 165 15.31 -53.91 16.96
C VAL D 165 14.07 -53.56 16.11
N GLY D 166 14.34 -53.01 14.91
CA GLY D 166 13.31 -52.76 13.90
C GLY D 166 12.98 -51.27 13.77
N SER D 167 11.69 -50.94 13.78
CA SER D 167 11.25 -49.56 13.70
C SER D 167 10.01 -49.37 14.56
N THR D 168 9.56 -48.10 14.71
CA THR D 168 8.46 -47.74 15.59
C THR D 168 7.24 -48.58 15.29
N ASN D 169 7.01 -48.85 13.99
CA ASN D 169 5.85 -49.61 13.52
C ASN D 169 5.94 -51.06 14.06
N ARG D 170 7.13 -51.62 13.97
CA ARG D 170 7.33 -53.03 14.06
C ARG D 170 8.53 -53.31 14.91
N ILE D 171 8.33 -53.27 16.22
CA ILE D 171 9.37 -53.61 17.17
C ILE D 171 9.55 -55.12 17.25
N GLY D 172 10.82 -55.55 17.16
CA GLY D 172 11.20 -56.95 17.29
C GLY D 172 12.29 -57.10 18.34
N MET D 173 12.89 -58.31 18.39
CA MET D 173 13.95 -58.61 19.35
C MET D 173 14.90 -59.68 18.79
N ILE D 174 16.13 -59.70 19.31
CA ILE D 174 17.07 -60.78 19.00
C ILE D 174 17.76 -61.22 20.28
N GLY D 175 18.02 -62.51 20.35
CA GLY D 175 18.80 -63.08 21.42
C GLY D 175 20.27 -62.71 21.28
N TRP D 176 20.91 -62.52 22.42
CA TRP D 176 22.32 -62.25 22.44
C TRP D 176 22.96 -62.93 23.64
N ASN D 177 23.99 -63.73 23.34
CA ASN D 177 24.78 -64.39 24.36
C ASN D 177 25.96 -63.51 24.74
N PHE D 178 25.87 -62.87 25.92
CA PHE D 178 26.94 -62.04 26.46
C PHE D 178 28.15 -62.89 26.78
N GLY D 179 27.93 -64.00 27.48
CA GLY D 179 28.92 -65.08 27.57
C GLY D 179 30.15 -64.67 28.39
N GLN D 180 29.95 -63.82 29.40
CA GLN D 180 31.07 -63.29 30.18
C GLN D 180 31.83 -64.42 30.90
N PHE D 181 31.16 -65.56 31.16
CA PHE D 181 31.73 -66.59 32.01
C PHE D 181 32.50 -67.65 31.21
N GLU D 182 32.38 -67.62 29.88
CA GLU D 182 33.03 -68.64 29.05
C GLU D 182 34.55 -68.45 29.05
N GLU D 183 35.26 -69.53 28.72
CA GLU D 183 36.72 -69.61 28.87
C GLU D 183 37.39 -68.46 28.12
N ASP D 184 38.29 -67.74 28.81
CA ASP D 184 39.24 -66.79 28.21
C ASP D 184 38.59 -65.40 28.04
N ILE D 185 37.27 -65.30 28.26
CA ILE D 185 36.57 -64.06 27.95
C ILE D 185 36.89 -62.99 29.00
N LEU D 186 36.80 -63.33 30.28
CA LEU D 186 37.25 -62.38 31.31
C LEU D 186 38.66 -61.94 30.97
N SER D 187 39.52 -62.91 30.65
CA SER D 187 40.91 -62.58 30.38
C SER D 187 41.04 -61.63 29.19
N ILE D 188 40.30 -61.91 28.11
CA ILE D 188 40.37 -61.07 26.90
C ILE D 188 39.94 -59.64 27.25
N CYS D 189 38.86 -59.49 28.05
CA CYS D 189 38.32 -58.18 28.37
C CYS D 189 39.32 -57.36 29.19
N LEU D 190 40.11 -58.03 30.02
CA LEU D 190 41.20 -57.38 30.74
C LEU D 190 42.28 -56.94 29.76
N SER D 191 42.64 -57.84 28.81
CA SER D 191 43.54 -57.52 27.70
C SER D 191 43.20 -56.16 27.13
N ILE D 192 41.89 -55.91 26.95
CA ILE D 192 41.47 -54.76 26.18
C ILE D 192 42.09 -53.51 26.79
N LEU D 193 42.07 -53.42 28.12
CA LEU D 193 42.50 -52.21 28.80
C LEU D 193 43.97 -51.96 28.58
N ASP D 194 44.73 -53.06 28.35
CA ASP D 194 46.19 -53.01 28.16
C ASP D 194 46.55 -52.72 26.68
N ARG D 195 45.56 -52.41 25.87
CA ARG D 195 45.81 -52.18 24.45
C ARG D 195 45.21 -50.83 23.98
N SER D 196 44.63 -50.07 24.93
CA SER D 196 44.07 -48.75 24.63
C SER D 196 45.19 -47.78 24.26
N LEU D 197 44.80 -46.65 23.65
CA LEU D 197 45.71 -45.53 23.41
C LEU D 197 46.21 -45.00 24.75
N ASN D 198 45.26 -44.76 25.65
CA ASN D 198 45.52 -44.34 27.01
C ASN D 198 46.74 -45.08 27.57
N PHE D 199 46.78 -46.42 27.35
CA PHE D 199 47.78 -47.27 27.98
C PHE D 199 49.08 -47.21 27.17
N ARG D 200 48.94 -47.11 25.83
CA ARG D 200 50.11 -47.11 24.96
C ARG D 200 50.92 -45.84 25.20
N ARG D 201 50.23 -44.77 25.61
CA ARG D 201 50.88 -43.48 25.73
C ARG D 201 51.36 -43.23 27.18
N ASP D 202 50.69 -43.82 28.17
CA ASP D 202 51.16 -43.68 29.56
C ASP D 202 50.59 -44.79 30.42
N ALA D 203 51.27 -45.93 30.40
CA ALA D 203 50.77 -47.12 31.06
C ALA D 203 50.60 -46.88 32.56
N ALA D 204 51.57 -46.20 33.19
CA ALA D 204 51.57 -46.09 34.65
C ALA D 204 50.33 -45.34 35.12
N THR D 205 49.96 -44.31 34.37
CA THR D 205 48.83 -43.48 34.68
C THR D 205 47.55 -44.25 34.35
N ASP D 206 47.54 -44.95 33.19
CA ASP D 206 46.35 -45.70 32.79
C ASP D 206 45.98 -46.67 33.89
N VAL D 207 46.97 -47.39 34.44
CA VAL D 207 46.70 -48.48 35.35
C VAL D 207 46.19 -47.92 36.68
N ALA D 208 46.75 -46.78 37.10
CA ALA D 208 46.27 -46.10 38.30
C ALA D 208 44.81 -45.69 38.13
N SER D 209 44.39 -45.39 36.88
CA SER D 209 43.05 -44.88 36.60
C SER D 209 42.02 -46.01 36.55
N ARG D 210 42.48 -47.25 36.70
CA ARG D 210 41.60 -48.39 36.53
C ARG D 210 40.75 -48.61 37.78
N ASN D 211 40.97 -47.79 38.81
CA ASN D 211 40.14 -47.80 40.00
C ASN D 211 38.79 -47.12 39.72
N ASP D 212 38.67 -46.48 38.56
CA ASP D 212 37.57 -45.58 38.32
C ASP D 212 36.73 -46.10 37.13
N PRO D 213 35.45 -46.44 37.36
CA PRO D 213 34.58 -47.01 36.32
C PRO D 213 34.21 -46.02 35.24
N LYS D 214 34.31 -44.73 35.51
CA LYS D 214 34.11 -43.71 34.49
C LYS D 214 35.17 -43.88 33.43
N TYR D 215 36.41 -44.14 33.91
CA TYR D 215 37.58 -44.24 33.06
C TYR D 215 37.55 -45.54 32.29
N VAL D 216 37.49 -46.65 33.03
CA VAL D 216 37.37 -47.96 32.42
C VAL D 216 36.22 -47.97 31.40
N GLY D 217 35.08 -47.40 31.77
CA GLY D 217 33.91 -47.40 30.91
C GLY D 217 34.16 -46.67 29.57
N ARG D 218 34.83 -45.53 29.63
CA ARG D 218 35.01 -44.71 28.44
C ARG D 218 36.09 -45.33 27.53
N VAL D 219 37.12 -45.94 28.16
CA VAL D 219 38.15 -46.65 27.43
C VAL D 219 37.47 -47.75 26.60
N LEU D 220 36.50 -48.41 27.21
CA LEU D 220 35.86 -49.53 26.56
C LEU D 220 35.04 -49.02 25.38
N SER D 221 34.43 -47.84 25.53
CA SER D 221 33.61 -47.27 24.46
C SER D 221 34.47 -46.98 23.24
N ALA D 222 35.78 -46.81 23.45
CA ALA D 222 36.71 -46.60 22.35
C ALA D 222 37.14 -47.95 21.79
N MET D 223 37.49 -48.88 22.68
CA MET D 223 38.31 -50.01 22.29
C MET D 223 37.46 -51.14 21.65
N ILE D 224 36.14 -51.03 21.75
CA ILE D 224 35.26 -52.06 21.22
C ILE D 224 35.08 -51.83 19.71
N ASN D 225 35.40 -50.61 19.25
CA ASN D 225 35.43 -50.35 17.81
C ASN D 225 36.88 -50.26 17.34
N SER D 226 37.08 -50.68 16.06
CA SER D 226 38.37 -50.75 15.38
C SER D 226 39.01 -49.35 15.22
N ASN D 227 38.18 -48.31 15.03
CA ASN D 227 38.68 -46.98 14.73
C ASN D 227 39.77 -46.59 15.73
N ASP D 228 40.89 -46.06 15.20
CA ASP D 228 41.84 -45.30 16.01
C ASP D 228 42.88 -46.24 16.67
N ASP D 229 42.49 -47.48 17.02
CA ASP D 229 43.18 -48.21 18.09
C ASP D 229 43.25 -49.74 17.82
N ASN D 230 42.71 -50.19 16.67
CA ASN D 230 42.67 -51.60 16.31
C ASN D 230 41.82 -52.38 17.29
N GLY D 231 40.74 -51.75 17.76
CA GLY D 231 39.82 -52.38 18.70
C GLY D 231 39.02 -53.48 18.03
N VAL D 232 37.98 -53.95 18.70
CA VAL D 232 37.51 -55.31 18.49
C VAL D 232 36.78 -55.41 17.15
N LEU D 233 35.86 -54.47 16.90
CA LEU D 233 34.89 -54.61 15.83
C LEU D 233 35.03 -53.48 14.81
N ALA D 234 34.91 -53.84 13.54
CA ALA D 234 34.83 -52.87 12.46
C ALA D 234 33.40 -52.80 11.90
N GLY D 235 32.83 -51.61 11.94
CA GLY D 235 31.49 -51.40 11.43
C GLY D 235 31.45 -51.38 9.90
N ASN D 236 30.32 -51.80 9.34
CA ASN D 236 30.05 -51.72 7.92
C ASN D 236 28.52 -51.65 7.72
N TRP D 237 28.05 -50.55 7.10
CA TRP D 237 26.65 -50.37 6.81
C TRP D 237 26.41 -50.34 5.29
N SER D 238 27.40 -50.83 4.51
CA SER D 238 27.37 -50.73 3.03
C SER D 238 26.28 -51.63 2.44
N GLY D 239 25.98 -52.74 3.10
CA GLY D 239 25.10 -53.76 2.55
C GLY D 239 25.89 -54.91 1.90
N THR D 240 27.18 -54.69 1.66
CA THR D 240 28.04 -55.71 1.07
C THR D 240 29.15 -56.05 2.06
N TYR D 241 29.23 -57.33 2.46
CA TYR D 241 29.99 -57.73 3.62
C TYR D 241 31.07 -58.71 3.19
N THR D 242 31.64 -58.46 2.02
CA THR D 242 32.71 -59.28 1.47
C THR D 242 33.99 -59.10 2.30
N GLY D 243 34.69 -60.22 2.53
CA GLY D 243 35.91 -60.21 3.30
C GLY D 243 35.66 -60.41 4.81
N GLY D 244 34.37 -60.66 5.19
CA GLY D 244 34.02 -60.88 6.59
C GLY D 244 32.57 -61.38 6.76
N ARG D 245 32.09 -61.30 8.01
CA ARG D 245 30.76 -61.81 8.38
C ARG D 245 29.72 -60.70 8.25
N ASP D 246 28.55 -61.06 7.76
CA ASP D 246 27.39 -60.20 7.84
C ASP D 246 27.06 -59.92 9.30
N PRO D 247 26.86 -58.64 9.70
CA PRO D 247 26.49 -58.31 11.07
C PRO D 247 25.31 -59.11 11.61
N ARG D 248 24.39 -59.48 10.72
CA ARG D 248 23.18 -60.19 11.12
C ARG D 248 23.50 -61.67 11.42
N SER D 249 24.77 -62.06 11.33
CA SER D 249 25.11 -63.47 11.43
C SER D 249 25.72 -63.81 12.80
N TRP D 250 26.14 -62.79 13.56
CA TRP D 250 26.60 -62.99 14.94
C TRP D 250 25.40 -63.27 15.87
N ASN D 251 25.62 -64.07 16.95
CA ASN D 251 24.57 -64.40 17.93
C ASN D 251 24.99 -64.01 19.35
N GLY D 252 26.24 -63.55 19.50
CA GLY D 252 26.76 -63.22 20.82
C GLY D 252 28.17 -62.67 20.70
N SER D 253 28.84 -62.52 21.84
CA SER D 253 30.08 -61.76 21.93
C SER D 253 31.29 -62.70 21.81
N VAL D 254 31.08 -63.99 22.09
CA VAL D 254 32.18 -64.85 22.47
C VAL D 254 33.06 -65.09 21.23
N GLU D 255 32.40 -65.38 20.08
CA GLU D 255 33.12 -65.60 18.82
C GLU D 255 33.92 -64.35 18.46
N ILE D 256 33.27 -63.20 18.64
CA ILE D 256 33.84 -61.93 18.25
C ILE D 256 35.14 -61.72 19.05
N LEU D 257 35.04 -61.84 20.37
CA LEU D 257 36.15 -61.47 21.24
C LEU D 257 37.30 -62.46 21.04
N LYS D 258 36.95 -63.73 20.87
CA LYS D 258 37.93 -64.78 20.61
C LYS D 258 38.60 -64.55 19.25
N ASN D 259 37.81 -64.20 18.22
CA ASN D 259 38.38 -64.04 16.89
C ASN D 259 39.32 -62.84 16.91
N TRP D 260 38.99 -61.82 17.71
CA TRP D 260 39.86 -60.66 17.86
C TRP D 260 41.20 -61.12 18.42
N LYS D 261 41.17 -61.91 19.49
CA LYS D 261 42.40 -62.32 20.18
C LYS D 261 43.23 -63.19 19.26
N LYS D 262 42.56 -64.15 18.58
CA LYS D 262 43.23 -65.22 17.83
C LYS D 262 43.90 -64.65 16.59
N SER D 263 43.40 -63.53 16.07
CA SER D 263 43.99 -62.90 14.90
C SER D 263 45.17 -62.02 15.29
N GLY D 264 45.59 -62.09 16.57
CA GLY D 264 46.57 -61.16 17.14
C GLY D 264 46.01 -59.74 17.25
N PHE D 265 44.79 -59.62 17.85
CA PHE D 265 44.21 -58.34 18.22
C PHE D 265 44.00 -57.48 16.97
N SER D 266 43.55 -58.16 15.90
CA SER D 266 43.22 -57.55 14.64
C SER D 266 41.70 -57.41 14.54
N PRO D 267 41.18 -56.26 14.02
CA PRO D 267 39.74 -56.02 13.99
C PRO D 267 38.92 -57.10 13.31
N VAL D 268 37.70 -57.27 13.82
CA VAL D 268 36.79 -58.29 13.38
C VAL D 268 35.75 -57.65 12.49
N ARG D 269 35.47 -58.31 11.36
CA ARG D 269 34.61 -57.78 10.31
C ARG D 269 33.39 -58.69 10.19
N TYR D 270 32.15 -58.14 10.24
CA TYR D 270 31.83 -56.74 10.49
C TYR D 270 30.68 -56.64 11.50
N GLY D 271 30.51 -55.44 12.08
CA GLY D 271 29.45 -55.20 13.07
C GLY D 271 28.53 -54.03 12.67
N GLN D 272 27.35 -53.98 13.31
CA GLN D 272 26.51 -52.81 13.41
C GLN D 272 26.12 -52.59 14.88
N CYS D 273 25.19 -51.65 15.13
CA CYS D 273 25.07 -51.02 16.44
C CYS D 273 24.84 -52.07 17.53
N TRP D 274 23.89 -52.96 17.31
CA TRP D 274 23.53 -53.94 18.32
C TRP D 274 24.72 -54.86 18.60
N VAL D 275 25.59 -55.03 17.59
CA VAL D 275 26.76 -55.91 17.73
C VAL D 275 27.81 -55.23 18.60
N PHE D 276 27.94 -53.90 18.45
CA PHE D 276 28.81 -53.13 19.33
C PHE D 276 28.25 -53.17 20.75
N ALA D 277 26.94 -52.88 20.89
CA ALA D 277 26.34 -52.76 22.21
C ALA D 277 26.44 -54.09 22.97
N GLY D 278 26.26 -55.21 22.26
CA GLY D 278 26.27 -56.50 22.91
C GLY D 278 27.66 -56.88 23.38
N THR D 279 28.67 -56.54 22.57
CA THR D 279 30.06 -56.86 22.87
C THR D 279 30.54 -56.00 24.02
N LEU D 280 30.16 -54.71 24.02
CA LEU D 280 30.51 -53.82 25.12
C LEU D 280 29.88 -54.32 26.44
N ASN D 281 28.66 -54.86 26.34
CA ASN D 281 27.94 -55.34 27.54
C ASN D 281 28.69 -56.50 28.18
N THR D 282 29.25 -57.39 27.35
CA THR D 282 30.06 -58.49 27.85
C THR D 282 31.20 -57.92 28.68
N ALA D 283 31.86 -56.91 28.13
CA ALA D 283 33.07 -56.39 28.74
C ALA D 283 32.72 -55.77 30.09
N LEU D 284 31.61 -55.02 30.11
CA LEU D 284 31.22 -54.30 31.32
C LEU D 284 30.83 -55.31 32.40
N ARG D 285 30.01 -56.30 32.06
CA ARG D 285 29.54 -57.24 33.06
C ARG D 285 30.72 -58.09 33.57
N SER D 286 31.70 -58.36 32.70
CA SER D 286 32.88 -59.12 33.07
C SER D 286 33.59 -58.46 34.24
N LEU D 287 33.80 -57.15 34.11
CA LEU D 287 34.72 -56.45 34.97
C LEU D 287 34.03 -56.02 36.25
N GLY D 288 32.69 -56.11 36.27
CA GLY D 288 31.94 -55.80 37.47
C GLY D 288 31.21 -54.47 37.37
N ILE D 289 31.00 -53.98 36.16
CA ILE D 289 30.16 -52.80 35.99
C ILE D 289 28.77 -53.25 35.52
N PRO D 290 27.77 -53.25 36.43
CA PRO D 290 26.43 -53.61 36.02
C PRO D 290 25.96 -52.77 34.84
N SER D 291 25.36 -53.42 33.84
CA SER D 291 25.05 -52.76 32.58
C SER D 291 23.89 -53.43 31.89
N ARG D 292 23.32 -52.73 30.89
CA ARG D 292 22.25 -53.25 30.07
C ARG D 292 22.26 -52.60 28.68
N VAL D 293 21.42 -53.12 27.79
CA VAL D 293 21.39 -52.69 26.42
C VAL D 293 20.12 -51.88 26.17
N ILE D 294 20.31 -50.70 25.58
CA ILE D 294 19.25 -49.75 25.31
C ILE D 294 19.09 -49.65 23.80
N THR D 295 17.83 -49.70 23.35
CA THR D 295 17.47 -49.43 21.97
C THR D 295 16.61 -48.16 21.90
N ASN D 296 16.85 -47.34 20.87
CA ASN D 296 16.14 -46.07 20.68
C ASN D 296 15.62 -46.02 19.24
N PHE D 297 14.29 -45.86 19.05
CA PHE D 297 13.72 -45.80 17.71
C PHE D 297 13.56 -44.34 17.29
N ASN D 298 13.71 -44.10 15.98
CA ASN D 298 13.88 -42.77 15.42
C ASN D 298 15.05 -42.06 16.13
N SER D 299 16.25 -42.66 16.08
CA SER D 299 17.42 -42.13 16.77
C SER D 299 18.08 -41.07 15.89
N ALA D 300 18.23 -39.85 16.41
CA ALA D 300 18.88 -38.76 15.70
C ALA D 300 20.40 -38.92 15.70
N HIS D 301 21.01 -38.67 14.52
CA HIS D 301 22.42 -38.37 14.39
C HIS D 301 22.59 -36.91 14.01
N ASP D 302 22.84 -36.08 15.03
CA ASP D 302 23.12 -34.67 14.80
C ASP D 302 24.63 -34.49 14.60
N THR D 303 24.98 -33.71 13.60
CA THR D 303 26.35 -33.66 13.12
C THR D 303 26.88 -32.24 13.23
N ASP D 304 26.29 -31.41 14.10
CA ASP D 304 26.65 -30.00 14.20
C ASP D 304 26.13 -29.35 15.49
N ARG D 305 25.93 -30.15 16.53
CA ARG D 305 25.91 -29.66 17.90
C ARG D 305 24.90 -28.51 18.11
N ASN D 306 23.67 -28.65 17.58
CA ASN D 306 22.64 -27.63 17.78
C ASN D 306 21.34 -28.25 18.33
N LEU D 307 21.36 -29.57 18.61
CA LEU D 307 20.27 -30.26 19.28
C LEU D 307 19.06 -30.37 18.33
N SER D 308 19.32 -30.45 17.02
CA SER D 308 18.23 -30.48 16.05
C SER D 308 18.68 -31.17 14.77
N VAL D 309 17.72 -31.77 14.08
CA VAL D 309 17.95 -32.44 12.80
C VAL D 309 17.41 -31.55 11.70
N ASP D 310 18.32 -31.02 10.87
CA ASP D 310 17.97 -29.89 10.01
C ASP D 310 17.81 -30.37 8.58
N VAL D 311 16.66 -30.00 7.99
CA VAL D 311 16.37 -30.13 6.55
C VAL D 311 16.17 -28.74 5.93
N TYR D 312 16.50 -28.60 4.63
CA TYR D 312 16.73 -27.26 4.07
C TYR D 312 15.96 -27.11 2.75
N TYR D 313 15.34 -25.94 2.56
CA TYR D 313 14.57 -25.68 1.34
C TYR D 313 14.76 -24.24 0.91
N ASP D 314 14.63 -24.00 -0.41
CA ASP D 314 14.52 -22.65 -0.93
C ASP D 314 13.10 -22.14 -0.69
N PRO D 315 12.92 -20.81 -0.59
CA PRO D 315 11.63 -20.24 -0.22
C PRO D 315 10.53 -20.49 -1.24
N MET D 316 10.85 -21.30 -2.26
CA MET D 316 9.92 -21.65 -3.32
C MET D 316 9.49 -23.10 -3.18
N GLY D 317 10.25 -23.90 -2.39
CA GLY D 317 9.86 -25.26 -2.07
C GLY D 317 10.92 -26.29 -2.46
N ASN D 318 11.69 -25.99 -3.51
CA ASN D 318 12.73 -26.90 -3.95
C ASN D 318 13.63 -27.26 -2.76
N PRO D 319 14.02 -28.54 -2.65
CA PRO D 319 14.86 -28.99 -1.55
C PRO D 319 16.35 -28.78 -1.82
N LEU D 320 17.03 -28.09 -0.92
CA LEU D 320 18.47 -27.88 -1.00
C LEU D 320 19.18 -29.05 -0.34
N ASP D 321 20.05 -29.69 -1.07
CA ASP D 321 20.74 -30.84 -0.54
C ASP D 321 21.89 -30.33 0.33
N LYS D 322 21.56 -29.90 1.57
CA LYS D 322 22.56 -29.45 2.55
C LYS D 322 22.36 -30.14 3.90
N GLY D 323 23.37 -30.03 4.78
CA GLY D 323 23.35 -30.66 6.10
C GLY D 323 23.81 -32.11 6.04
N SER D 324 24.25 -32.65 7.20
CA SER D 324 24.62 -34.05 7.32
C SER D 324 23.64 -34.80 8.23
N ASP D 325 22.89 -34.05 9.05
CA ASP D 325 21.94 -34.60 10.04
C ASP D 325 21.16 -35.77 9.42
N SER D 326 21.00 -36.89 10.19
CA SER D 326 20.15 -38.01 9.74
C SER D 326 19.38 -38.60 10.91
N VAL D 327 18.50 -39.57 10.59
CA VAL D 327 17.76 -40.30 11.63
C VAL D 327 17.71 -41.79 11.28
N TRP D 328 18.15 -42.61 12.24
CA TRP D 328 18.13 -44.07 12.15
C TRP D 328 16.73 -44.59 12.49
N ASN D 329 16.34 -45.73 11.89
CA ASN D 329 15.13 -46.44 12.30
C ASN D 329 15.25 -46.88 13.77
N PHE D 330 16.36 -47.54 14.12
CA PHE D 330 16.70 -47.80 15.51
C PHE D 330 18.21 -47.62 15.70
N HIS D 331 18.61 -47.28 16.95
CA HIS D 331 20.01 -47.33 17.38
C HIS D 331 20.10 -48.05 18.75
N VAL D 332 21.24 -48.69 19.01
CA VAL D 332 21.47 -49.43 20.25
C VAL D 332 22.77 -48.96 20.93
N TRP D 333 22.68 -48.69 22.26
CA TRP D 333 23.85 -48.39 23.09
C TRP D 333 23.70 -49.08 24.46
N ASN D 334 24.58 -48.73 25.41
CA ASN D 334 24.63 -49.37 26.72
C ASN D 334 24.45 -48.32 27.83
N GLU D 335 23.96 -48.75 28.99
CA GLU D 335 24.06 -47.98 30.23
C GLU D 335 24.86 -48.81 31.24
N GLY D 336 25.76 -48.14 31.97
CA GLY D 336 26.50 -48.74 33.08
C GLY D 336 26.15 -48.02 34.38
N TRP D 337 26.25 -48.74 35.50
CA TRP D 337 25.75 -48.25 36.78
C TRP D 337 26.93 -47.84 37.68
N PHE D 338 27.08 -46.51 37.93
CA PHE D 338 28.05 -46.04 38.93
C PHE D 338 27.75 -44.61 39.38
N VAL D 339 28.29 -44.25 40.56
CA VAL D 339 28.22 -42.89 41.05
C VAL D 339 29.15 -42.00 40.22
N ARG D 340 28.88 -40.69 40.21
CA ARG D 340 29.68 -39.73 39.47
C ARG D 340 30.29 -38.70 40.44
N SER D 341 31.47 -39.03 40.97
CA SER D 341 32.16 -38.16 41.91
C SER D 341 32.65 -36.87 41.20
N ASP D 342 32.79 -36.93 39.88
CA ASP D 342 33.19 -35.78 39.06
C ASP D 342 32.03 -34.78 38.88
N LEU D 343 30.78 -35.22 39.14
CA LEU D 343 29.61 -34.44 38.73
C LEU D 343 28.87 -33.91 39.95
N GLY D 344 28.57 -34.80 40.91
CA GLY D 344 27.73 -34.46 42.03
C GLY D 344 26.82 -35.60 42.41
N PRO D 345 26.27 -35.59 43.65
CA PRO D 345 25.50 -36.71 44.17
C PRO D 345 24.21 -36.96 43.39
N SER D 346 23.70 -35.90 42.79
CA SER D 346 22.42 -35.98 42.12
C SER D 346 22.54 -36.64 40.73
N TYR D 347 23.75 -37.07 40.31
CA TYR D 347 23.98 -37.49 38.92
C TYR D 347 24.42 -38.97 38.82
N GLY D 348 24.44 -39.72 39.96
CA GLY D 348 24.82 -41.15 39.93
C GLY D 348 23.81 -42.02 39.14
N GLY D 349 23.92 -43.38 39.30
CA GLY D 349 23.02 -44.32 38.61
C GLY D 349 23.46 -44.57 37.16
N TRP D 350 22.49 -44.64 36.23
CA TRP D 350 22.77 -45.13 34.88
C TRP D 350 23.52 -44.08 34.05
N GLN D 351 24.54 -44.57 33.33
CA GLN D 351 25.42 -43.75 32.52
C GLN D 351 25.53 -44.35 31.13
N VAL D 352 25.22 -43.54 30.11
CA VAL D 352 25.29 -43.95 28.73
C VAL D 352 26.75 -44.17 28.30
N LEU D 353 26.99 -45.31 27.64
CA LEU D 353 28.23 -45.61 26.93
C LEU D 353 27.88 -46.20 25.57
N ASP D 354 28.57 -45.71 24.53
CA ASP D 354 28.25 -46.04 23.14
C ASP D 354 29.56 -46.34 22.40
N ALA D 355 29.69 -47.56 21.88
CA ALA D 355 30.92 -47.95 21.22
C ALA D 355 30.77 -47.89 19.71
N THR D 356 29.55 -47.55 19.23
CA THR D 356 29.30 -47.42 17.79
C THR D 356 29.94 -46.11 17.30
N PRO D 357 30.85 -46.16 16.29
CA PRO D 357 31.54 -44.95 15.85
C PRO D 357 30.63 -44.02 15.05
N GLN D 358 30.04 -43.04 15.72
CA GLN D 358 29.19 -42.09 15.05
C GLN D 358 29.93 -40.75 14.97
N GLU D 359 30.27 -40.17 16.12
CA GLU D 359 30.95 -38.88 16.14
C GLU D 359 32.20 -39.01 17.01
N ARG D 360 33.16 -38.14 16.75
CA ARG D 360 34.41 -38.17 17.48
C ARG D 360 34.27 -37.34 18.73
N SER D 361 35.11 -37.64 19.71
CA SER D 361 35.07 -37.01 21.01
C SER D 361 36.49 -36.87 21.53
N GLN D 362 37.01 -35.64 21.49
CA GLN D 362 38.42 -35.41 21.75
C GLN D 362 39.24 -36.19 20.72
N GLY D 363 38.75 -36.23 19.47
CA GLY D 363 39.52 -36.73 18.35
C GLY D 363 39.37 -38.25 18.16
N VAL D 364 38.64 -38.92 19.06
CA VAL D 364 38.57 -40.38 19.08
C VAL D 364 37.11 -40.80 18.97
N PHE D 365 36.86 -41.95 18.32
CA PHE D 365 35.52 -42.55 18.35
C PHE D 365 35.30 -43.19 19.72
N GLN D 366 34.77 -42.39 20.64
CA GLN D 366 34.42 -42.79 21.99
C GLN D 366 33.20 -41.98 22.41
N CYS D 367 32.49 -42.44 23.45
CA CYS D 367 31.22 -41.81 23.79
C CYS D 367 30.78 -42.22 25.18
N GLY D 368 30.70 -41.23 26.08
CA GLY D 368 30.22 -41.44 27.45
C GLY D 368 31.37 -41.51 28.47
N PRO D 369 31.08 -41.62 29.80
CA PRO D 369 29.72 -41.75 30.31
C PRO D 369 28.91 -40.45 30.37
N ALA D 370 27.58 -40.58 30.18
CA ALA D 370 26.63 -39.48 30.27
C ALA D 370 25.50 -39.83 31.24
N SER D 371 25.36 -39.04 32.31
CA SER D 371 24.30 -39.23 33.30
C SER D 371 22.95 -39.19 32.60
N VAL D 372 22.19 -40.29 32.70
CA VAL D 372 20.89 -40.36 32.05
C VAL D 372 20.01 -39.29 32.69
N ILE D 373 20.09 -39.17 34.01
CA ILE D 373 19.43 -38.12 34.77
C ILE D 373 19.78 -36.77 34.16
N GLY D 374 21.07 -36.60 33.84
CA GLY D 374 21.56 -35.34 33.31
C GLY D 374 20.87 -35.02 31.98
N VAL D 375 20.74 -36.05 31.13
CA VAL D 375 20.23 -35.86 29.79
C VAL D 375 18.79 -35.41 29.87
N ARG D 376 18.08 -35.97 30.84
CA ARG D 376 16.67 -35.70 31.01
C ARG D 376 16.47 -34.26 31.45
N GLU D 377 17.37 -33.77 32.35
CA GLU D 377 17.27 -32.41 32.89
C GLU D 377 17.88 -31.38 31.91
N GLY D 378 18.39 -31.83 30.77
CA GLY D 378 18.93 -30.93 29.77
C GLY D 378 20.25 -30.29 30.21
N ASP D 379 20.93 -30.93 31.17
CA ASP D 379 22.17 -30.40 31.74
C ASP D 379 23.37 -30.75 30.82
N VAL D 380 23.35 -30.24 29.57
CA VAL D 380 24.16 -30.83 28.50
C VAL D 380 25.54 -30.19 28.42
N GLN D 381 25.91 -29.38 29.40
CA GLN D 381 27.26 -28.87 29.48
C GLN D 381 28.18 -29.86 30.18
N LEU D 382 27.61 -31.00 30.64
CA LEU D 382 28.35 -31.91 31.50
C LEU D 382 29.08 -32.97 30.67
N ASN D 383 30.09 -33.59 31.31
CA ASN D 383 30.83 -34.69 30.73
C ASN D 383 30.03 -35.97 30.85
N PHE D 384 30.09 -36.86 29.82
CA PHE D 384 30.72 -36.64 28.51
C PHE D 384 29.67 -36.74 27.36
N ASP D 385 29.82 -35.93 26.32
CA ASP D 385 29.15 -36.14 25.04
C ASP D 385 27.65 -35.95 25.18
N MET D 386 27.24 -35.04 26.05
CA MET D 386 25.83 -34.94 26.40
C MET D 386 25.02 -34.23 25.29
N PRO D 387 25.59 -33.31 24.51
CA PRO D 387 24.85 -32.78 23.37
C PRO D 387 24.52 -33.83 22.31
N PHE D 388 25.45 -34.74 22.05
CA PHE D 388 25.22 -35.74 21.02
C PHE D 388 24.06 -36.62 21.44
N ILE D 389 24.09 -37.03 22.72
CA ILE D 389 23.19 -38.04 23.24
C ILE D 389 21.84 -37.42 23.54
N PHE D 390 21.81 -36.13 23.89
CA PHE D 390 20.56 -35.40 23.99
C PHE D 390 19.86 -35.41 22.62
N ALA D 391 20.59 -35.01 21.57
CA ALA D 391 20.04 -35.04 20.22
C ALA D 391 19.46 -36.42 19.92
N GLU D 392 20.14 -37.49 20.37
CA GLU D 392 19.76 -38.84 19.96
C GLU D 392 18.31 -39.10 20.36
N VAL D 393 17.97 -38.74 21.59
CA VAL D 393 16.72 -39.18 22.19
C VAL D 393 15.68 -38.05 22.13
N ASN D 394 16.10 -36.79 21.95
CA ASN D 394 15.18 -35.66 22.12
C ASN D 394 15.57 -34.44 21.25
N ALA D 395 16.15 -34.68 20.07
CA ALA D 395 16.27 -33.63 19.04
C ALA D 395 14.89 -33.17 18.59
N ASP D 396 14.81 -31.91 18.15
CA ASP D 396 13.69 -31.43 17.35
C ASP D 396 14.08 -31.53 15.88
N ARG D 397 13.17 -32.01 15.05
CA ARG D 397 13.37 -31.97 13.62
C ARG D 397 12.87 -30.63 13.09
N ILE D 398 13.76 -29.85 12.46
CA ILE D 398 13.43 -28.49 11.99
C ILE D 398 13.62 -28.42 10.50
N THR D 399 12.61 -27.90 9.79
CA THR D 399 12.76 -27.58 8.37
C THR D 399 13.11 -26.12 8.27
N TRP D 400 14.13 -25.83 7.49
CA TRP D 400 14.65 -24.48 7.37
C TRP D 400 14.41 -23.96 5.94
N LEU D 401 14.15 -22.65 5.85
CA LEU D 401 14.17 -21.96 4.57
C LEU D 401 15.48 -21.18 4.43
N TYR D 402 16.14 -21.30 3.28
CA TYR D 402 17.43 -20.64 3.06
C TYR D 402 17.36 -19.80 1.78
N ASP D 403 17.62 -18.48 1.94
CA ASP D 403 17.65 -17.53 0.83
C ASP D 403 19.09 -17.29 0.41
N ASN D 404 19.46 -17.87 -0.75
CA ASN D 404 20.83 -17.91 -1.22
C ASN D 404 21.37 -16.48 -1.43
N THR D 405 20.49 -15.58 -1.90
CA THR D 405 20.89 -14.23 -2.28
C THR D 405 21.44 -13.51 -1.05
N THR D 406 20.74 -13.63 0.09
CA THR D 406 21.03 -12.83 1.27
C THR D 406 21.69 -13.69 2.32
N GLY D 407 21.61 -15.00 2.11
CA GLY D 407 22.21 -15.97 3.00
C GLY D 407 21.46 -16.03 4.32
N LYS D 408 20.24 -15.48 4.35
CA LYS D 408 19.36 -15.59 5.51
C LYS D 408 18.73 -16.99 5.56
N GLN D 409 18.55 -17.53 6.76
CA GLN D 409 17.73 -18.72 6.94
C GLN D 409 16.81 -18.52 8.13
N TRP D 410 15.68 -19.21 8.10
CA TRP D 410 14.69 -19.11 9.14
C TRP D 410 13.92 -20.42 9.28
N LYS D 411 13.36 -20.62 10.46
CA LYS D 411 12.59 -21.82 10.74
C LYS D 411 11.30 -21.81 9.91
N ASN D 412 10.90 -22.98 9.44
CA ASN D 412 9.68 -23.13 8.69
C ASN D 412 8.67 -23.90 9.52
N SER D 413 9.01 -25.16 9.85
CA SER D 413 8.25 -25.96 10.78
C SER D 413 9.18 -26.54 11.85
N VAL D 414 8.59 -26.98 12.95
CA VAL D 414 9.32 -27.68 14.01
C VAL D 414 8.51 -28.91 14.43
N ASN D 415 9.16 -30.06 14.47
CA ASN D 415 8.54 -31.28 14.96
C ASN D 415 9.30 -31.77 16.20
N SER D 416 8.63 -31.69 17.35
CA SER D 416 9.31 -31.70 18.63
C SER D 416 9.17 -33.05 19.31
N HIS D 417 8.59 -34.03 18.61
CA HIS D 417 8.23 -35.27 19.28
C HIS D 417 8.49 -36.50 18.41
N THR D 418 8.89 -36.32 17.15
CA THR D 418 9.14 -37.47 16.29
C THR D 418 10.41 -38.21 16.75
N ILE D 419 11.33 -37.53 17.47
CA ILE D 419 12.63 -38.15 17.79
C ILE D 419 12.57 -38.85 19.14
N GLY D 420 13.08 -40.09 19.17
CA GLY D 420 13.34 -40.81 20.40
C GLY D 420 12.08 -41.46 20.93
N ARG D 421 11.78 -42.67 20.44
CA ARG D 421 10.51 -43.32 20.71
C ARG D 421 10.76 -44.71 21.25
N TYR D 422 9.83 -45.19 22.06
CA TYR D 422 9.83 -46.57 22.52
C TYR D 422 11.22 -46.99 22.98
N ILE D 423 11.86 -46.17 23.80
CA ILE D 423 13.19 -46.50 24.27
C ILE D 423 13.08 -47.67 25.25
N SER D 424 13.93 -48.70 25.04
CA SER D 424 13.63 -50.08 25.44
C SER D 424 14.88 -50.79 25.98
N THR D 425 14.69 -51.60 27.03
CA THR D 425 15.71 -52.54 27.47
C THR D 425 15.01 -53.78 28.02
N LYS D 426 15.75 -54.88 28.13
CA LYS D 426 15.19 -56.16 28.59
C LYS D 426 14.74 -56.02 30.05
N ALA D 427 13.62 -56.71 30.38
CA ALA D 427 13.09 -56.71 31.75
C ALA D 427 14.03 -57.47 32.67
N VAL D 428 13.98 -57.09 33.97
CA VAL D 428 14.64 -57.87 35.01
C VAL D 428 13.89 -59.19 35.14
N GLY D 429 14.59 -60.30 34.89
CA GLY D 429 14.04 -61.61 35.18
C GLY D 429 13.30 -62.22 33.99
N SER D 430 12.70 -61.38 33.12
CA SER D 430 11.97 -61.89 31.97
C SER D 430 12.53 -61.29 30.66
N ASN D 431 11.88 -61.65 29.55
CA ASN D 431 12.26 -61.15 28.24
C ASN D 431 11.26 -60.10 27.76
N ALA D 432 10.54 -59.50 28.70
CA ALA D 432 9.63 -58.42 28.37
C ALA D 432 10.44 -57.16 28.11
N ARG D 433 9.80 -56.23 27.40
CA ARG D 433 10.37 -54.93 27.06
C ARG D 433 9.97 -53.93 28.13
N MET D 434 10.98 -53.34 28.78
CA MET D 434 10.75 -52.17 29.61
C MET D 434 10.89 -50.92 28.75
N ASP D 435 9.94 -50.00 28.89
CA ASP D 435 10.09 -48.67 28.32
C ASP D 435 10.80 -47.78 29.33
N VAL D 436 11.81 -47.05 28.86
CA VAL D 436 12.57 -46.17 29.70
C VAL D 436 12.62 -44.79 29.08
N THR D 437 11.65 -44.50 28.19
CA THR D 437 11.61 -43.21 27.52
C THR D 437 11.56 -42.09 28.58
N ASP D 438 10.71 -42.24 29.58
CA ASP D 438 10.47 -41.18 30.55
C ASP D 438 11.70 -40.99 31.48
N LYS D 439 12.67 -41.91 31.38
CA LYS D 439 13.90 -41.78 32.12
C LYS D 439 14.90 -40.89 31.37
N TYR D 440 14.71 -40.76 30.04
CA TYR D 440 15.61 -40.03 29.15
C TYR D 440 15.08 -38.61 28.91
N LYS D 441 13.77 -38.38 29.10
CA LYS D 441 13.17 -37.08 28.83
C LYS D 441 11.80 -36.90 29.49
N TYR D 442 11.39 -35.64 29.63
CA TYR D 442 10.07 -35.30 30.13
C TYR D 442 9.04 -35.62 29.06
N PRO D 443 7.75 -35.74 29.43
CA PRO D 443 6.75 -36.29 28.52
C PRO D 443 6.50 -35.41 27.31
N GLU D 444 6.59 -36.02 26.11
CA GLU D 444 6.41 -35.27 24.86
C GLU D 444 5.05 -34.53 24.90
N GLY D 445 5.07 -33.28 24.45
CA GLY D 445 3.87 -32.47 24.44
C GLY D 445 3.71 -31.61 25.70
N SER D 446 4.51 -31.89 26.75
CA SER D 446 4.38 -31.15 28.02
C SER D 446 5.17 -29.85 27.97
N ASP D 447 4.96 -29.01 29.00
CA ASP D 447 5.65 -27.75 29.13
C ASP D 447 7.12 -27.99 29.47
N GLN D 448 7.34 -28.84 30.48
CA GLN D 448 8.68 -29.03 31.05
C GLN D 448 9.63 -29.53 29.96
N GLU D 449 9.06 -30.32 29.04
CA GLU D 449 9.80 -30.96 27.98
C GLU D 449 10.38 -29.92 27.02
N ARG D 450 9.67 -28.79 26.92
CA ARG D 450 10.05 -27.73 26.02
C ARG D 450 11.02 -26.76 26.73
N GLN D 451 10.79 -26.55 28.02
CA GLN D 451 11.62 -25.68 28.82
C GLN D 451 12.99 -26.30 29.05
N VAL D 452 13.09 -27.65 28.98
CA VAL D 452 14.39 -28.32 29.07
C VAL D 452 15.07 -28.12 27.75
N PHE D 453 14.34 -28.39 26.68
CA PHE D 453 14.91 -28.24 25.37
C PHE D 453 15.54 -26.86 25.27
N GLN D 454 14.89 -25.86 25.86
CA GLN D 454 15.41 -24.51 25.83
C GLN D 454 16.67 -24.41 26.68
N LYS D 455 16.54 -24.82 27.95
CA LYS D 455 17.66 -24.86 28.87
C LYS D 455 18.89 -25.44 28.18
N ALA D 456 18.67 -26.54 27.46
CA ALA D 456 19.75 -27.34 26.91
C ALA D 456 20.40 -26.59 25.74
N LEU D 457 19.58 -25.85 25.00
CA LEU D 457 20.02 -25.13 23.81
C LEU D 457 20.92 -23.97 24.23
N GLY D 458 20.74 -23.51 25.45
CA GLY D 458 21.50 -22.41 25.95
C GLY D 458 22.73 -22.90 26.67
N LYS D 459 22.89 -24.21 26.81
CA LYS D 459 23.99 -24.77 27.59
C LYS D 459 25.11 -25.17 26.63
N LEU D 460 24.95 -24.83 25.34
CA LEU D 460 25.86 -25.29 24.32
C LEU D 460 27.10 -24.35 24.24
N GLN E 1 -3.49 -5.37 -7.42
CA GLN E 1 -2.16 -4.85 -7.89
C GLN E 1 -1.33 -4.28 -6.68
N ILE E 2 0.02 -4.37 -6.78
CA ILE E 2 0.94 -3.68 -5.84
C ILE E 2 1.33 -2.29 -6.39
N THR E 3 1.49 -1.32 -5.48
CA THR E 3 2.08 -0.02 -5.83
C THR E 3 2.89 0.54 -4.64
N LEU E 4 3.91 1.35 -4.99
CA LEU E 4 4.84 1.94 -4.02
C LEU E 4 5.11 3.39 -4.43
N LYS E 5 5.25 4.29 -3.43
CA LYS E 5 5.52 5.70 -3.70
C LYS E 5 6.58 6.21 -2.71
N GLU E 6 7.63 6.82 -3.28
CA GLU E 6 8.72 7.43 -2.53
C GLU E 6 8.35 8.87 -2.20
N SER E 7 9.02 9.43 -1.20
CA SER E 7 8.66 10.74 -0.68
C SER E 7 9.73 11.23 0.28
N GLY E 8 9.95 12.56 0.28
CA GLY E 8 10.93 13.21 1.13
C GLY E 8 11.46 14.51 0.52
N PRO E 9 12.53 15.10 1.07
CA PRO E 9 13.08 16.32 0.52
C PRO E 9 13.72 16.09 -0.83
N THR E 10 13.31 16.89 -1.81
CA THR E 10 13.94 16.86 -3.13
C THR E 10 15.34 17.49 -3.08
N LEU E 11 15.47 18.62 -2.35
CA LEU E 11 16.75 19.32 -2.23
C LEU E 11 17.42 18.90 -0.92
N VAL E 12 18.77 18.92 -0.88
CA VAL E 12 19.51 18.50 0.30
C VAL E 12 20.96 18.96 0.19
N LYS E 13 21.40 19.76 1.19
CA LYS E 13 22.66 20.51 1.13
C LYS E 13 23.79 19.60 1.59
N PRO E 14 25.02 19.81 1.04
CA PRO E 14 26.16 18.92 1.32
C PRO E 14 26.38 18.55 2.79
N THR E 15 26.95 17.36 3.00
CA THR E 15 27.32 16.86 4.32
C THR E 15 26.12 16.88 5.26
N GLN E 16 24.92 16.68 4.72
CA GLN E 16 23.73 16.55 5.54
C GLN E 16 23.29 15.09 5.56
N THR E 17 21.98 14.85 5.70
CA THR E 17 21.46 13.51 5.88
C THR E 17 20.13 13.38 5.17
N LEU E 18 20.11 12.50 4.14
CA LEU E 18 18.92 12.23 3.37
C LEU E 18 18.04 11.25 4.12
N THR E 19 16.73 11.57 4.18
CA THR E 19 15.72 10.66 4.71
C THR E 19 14.59 10.50 3.70
N LEU E 20 14.45 9.27 3.16
CA LEU E 20 13.39 8.98 2.20
C LEU E 20 12.40 8.02 2.82
N THR E 21 11.16 8.08 2.34
CA THR E 21 10.09 7.26 2.89
C THR E 21 9.36 6.58 1.74
N CYS E 22 9.22 5.25 1.87
CA CYS E 22 8.47 4.44 0.93
C CYS E 22 7.14 4.08 1.55
N THR E 23 6.07 4.38 0.84
CA THR E 23 4.75 3.98 1.28
C THR E 23 4.19 2.99 0.28
N PHE E 24 3.70 1.84 0.76
CA PHE E 24 3.29 0.80 -0.18
C PHE E 24 1.90 0.33 0.17
N SER E 25 1.28 -0.36 -0.79
CA SER E 25 -0.05 -0.93 -0.64
C SER E 25 -0.21 -2.16 -1.52
N GLY E 26 -0.92 -3.15 -1.00
CA GLY E 26 -1.18 -4.36 -1.77
C GLY E 26 -0.21 -5.47 -1.41
N PHE E 27 0.42 -5.36 -0.21
CA PHE E 27 0.98 -6.51 0.48
C PHE E 27 1.30 -6.10 1.92
N SER E 28 1.68 -7.08 2.76
CA SER E 28 2.12 -6.75 4.10
C SER E 28 3.59 -7.13 4.28
N LEU E 29 4.40 -6.16 4.73
CA LEU E 29 5.75 -6.42 5.20
C LEU E 29 5.72 -7.13 6.57
N ASP E 30 4.61 -7.76 6.90
CA ASP E 30 4.50 -8.54 8.12
C ASP E 30 4.39 -10.01 7.76
N THR E 31 4.09 -10.28 6.48
CA THR E 31 4.11 -11.63 5.92
C THR E 31 5.53 -12.21 6.01
N SER E 32 5.61 -13.48 6.40
CA SER E 32 6.86 -14.21 6.36
C SER E 32 7.39 -14.20 4.93
N GLY E 33 8.67 -13.83 4.78
CA GLY E 33 9.45 -14.17 3.61
C GLY E 33 9.57 -12.99 2.64
N VAL E 34 9.22 -11.81 3.14
CA VAL E 34 8.92 -10.65 2.31
C VAL E 34 9.88 -9.53 2.68
N SER E 35 10.28 -8.76 1.67
CA SER E 35 11.33 -7.77 1.83
C SER E 35 11.00 -6.53 1.00
N VAL E 36 11.50 -5.39 1.45
CA VAL E 36 11.47 -4.16 0.70
C VAL E 36 12.87 -3.64 0.60
N GLY E 37 13.21 -3.04 -0.56
CA GLY E 37 14.56 -2.60 -0.83
C GLY E 37 14.58 -1.27 -1.56
N TRP E 38 15.76 -0.64 -1.59
CA TRP E 38 15.96 0.65 -2.22
C TRP E 38 17.04 0.54 -3.29
N ILE E 39 16.86 1.32 -4.36
CA ILE E 39 17.83 1.43 -5.43
C ILE E 39 17.88 2.89 -5.87
N ARG E 40 19.02 3.31 -6.42
CA ARG E 40 19.17 4.67 -6.91
C ARG E 40 19.83 4.66 -8.28
N GLN E 41 19.49 5.68 -9.09
CA GLN E 41 20.01 5.79 -10.43
C GLN E 41 20.51 7.22 -10.68
N PRO E 42 21.85 7.45 -10.57
CA PRO E 42 22.44 8.72 -10.94
C PRO E 42 22.08 9.10 -12.35
N PRO E 43 21.89 10.42 -12.65
CA PRO E 43 21.59 10.86 -14.00
C PRO E 43 22.54 10.25 -15.02
N GLY E 44 21.95 9.57 -16.04
CA GLY E 44 22.69 8.83 -17.05
C GLY E 44 23.73 7.89 -16.44
N LYS E 45 23.28 6.85 -15.78
CA LYS E 45 24.20 5.90 -15.17
C LYS E 45 23.42 4.61 -14.86
N ALA E 46 24.08 3.66 -14.17
CA ALA E 46 23.50 2.35 -13.93
C ALA E 46 22.78 2.37 -12.60
N LEU E 47 21.82 1.45 -12.43
CA LEU E 47 21.10 1.31 -11.18
C LEU E 47 22.04 0.74 -10.12
N GLU E 48 21.94 1.25 -8.88
CA GLU E 48 22.75 0.76 -7.76
C GLU E 48 21.86 0.31 -6.59
N TRP E 49 21.91 -0.97 -6.24
CA TRP E 49 21.15 -1.46 -5.08
C TRP E 49 21.82 -0.96 -3.80
N LEU E 50 20.99 -0.49 -2.84
CA LEU E 50 21.47 0.21 -1.66
C LEU E 50 21.19 -0.60 -0.40
N ALA E 51 19.91 -0.96 -0.15
CA ALA E 51 19.62 -1.72 1.05
C ALA E 51 18.30 -2.50 0.94
N LEU E 52 17.97 -3.21 2.03
CA LEU E 52 16.85 -4.13 2.05
C LEU E 52 16.55 -4.51 3.50
N ILE E 53 15.25 -4.47 3.83
CA ILE E 53 14.79 -4.86 5.14
C ILE E 53 13.74 -5.95 4.98
N PHE E 54 13.78 -6.94 5.87
CA PHE E 54 12.85 -8.06 5.86
C PHE E 54 11.69 -7.80 6.84
N TRP E 55 10.74 -8.74 6.89
CA TRP E 55 9.57 -8.67 7.75
C TRP E 55 9.96 -8.72 9.24
N ASP E 56 11.00 -9.50 9.55
CA ASP E 56 11.44 -9.69 10.92
C ASP E 56 12.57 -8.71 11.29
N ASP E 57 12.79 -7.68 10.44
CA ASP E 57 13.71 -6.57 10.73
C ASP E 57 15.16 -7.00 10.62
N ASP E 58 15.42 -8.13 9.93
CA ASP E 58 16.75 -8.41 9.37
C ASP E 58 16.98 -7.47 8.18
N LYS E 59 18.24 -7.15 7.90
CA LYS E 59 18.58 -6.07 6.97
C LYS E 59 19.83 -6.44 6.16
N ARG E 60 20.00 -5.84 4.98
CA ARG E 60 21.28 -5.94 4.28
C ARG E 60 21.56 -4.63 3.56
N TYR E 61 22.86 -4.30 3.48
CA TYR E 61 23.28 -3.05 2.87
C TYR E 61 24.31 -3.37 1.78
N SER E 62 24.37 -2.50 0.76
CA SER E 62 25.55 -2.40 -0.08
C SER E 62 26.79 -2.36 0.82
N PRO E 63 27.77 -3.27 0.62
CA PRO E 63 28.95 -3.29 1.47
C PRO E 63 29.75 -1.97 1.39
N SER E 64 29.77 -1.35 0.20
CA SER E 64 30.52 -0.11 0.00
C SER E 64 29.89 1.07 0.76
N LEU E 65 28.58 0.99 1.04
CA LEU E 65 27.83 2.12 1.53
C LEU E 65 27.28 1.85 2.95
N LYS E 66 27.69 0.76 3.58
CA LYS E 66 27.02 0.28 4.78
C LYS E 66 27.10 1.37 5.87
N SER E 67 28.25 2.04 5.92
CA SER E 67 28.57 2.97 6.98
C SER E 67 27.69 4.22 6.91
N ARG E 68 27.09 4.50 5.74
CA ARG E 68 26.34 5.73 5.54
C ARG E 68 24.83 5.46 5.67
N LEU E 69 24.44 4.19 5.56
CA LEU E 69 23.04 3.84 5.27
C LEU E 69 22.34 3.43 6.56
N THR E 70 21.04 3.65 6.58
CA THR E 70 20.19 3.09 7.63
C THR E 70 18.80 2.83 7.07
N ILE E 71 18.28 1.65 7.37
CA ILE E 71 16.96 1.26 6.91
C ILE E 71 16.10 0.88 8.12
N THR E 72 14.91 1.47 8.17
CA THR E 72 13.91 1.13 9.18
C THR E 72 12.58 0.90 8.49
N LYS E 73 11.70 0.12 9.13
CA LYS E 73 10.33 -0.02 8.68
C LYS E 73 9.37 0.35 9.81
N ASP E 74 8.23 0.93 9.45
CA ASP E 74 7.12 1.10 10.37
C ASP E 74 5.87 0.39 9.83
N THR E 75 5.65 -0.84 10.30
CA THR E 75 4.80 -1.77 9.59
C THR E 75 3.33 -1.40 9.85
N SER E 76 3.12 -0.58 10.88
CA SER E 76 1.80 -0.04 11.20
C SER E 76 1.32 0.91 10.09
N LYS E 77 2.25 1.67 9.51
CA LYS E 77 1.91 2.73 8.59
C LYS E 77 2.14 2.25 7.14
N ASN E 78 2.56 0.98 6.97
CA ASN E 78 3.02 0.46 5.68
C ASN E 78 4.12 1.35 5.07
N GLN E 79 5.21 1.54 5.83
CA GLN E 79 6.24 2.48 5.47
C GLN E 79 7.64 1.96 5.82
N VAL E 80 8.60 2.31 4.96
CA VAL E 80 9.99 1.95 5.16
C VAL E 80 10.84 3.18 4.87
N VAL E 81 11.84 3.43 5.73
CA VAL E 81 12.58 4.68 5.70
C VAL E 81 14.04 4.40 5.38
N LEU E 82 14.67 5.31 4.60
CA LEU E 82 16.08 5.18 4.23
C LEU E 82 16.86 6.42 4.70
N THR E 83 18.07 6.16 5.24
CA THR E 83 18.89 7.19 5.88
C THR E 83 20.30 7.10 5.35
N MET E 84 20.62 8.03 4.46
CA MET E 84 21.95 8.15 3.92
C MET E 84 22.59 9.42 4.45
N THR E 85 23.87 9.32 4.88
CA THR E 85 24.55 10.42 5.56
C THR E 85 25.61 11.01 4.61
N ASN E 86 25.88 12.31 4.79
CA ASN E 86 27.00 12.99 4.15
C ASN E 86 26.74 13.12 2.65
N MET E 87 25.54 13.60 2.32
CA MET E 87 25.09 13.71 0.94
C MET E 87 26.01 14.66 0.18
N GLU E 88 26.74 14.13 -0.81
CA GLU E 88 27.54 14.95 -1.73
C GLU E 88 26.88 14.93 -3.11
N PRO E 89 27.24 15.85 -4.02
CA PRO E 89 26.60 15.91 -5.33
C PRO E 89 26.73 14.62 -6.11
N VAL E 90 27.78 13.85 -5.81
CA VAL E 90 27.96 12.54 -6.42
C VAL E 90 26.70 11.68 -6.18
N ASP E 91 26.04 11.89 -5.02
CA ASP E 91 24.90 11.08 -4.64
C ASP E 91 23.58 11.69 -5.18
N THR E 92 23.65 12.67 -6.09
CA THR E 92 22.43 13.17 -6.74
C THR E 92 21.92 12.11 -7.70
N ALA E 93 20.67 11.70 -7.56
CA ALA E 93 20.14 10.57 -8.31
C ALA E 93 18.62 10.48 -8.20
N THR E 94 18.04 9.52 -8.92
CA THR E 94 16.66 9.12 -8.68
C THR E 94 16.64 7.90 -7.77
N TYR E 95 15.74 7.92 -6.78
CA TYR E 95 15.77 6.97 -5.68
C TYR E 95 14.46 6.20 -5.68
N TYR E 96 14.57 4.86 -5.80
CA TYR E 96 13.42 3.97 -5.96
C TYR E 96 13.31 3.07 -4.74
N CYS E 97 12.09 2.70 -4.38
CA CYS E 97 11.87 1.55 -3.51
C CYS E 97 11.19 0.45 -4.32
N ALA E 98 11.33 -0.79 -3.84
CA ALA E 98 10.87 -1.95 -4.60
C ALA E 98 10.45 -3.09 -3.66
N HIS E 99 9.49 -3.90 -4.15
CA HIS E 99 9.01 -5.06 -3.41
C HIS E 99 9.80 -6.28 -3.82
N ARG E 100 10.03 -7.17 -2.86
CA ARG E 100 10.72 -8.41 -3.11
C ARG E 100 10.06 -9.52 -2.32
N PHE E 101 9.97 -10.70 -2.92
CA PHE E 101 9.44 -11.86 -2.23
C PHE E 101 10.38 -13.01 -2.42
N VAL E 102 10.15 -13.79 -3.45
CA VAL E 102 10.90 -14.99 -3.67
C VAL E 102 11.83 -14.75 -4.83
N GLY E 103 11.44 -13.82 -5.73
CA GLY E 103 12.19 -13.58 -6.97
C GLY E 103 13.34 -12.61 -6.74
N THR E 104 13.50 -11.68 -7.69
CA THR E 104 14.30 -10.49 -7.42
C THR E 104 13.37 -9.36 -6.96
N LEU E 105 13.75 -8.11 -7.31
CA LEU E 105 12.97 -6.92 -6.98
C LEU E 105 11.96 -6.65 -8.11
N ASP E 106 10.68 -7.04 -7.89
CA ASP E 106 9.73 -7.25 -8.99
C ASP E 106 8.91 -5.99 -9.28
N VAL E 107 8.59 -5.22 -8.23
CA VAL E 107 7.69 -4.10 -8.39
C VAL E 107 8.34 -2.86 -7.82
N TRP E 108 8.46 -1.82 -8.66
CA TRP E 108 9.24 -0.64 -8.30
C TRP E 108 8.33 0.56 -8.15
N GLY E 109 8.73 1.50 -7.30
CA GLY E 109 8.08 2.80 -7.23
C GLY E 109 8.23 3.55 -8.55
N GLN E 110 7.63 4.75 -8.61
CA GLN E 110 7.82 5.67 -9.73
C GLN E 110 9.16 6.34 -9.59
N GLY E 111 9.64 6.47 -8.32
CA GLY E 111 10.96 7.02 -8.01
C GLY E 111 10.91 8.53 -7.79
N THR E 112 11.59 9.03 -6.74
CA THR E 112 11.75 10.47 -6.52
C THR E 112 13.20 10.89 -6.76
N THR E 113 13.37 12.08 -7.35
CA THR E 113 14.69 12.57 -7.72
C THR E 113 15.24 13.43 -6.57
N VAL E 114 16.55 13.32 -6.33
CA VAL E 114 17.16 13.94 -5.16
C VAL E 114 18.40 14.71 -5.59
N THR E 115 18.38 16.02 -5.32
CA THR E 115 19.41 16.96 -5.73
C THR E 115 20.22 17.39 -4.49
N VAL E 116 21.56 17.35 -4.60
CA VAL E 116 22.44 17.70 -3.47
C VAL E 116 23.13 19.04 -3.78
N SER E 117 22.61 20.12 -3.16
CA SER E 117 22.89 21.48 -3.62
C SER E 117 22.71 22.49 -2.48
N SER E 118 23.53 23.55 -2.53
CA SER E 118 23.48 24.61 -1.54
C SER E 118 22.50 25.69 -1.98
N ALA E 119 22.22 25.74 -3.30
CA ALA E 119 21.22 26.67 -3.85
C ALA E 119 19.88 26.54 -3.12
N SER E 120 19.05 27.58 -3.32
CA SER E 120 17.71 27.63 -2.77
C SER E 120 16.69 27.38 -3.86
N THR E 121 15.46 27.13 -3.45
CA THR E 121 14.36 26.88 -4.35
C THR E 121 14.09 28.11 -5.18
N LYS E 122 13.52 27.90 -6.36
CA LYS E 122 12.99 28.97 -7.19
C LYS E 122 11.85 28.41 -8.06
N GLY E 123 10.69 29.08 -8.03
CA GLY E 123 9.55 28.67 -8.85
C GLY E 123 9.63 29.30 -10.25
N PRO E 124 9.16 28.59 -11.30
CA PRO E 124 9.26 29.07 -12.66
C PRO E 124 8.22 30.12 -13.01
N SER E 125 8.47 30.87 -14.06
CA SER E 125 7.39 31.54 -14.78
C SER E 125 7.12 30.79 -16.08
N VAL E 126 5.95 31.02 -16.67
CA VAL E 126 5.44 30.18 -17.76
C VAL E 126 4.99 31.07 -18.93
N PHE E 127 5.86 31.19 -19.93
CA PHE E 127 5.57 31.96 -21.12
C PHE E 127 4.97 31.03 -22.19
N PRO E 128 3.98 31.51 -23.00
CA PRO E 128 3.42 30.72 -24.10
C PRO E 128 4.27 30.73 -25.37
N LEU E 129 4.12 29.66 -26.17
CA LEU E 129 4.62 29.65 -27.53
C LEU E 129 3.45 29.54 -28.50
N ALA E 130 2.86 30.70 -28.84
CA ALA E 130 1.62 30.77 -29.62
C ALA E 130 1.84 30.22 -31.02
N PRO E 131 0.83 29.55 -31.62
CA PRO E 131 0.93 29.13 -33.00
C PRO E 131 0.67 30.29 -33.95
N SER E 132 1.50 30.39 -35.01
CA SER E 132 1.39 31.47 -36.00
C SER E 132 1.39 30.86 -37.41
N SER E 133 1.52 31.72 -38.44
CA SER E 133 1.76 31.25 -39.80
C SER E 133 3.11 30.53 -39.86
N LYS E 134 4.00 30.83 -38.88
CA LYS E 134 5.39 30.41 -38.93
C LYS E 134 5.61 29.20 -38.01
N SER E 135 4.50 28.51 -37.64
CA SER E 135 4.55 27.20 -37.02
C SER E 135 3.47 26.27 -37.60
N THR E 136 2.79 26.73 -38.66
CA THR E 136 1.84 25.89 -39.37
C THR E 136 2.55 25.21 -40.52
N SER E 137 1.96 24.11 -41.00
CA SER E 137 2.39 23.45 -42.22
C SER E 137 1.51 22.23 -42.48
N GLY E 138 0.75 22.29 -43.59
CA GLY E 138 -0.07 21.17 -44.05
C GLY E 138 -1.30 20.94 -43.15
N GLY E 139 -1.79 22.00 -42.53
CA GLY E 139 -2.93 21.88 -41.65
C GLY E 139 -2.49 21.42 -40.26
N THR E 140 -1.18 21.47 -39.99
CA THR E 140 -0.65 21.17 -38.67
C THR E 140 0.06 22.40 -38.11
N ALA E 141 -0.47 22.95 -37.03
CA ALA E 141 0.17 24.04 -36.32
C ALA E 141 0.81 23.52 -35.04
N ALA E 142 1.94 24.14 -34.68
CA ALA E 142 2.67 23.76 -33.49
C ALA E 142 2.57 24.87 -32.45
N LEU E 143 2.25 24.48 -31.22
CA LEU E 143 2.19 25.40 -30.10
C LEU E 143 2.83 24.74 -28.89
N GLY E 144 2.98 25.50 -27.81
CA GLY E 144 3.77 25.02 -26.69
C GLY E 144 3.82 26.02 -25.56
N CYS E 145 4.34 25.54 -24.40
CA CYS E 145 4.67 26.36 -23.25
C CYS E 145 6.17 26.31 -22.99
N LEU E 146 6.71 27.44 -22.54
CA LEU E 146 8.09 27.54 -22.10
C LEU E 146 8.13 27.77 -20.59
N VAL E 147 8.75 26.84 -19.86
CA VAL E 147 8.78 26.91 -18.40
C VAL E 147 10.18 27.32 -17.96
N LYS E 148 10.34 28.62 -17.62
CA LYS E 148 11.67 29.21 -17.52
C LYS E 148 12.02 29.53 -16.06
N ASP E 149 13.24 29.08 -15.66
CA ASP E 149 13.94 29.57 -14.47
C ASP E 149 13.29 28.96 -13.21
N TYR E 150 13.57 27.69 -12.97
CA TYR E 150 13.09 27.01 -11.79
C TYR E 150 14.25 26.24 -11.18
N PHE E 151 14.06 25.77 -9.95
CA PHE E 151 15.05 24.96 -9.24
C PHE E 151 14.47 24.58 -7.90
N PRO E 152 14.61 23.30 -7.44
CA PRO E 152 15.34 22.27 -8.17
C PRO E 152 14.42 21.52 -9.13
N GLU E 153 14.96 20.51 -9.81
CA GLU E 153 14.12 19.65 -10.66
C GLU E 153 13.40 18.63 -9.79
N PRO E 154 12.07 18.43 -9.93
CA PRO E 154 11.42 18.23 -11.21
C PRO E 154 10.41 19.32 -11.59
N VAL E 155 9.89 19.24 -12.83
CA VAL E 155 8.67 19.98 -13.20
C VAL E 155 7.78 19.09 -14.07
N THR E 156 6.47 19.05 -13.78
CA THR E 156 5.53 18.25 -14.59
C THR E 156 4.72 19.20 -15.47
N VAL E 157 4.40 18.75 -16.72
CA VAL E 157 3.58 19.57 -17.62
C VAL E 157 2.47 18.70 -18.25
N SER E 158 1.22 19.25 -18.26
CA SER E 158 0.03 18.57 -18.81
C SER E 158 -0.64 19.46 -19.84
N TRP E 159 -1.45 18.85 -20.69
CA TRP E 159 -2.15 19.60 -21.72
C TRP E 159 -3.64 19.30 -21.61
N ASN E 160 -4.43 20.37 -21.46
CA ASN E 160 -5.86 20.24 -21.33
C ASN E 160 -6.16 19.23 -20.22
N SER E 161 -5.38 19.31 -19.15
CA SER E 161 -5.59 18.47 -17.97
C SER E 161 -5.49 16.98 -18.34
N GLY E 162 -4.63 16.64 -19.30
CA GLY E 162 -4.37 15.25 -19.65
C GLY E 162 -5.30 14.77 -20.78
N ALA E 163 -6.27 15.62 -21.17
CA ALA E 163 -7.20 15.30 -22.26
C ALA E 163 -6.43 15.16 -23.57
N LEU E 164 -5.37 15.94 -23.70
CA LEU E 164 -4.49 15.89 -24.85
C LEU E 164 -3.18 15.23 -24.44
N THR E 165 -2.85 14.15 -25.12
CA THR E 165 -1.56 13.50 -24.95
C THR E 165 -0.89 13.29 -26.31
N SER E 166 -1.68 13.42 -27.41
CA SER E 166 -1.23 12.93 -28.71
C SER E 166 -0.44 14.00 -29.45
N GLY E 167 0.83 13.68 -29.72
CA GLY E 167 1.71 14.57 -30.46
C GLY E 167 2.41 15.58 -29.55
N VAL E 168 2.25 15.40 -28.23
CA VAL E 168 2.94 16.22 -27.24
C VAL E 168 4.41 15.80 -27.18
N HIS E 169 5.30 16.79 -27.19
CA HIS E 169 6.71 16.57 -26.91
C HIS E 169 7.11 17.50 -25.76
N THR E 170 7.48 16.90 -24.61
CA THR E 170 8.02 17.67 -23.48
C THR E 170 9.54 17.40 -23.33
N PHE E 171 10.34 18.36 -23.82
CA PHE E 171 11.77 18.17 -23.90
C PHE E 171 12.35 18.06 -22.50
N PRO E 172 13.52 17.40 -22.33
CA PRO E 172 14.25 17.48 -21.09
C PRO E 172 14.61 18.91 -20.74
N ALA E 173 14.97 19.12 -19.48
CA ALA E 173 15.35 20.43 -19.02
C ALA E 173 16.81 20.68 -19.36
N VAL E 174 17.19 21.95 -19.34
CA VAL E 174 18.57 22.33 -19.51
C VAL E 174 18.99 23.18 -18.31
N LEU E 175 20.17 22.88 -17.80
CA LEU E 175 20.80 23.74 -16.81
C LEU E 175 21.40 24.96 -17.52
N GLN E 176 20.80 26.14 -17.28
CA GLN E 176 21.30 27.38 -17.85
C GLN E 176 22.54 27.82 -17.06
N SER E 177 23.35 28.70 -17.67
CA SER E 177 24.59 29.18 -17.06
C SER E 177 24.29 29.90 -15.75
N SER E 178 23.09 30.50 -15.68
CA SER E 178 22.59 31.14 -14.48
C SER E 178 22.46 30.15 -13.30
N GLY E 179 22.45 28.84 -13.58
CA GLY E 179 22.42 27.84 -12.52
C GLY E 179 21.01 27.32 -12.26
N LEU E 180 20.04 27.89 -12.99
CA LEU E 180 18.64 27.46 -12.94
C LEU E 180 18.29 26.54 -14.12
N TYR E 181 17.17 25.83 -14.00
CA TYR E 181 16.69 24.97 -15.06
C TYR E 181 15.70 25.74 -15.94
N SER E 182 15.45 25.19 -17.14
CA SER E 182 14.33 25.62 -17.97
C SER E 182 14.07 24.59 -19.08
N LEU E 183 12.78 24.37 -19.39
CA LEU E 183 12.40 23.37 -20.37
C LEU E 183 11.17 23.84 -21.16
N SER E 184 10.86 23.10 -22.24
CA SER E 184 9.76 23.46 -23.13
C SER E 184 8.91 22.23 -23.43
N SER E 185 7.59 22.44 -23.49
CA SER E 185 6.68 21.43 -24.02
C SER E 185 5.95 22.00 -25.23
N VAL E 186 5.73 21.16 -26.25
CA VAL E 186 5.12 21.58 -27.49
C VAL E 186 4.15 20.49 -27.93
N VAL E 187 3.03 20.89 -28.52
CA VAL E 187 2.13 19.93 -29.12
C VAL E 187 1.74 20.40 -30.52
N THR E 188 1.63 19.43 -31.45
CA THR E 188 1.18 19.67 -32.81
C THR E 188 -0.30 19.30 -32.92
N VAL E 189 -1.08 20.23 -33.48
CA VAL E 189 -2.52 20.08 -33.59
C VAL E 189 -2.94 20.49 -35.00
N PRO E 190 -4.18 20.18 -35.41
CA PRO E 190 -4.74 20.70 -36.64
C PRO E 190 -4.97 22.22 -36.66
N SER E 191 -4.87 22.82 -37.86
CA SER E 191 -5.16 24.23 -38.08
C SER E 191 -6.62 24.52 -37.83
N SER E 192 -7.47 23.60 -38.31
CA SER E 192 -8.90 23.70 -38.17
C SER E 192 -9.28 23.97 -36.70
N SER E 193 -8.68 23.17 -35.80
CA SER E 193 -8.98 23.23 -34.38
C SER E 193 -8.61 24.59 -33.78
N LEU E 194 -7.51 25.18 -34.26
CA LEU E 194 -6.94 26.36 -33.61
C LEU E 194 -8.02 27.41 -33.37
N GLY E 195 -8.89 27.61 -34.38
CA GLY E 195 -9.98 28.57 -34.27
C GLY E 195 -10.95 28.19 -33.15
N THR E 196 -11.45 26.95 -33.22
CA THR E 196 -12.62 26.55 -32.44
C THR E 196 -12.17 26.13 -31.02
N GLN E 197 -11.10 25.31 -30.92
CA GLN E 197 -10.79 24.54 -29.70
C GLN E 197 -9.60 25.17 -28.91
N THR E 198 -9.66 25.04 -27.58
CA THR E 198 -8.75 25.72 -26.64
C THR E 198 -7.57 24.82 -26.29
N TYR E 199 -6.45 25.44 -25.94
CA TYR E 199 -5.27 24.70 -25.54
C TYR E 199 -4.67 25.37 -24.31
N ILE E 200 -4.66 24.63 -23.18
CA ILE E 200 -4.09 25.14 -21.96
C ILE E 200 -3.05 24.17 -21.44
N CYS E 201 -1.89 24.69 -21.06
CA CYS E 201 -0.84 23.86 -20.49
C CYS E 201 -0.87 23.99 -18.97
N ASN E 202 -0.60 22.88 -18.28
CA ASN E 202 -0.79 22.77 -16.84
C ASN E 202 0.55 22.50 -16.15
N VAL E 203 1.07 23.48 -15.43
CA VAL E 203 2.41 23.40 -14.90
C VAL E 203 2.37 23.29 -13.39
N ASN E 204 3.23 22.41 -12.86
CA ASN E 204 3.30 22.15 -11.43
C ASN E 204 4.77 21.98 -11.02
N HIS E 205 5.24 22.89 -10.15
CA HIS E 205 6.54 22.77 -9.52
C HIS E 205 6.33 22.70 -8.02
N LYS E 206 6.55 21.50 -7.47
CA LYS E 206 6.15 21.17 -6.13
C LYS E 206 7.06 21.88 -5.12
N PRO E 207 8.43 21.75 -5.25
CA PRO E 207 9.34 22.32 -4.26
C PRO E 207 9.00 23.76 -3.90
N SER E 208 8.43 24.50 -4.87
CA SER E 208 8.17 25.93 -4.72
C SER E 208 6.66 26.20 -4.68
N ASN E 209 5.87 25.15 -4.91
CA ASN E 209 4.41 25.22 -4.78
C ASN E 209 3.84 26.20 -5.81
N THR E 210 4.35 26.09 -7.06
CA THR E 210 3.80 26.80 -8.21
C THR E 210 2.86 25.88 -9.00
N LYS E 211 1.62 26.38 -9.24
CA LYS E 211 0.68 25.77 -10.17
C LYS E 211 0.16 26.83 -11.12
N VAL E 212 0.63 26.83 -12.36
CA VAL E 212 0.14 27.79 -13.35
C VAL E 212 -0.71 27.04 -14.33
N ASP E 213 -1.76 27.70 -14.83
CA ASP E 213 -2.46 27.27 -16.05
C ASP E 213 -2.39 28.40 -17.07
N LYS E 214 -1.55 28.22 -18.09
CA LYS E 214 -1.46 29.17 -19.20
C LYS E 214 -2.23 28.62 -20.40
N ARG E 215 -3.21 29.39 -20.85
CA ARG E 215 -3.87 29.18 -22.15
C ARG E 215 -2.99 29.74 -23.26
N VAL E 216 -2.73 28.91 -24.28
CA VAL E 216 -1.97 29.36 -25.43
C VAL E 216 -2.97 29.76 -26.50
N GLU E 217 -2.84 31.03 -26.94
CA GLU E 217 -3.90 31.72 -27.65
C GLU E 217 -3.44 31.98 -29.08
N PRO E 218 -4.19 31.48 -30.09
CA PRO E 218 -3.69 31.44 -31.44
C PRO E 218 -3.45 32.82 -32.02
N LYS E 219 -2.19 33.10 -32.41
CA LYS E 219 -1.80 34.37 -32.98
C LYS E 219 -2.22 34.42 -34.47
N SER E 220 -2.37 35.64 -35.02
CA SER E 220 -2.95 35.79 -36.36
C SER E 220 -1.96 36.47 -37.30
N CYS E 221 -0.71 36.05 -37.22
CA CYS E 221 0.35 36.70 -37.95
C CYS E 221 1.48 35.70 -38.19
N ILE F 2 1.67 44.60 -4.73
CA ILE F 2 0.39 44.55 -5.54
C ILE F 2 -0.17 45.96 -5.74
N THR F 3 -0.74 46.18 -6.95
CA THR F 3 -1.30 47.47 -7.33
C THR F 3 -2.34 47.25 -8.43
N LEU F 4 -3.42 48.04 -8.37
CA LEU F 4 -4.44 48.04 -9.41
C LEU F 4 -4.82 49.50 -9.74
N LYS F 5 -4.98 49.81 -11.04
CA LYS F 5 -5.48 51.10 -11.46
C LYS F 5 -6.54 50.92 -12.56
N GLU F 6 -7.65 51.69 -12.43
CA GLU F 6 -8.78 51.60 -13.36
C GLU F 6 -8.67 52.74 -14.39
N SER F 7 -9.53 52.70 -15.44
CA SER F 7 -9.68 53.81 -16.38
C SER F 7 -10.80 53.53 -17.39
N GLY F 8 -11.21 54.60 -18.12
CA GLY F 8 -12.39 54.58 -18.97
C GLY F 8 -12.95 56.00 -19.16
N PRO F 9 -13.82 56.22 -20.17
CA PRO F 9 -14.46 57.52 -20.31
C PRO F 9 -15.42 57.85 -19.16
N THR F 10 -15.45 59.16 -18.78
CA THR F 10 -16.03 59.61 -17.52
C THR F 10 -17.50 60.05 -17.73
N LEU F 11 -17.80 60.58 -18.93
CA LEU F 11 -19.18 60.74 -19.38
C LEU F 11 -19.60 59.47 -20.14
N VAL F 12 -20.88 59.14 -20.10
CA VAL F 12 -21.43 58.16 -21.03
C VAL F 12 -22.94 58.40 -21.16
N LYS F 13 -23.41 58.50 -22.41
CA LYS F 13 -24.75 58.98 -22.71
C LYS F 13 -25.76 57.83 -22.52
N PRO F 14 -26.95 58.10 -21.94
CA PRO F 14 -27.90 57.05 -21.53
C PRO F 14 -28.12 55.91 -22.53
N THR F 15 -28.47 54.74 -21.98
CA THR F 15 -28.74 53.52 -22.73
C THR F 15 -27.59 53.20 -23.69
N GLN F 16 -26.36 53.52 -23.27
CA GLN F 16 -25.16 53.12 -24.02
C GLN F 16 -24.41 52.06 -23.21
N THR F 17 -23.08 52.02 -23.36
CA THR F 17 -22.30 50.87 -22.92
C THR F 17 -20.97 51.35 -22.30
N LEU F 18 -20.80 51.03 -21.01
CA LEU F 18 -19.65 51.43 -20.24
C LEU F 18 -18.56 50.39 -20.36
N THR F 19 -17.33 50.86 -20.59
CA THR F 19 -16.17 50.00 -20.72
C THR F 19 -15.05 50.51 -19.83
N LEU F 20 -14.79 49.78 -18.74
CA LEU F 20 -13.75 50.14 -17.79
C LEU F 20 -12.68 49.05 -17.82
N THR F 21 -11.46 49.42 -17.39
CA THR F 21 -10.32 48.58 -17.65
C THR F 21 -9.30 48.68 -16.50
N CYS F 22 -9.00 47.52 -15.88
CA CYS F 22 -8.21 47.42 -14.67
C CYS F 22 -6.83 46.86 -15.03
N THR F 23 -5.77 47.59 -14.64
CA THR F 23 -4.41 47.14 -14.87
C THR F 23 -3.75 46.82 -13.53
N PHE F 24 -3.20 45.61 -13.41
CA PHE F 24 -2.69 45.13 -12.14
C PHE F 24 -1.24 44.68 -12.32
N SER F 25 -0.55 44.55 -11.19
CA SER F 25 0.89 44.42 -11.17
C SER F 25 1.35 43.98 -9.77
N GLY F 26 1.86 42.74 -9.68
CA GLY F 26 2.34 42.18 -8.42
C GLY F 26 2.00 40.70 -8.30
N PHE F 27 1.37 40.16 -9.33
CA PHE F 27 0.80 38.83 -9.29
C PHE F 27 0.28 38.47 -10.68
N SER F 28 -0.01 37.19 -10.88
CA SER F 28 -0.41 36.72 -12.19
C SER F 28 -1.81 36.14 -12.11
N LEU F 29 -2.69 36.63 -12.98
CA LEU F 29 -4.00 36.03 -13.15
C LEU F 29 -3.88 34.76 -14.00
N ASP F 30 -2.71 34.13 -13.93
CA ASP F 30 -2.49 32.80 -14.49
C ASP F 30 -2.18 31.80 -13.36
N THR F 31 -1.88 32.34 -12.15
CA THR F 31 -1.70 31.53 -10.96
C THR F 31 -3.03 30.84 -10.59
N SER F 32 -2.94 29.53 -10.32
CA SER F 32 -4.09 28.77 -9.86
C SER F 32 -4.58 29.39 -8.57
N GLY F 33 -5.87 29.77 -8.54
CA GLY F 33 -6.53 30.26 -7.33
C GLY F 33 -6.93 31.74 -7.43
N VAL F 34 -6.11 32.56 -8.08
CA VAL F 34 -6.29 34.00 -8.04
C VAL F 34 -7.52 34.41 -8.84
N SER F 35 -8.15 35.51 -8.40
CA SER F 35 -9.34 36.07 -9.04
C SER F 35 -9.30 37.58 -8.94
N VAL F 36 -10.00 38.28 -9.85
CA VAL F 36 -10.19 39.73 -9.76
C VAL F 36 -11.68 40.05 -9.84
N GLY F 37 -12.12 41.10 -9.09
CA GLY F 37 -13.52 41.52 -9.07
C GLY F 37 -13.69 43.04 -9.29
N TRP F 38 -14.92 43.44 -9.70
CA TRP F 38 -15.30 44.86 -9.79
C TRP F 38 -16.40 45.18 -8.77
N ILE F 39 -16.31 46.38 -8.18
CA ILE F 39 -17.31 46.88 -7.26
C ILE F 39 -17.53 48.36 -7.55
N ARG F 40 -18.76 48.84 -7.28
CA ARG F 40 -19.08 50.25 -7.52
C ARG F 40 -19.76 50.84 -6.28
N GLN F 41 -19.54 52.15 -6.08
CA GLN F 41 -20.14 52.87 -4.97
C GLN F 41 -20.83 54.15 -5.48
N PRO F 42 -22.20 54.13 -5.64
CA PRO F 42 -22.96 55.37 -5.83
C PRO F 42 -22.64 56.40 -4.76
N PRO F 43 -22.54 57.71 -5.10
CA PRO F 43 -22.10 58.69 -4.11
C PRO F 43 -22.93 58.61 -2.83
N GLY F 44 -22.21 58.47 -1.69
CA GLY F 44 -22.81 58.22 -0.37
C GLY F 44 -23.84 57.09 -0.41
N LYS F 45 -23.38 55.85 -0.61
CA LYS F 45 -24.27 54.70 -0.60
C LYS F 45 -23.42 53.44 -0.40
N ALA F 46 -24.10 52.28 -0.28
CA ALA F 46 -23.42 51.02 -0.03
C ALA F 46 -22.65 50.59 -1.27
N LEU F 47 -21.50 49.95 -1.06
CA LEU F 47 -20.77 49.31 -2.12
C LEU F 47 -21.60 48.15 -2.70
N GLU F 48 -21.55 47.99 -4.04
CA GLU F 48 -22.24 46.90 -4.71
C GLU F 48 -21.24 46.08 -5.51
N TRP F 49 -21.08 44.80 -5.16
CA TRP F 49 -20.22 43.92 -5.94
C TRP F 49 -20.92 43.59 -7.27
N LEU F 50 -20.13 43.60 -8.36
CA LEU F 50 -20.68 43.53 -9.72
C LEU F 50 -20.36 42.18 -10.34
N ALA F 51 -19.06 41.88 -10.47
CA ALA F 51 -18.63 40.65 -11.10
C ALA F 51 -17.21 40.29 -10.69
N LEU F 52 -16.73 39.15 -11.24
CA LEU F 52 -15.50 38.53 -10.79
C LEU F 52 -15.05 37.50 -11.83
N ILE F 53 -13.74 37.53 -12.14
CA ILE F 53 -13.15 36.61 -13.11
C ILE F 53 -11.96 35.89 -12.45
N PHE F 54 -11.86 34.58 -12.73
CA PHE F 54 -10.79 33.75 -12.19
C PHE F 54 -9.61 33.68 -13.18
N TRP F 55 -8.53 33.01 -12.78
CA TRP F 55 -7.38 32.76 -13.63
C TRP F 55 -7.77 31.94 -14.87
N ASP F 56 -8.71 31.01 -14.67
CA ASP F 56 -9.15 30.10 -15.70
C ASP F 56 -10.39 30.63 -16.43
N ASP F 57 -10.61 31.95 -16.38
CA ASP F 57 -11.62 32.61 -17.21
C ASP F 57 -13.05 32.14 -16.83
N ASP F 58 -13.21 31.44 -15.69
CA ASP F 58 -14.51 31.33 -15.04
C ASP F 58 -14.88 32.69 -14.44
N LYS F 59 -16.19 32.97 -14.34
CA LYS F 59 -16.68 34.29 -13.96
C LYS F 59 -17.93 34.14 -13.06
N ARG F 60 -18.20 35.17 -12.24
CA ARG F 60 -19.47 35.26 -11.52
C ARG F 60 -20.02 36.68 -11.64
N TYR F 61 -21.35 36.79 -11.70
CA TYR F 61 -21.99 38.08 -11.88
C TYR F 61 -23.00 38.32 -10.77
N SER F 62 -23.18 39.61 -10.40
CA SER F 62 -24.30 40.01 -9.55
C SER F 62 -25.62 39.52 -10.16
N PRO F 63 -26.43 38.73 -9.42
CA PRO F 63 -27.47 37.92 -10.04
C PRO F 63 -28.51 38.74 -10.82
N SER F 64 -28.81 39.95 -10.32
CA SER F 64 -29.76 40.84 -10.97
C SER F 64 -29.16 41.37 -12.28
N LEU F 65 -27.94 41.89 -12.20
CA LEU F 65 -27.35 42.65 -13.30
C LEU F 65 -26.60 41.73 -14.26
N LYS F 66 -26.84 40.40 -14.16
CA LYS F 66 -26.11 39.45 -14.99
C LYS F 66 -26.20 39.87 -16.45
N SER F 67 -27.42 40.24 -16.86
CA SER F 67 -27.76 40.38 -18.26
C SER F 67 -27.08 41.61 -18.88
N ARG F 68 -26.60 42.52 -18.03
CA ARG F 68 -26.12 43.81 -18.47
C ARG F 68 -24.60 43.87 -18.39
N LEU F 69 -24.00 42.88 -17.72
CA LEU F 69 -22.60 42.91 -17.35
C LEU F 69 -21.81 41.97 -18.27
N THR F 70 -20.50 42.23 -18.42
CA THR F 70 -19.58 41.25 -19.00
C THR F 70 -18.15 41.55 -18.53
N ILE F 71 -17.42 40.48 -18.17
CA ILE F 71 -16.06 40.61 -17.66
C ILE F 71 -15.11 39.72 -18.47
N THR F 72 -14.01 40.33 -18.93
CA THR F 72 -13.01 39.65 -19.73
C THR F 72 -11.61 40.07 -19.25
N LYS F 73 -10.59 39.23 -19.53
CA LYS F 73 -9.23 39.49 -19.07
C LYS F 73 -8.25 39.28 -20.22
N ASP F 74 -7.32 40.22 -20.38
CA ASP F 74 -6.22 40.05 -21.32
C ASP F 74 -4.94 39.86 -20.52
N THR F 75 -4.59 38.59 -20.32
CA THR F 75 -3.62 38.23 -19.30
C THR F 75 -2.21 38.57 -19.80
N SER F 76 -2.08 38.81 -21.12
CA SER F 76 -0.82 39.25 -21.71
C SER F 76 -0.46 40.66 -21.24
N LYS F 77 -1.48 41.53 -21.15
CA LYS F 77 -1.26 42.94 -20.87
C LYS F 77 -1.48 43.22 -19.40
N ASN F 78 -1.88 42.19 -18.63
CA ASN F 78 -2.13 42.34 -17.21
C ASN F 78 -3.41 43.15 -16.98
N GLN F 79 -4.52 42.72 -17.59
CA GLN F 79 -5.69 43.58 -17.76
C GLN F 79 -6.99 42.80 -17.60
N VAL F 80 -7.99 43.48 -16.99
CA VAL F 80 -9.35 42.96 -16.89
C VAL F 80 -10.32 44.07 -17.29
N VAL F 81 -11.34 43.71 -18.09
CA VAL F 81 -12.21 44.69 -18.72
C VAL F 81 -13.64 44.43 -18.27
N LEU F 82 -14.43 45.51 -18.13
CA LEU F 82 -15.81 45.41 -17.69
C LEU F 82 -16.74 46.02 -18.75
N THR F 83 -17.89 45.35 -18.99
CA THR F 83 -18.83 45.71 -20.06
C THR F 83 -20.25 45.79 -19.49
N MET F 84 -20.69 47.02 -19.21
CA MET F 84 -22.04 47.26 -18.71
C MET F 84 -22.87 47.93 -19.80
N THR F 85 -24.09 47.42 -20.02
CA THR F 85 -24.98 47.93 -21.04
C THR F 85 -26.09 48.75 -20.39
N ASN F 86 -26.65 49.67 -21.19
CA ASN F 86 -27.90 50.35 -20.87
C ASN F 86 -27.68 51.43 -19.83
N MET F 87 -26.43 51.95 -19.74
CA MET F 87 -26.08 52.98 -18.77
C MET F 87 -27.28 53.90 -18.55
N GLU F 88 -27.92 53.77 -17.37
CA GLU F 88 -28.98 54.68 -16.95
C GLU F 88 -28.45 55.56 -15.83
N PRO F 89 -29.06 56.74 -15.57
CA PRO F 89 -28.56 57.64 -14.52
C PRO F 89 -28.45 56.97 -13.16
N VAL F 90 -29.28 55.92 -12.93
CA VAL F 90 -29.24 55.14 -11.69
C VAL F 90 -27.81 54.61 -11.49
N ASP F 91 -27.11 54.31 -12.59
CA ASP F 91 -25.82 53.61 -12.54
C ASP F 91 -24.64 54.60 -12.35
N THR F 92 -24.94 55.86 -12.06
CA THR F 92 -23.91 56.88 -11.87
C THR F 92 -23.23 56.62 -10.54
N ALA F 93 -21.90 56.39 -10.56
CA ALA F 93 -21.22 55.73 -9.44
C ALA F 93 -19.70 55.81 -9.59
N THR F 94 -18.97 55.46 -8.52
CA THR F 94 -17.52 55.27 -8.60
C THR F 94 -17.20 53.77 -8.65
N TYR F 95 -16.29 53.40 -9.56
CA TYR F 95 -16.10 52.01 -9.94
C TYR F 95 -14.67 51.58 -9.57
N TYR F 96 -14.56 50.46 -8.82
CA TYR F 96 -13.29 49.95 -8.29
C TYR F 96 -13.01 48.56 -8.86
N CYS F 97 -11.72 48.21 -9.02
CA CYS F 97 -11.32 46.82 -9.23
C CYS F 97 -10.47 46.35 -8.05
N ALA F 98 -10.49 45.02 -7.78
CA ALA F 98 -9.87 44.46 -6.57
C ALA F 98 -9.29 43.06 -6.84
N HIS F 99 -8.24 42.72 -6.08
CA HIS F 99 -7.63 41.38 -6.11
C HIS F 99 -8.29 40.49 -5.06
N ARG F 100 -8.38 39.19 -5.36
CA ARG F 100 -8.87 38.20 -4.41
C ARG F 100 -8.08 36.91 -4.57
N PHE F 101 -7.78 36.25 -3.44
CA PHE F 101 -7.13 34.96 -3.46
C PHE F 101 -7.94 33.96 -2.62
N VAL F 102 -7.59 33.83 -1.33
CA VAL F 102 -8.21 32.83 -0.47
C VAL F 102 -9.24 33.50 0.44
N GLY F 103 -9.00 34.77 0.78
CA GLY F 103 -9.88 35.49 1.68
C GLY F 103 -11.07 36.06 0.93
N THR F 104 -11.48 37.27 1.33
CA THR F 104 -12.39 38.06 0.53
C THR F 104 -11.55 39.02 -0.34
N LEU F 105 -12.08 40.24 -0.57
CA LEU F 105 -11.51 41.18 -1.54
C LEU F 105 -10.53 42.14 -0.84
N ASP F 106 -9.20 41.92 -1.05
CA ASP F 106 -8.18 42.42 -0.11
C ASP F 106 -7.53 43.73 -0.61
N VAL F 107 -7.19 43.82 -1.90
CA VAL F 107 -6.46 44.98 -2.41
C VAL F 107 -7.28 45.63 -3.53
N TRP F 108 -7.53 46.94 -3.37
CA TRP F 108 -8.43 47.67 -4.26
C TRP F 108 -7.64 48.70 -5.09
N GLY F 109 -8.23 49.16 -6.21
CA GLY F 109 -7.75 50.35 -6.90
C GLY F 109 -8.00 51.61 -6.08
N GLN F 110 -7.64 52.77 -6.63
CA GLN F 110 -8.04 54.04 -6.03
C GLN F 110 -9.48 54.36 -6.40
N GLY F 111 -9.94 53.80 -7.53
CA GLY F 111 -11.32 53.97 -8.00
C GLY F 111 -11.38 54.98 -9.14
N THR F 112 -12.60 55.23 -9.67
CA THR F 112 -12.77 56.25 -10.71
C THR F 112 -14.26 56.38 -11.10
N THR F 113 -14.64 57.61 -11.53
CA THR F 113 -15.99 58.15 -11.40
C THR F 113 -16.75 57.96 -12.72
N VAL F 114 -18.10 57.82 -12.66
CA VAL F 114 -18.90 57.58 -13.86
C VAL F 114 -20.22 58.38 -13.79
N THR F 115 -20.44 59.26 -14.79
CA THR F 115 -21.70 59.99 -14.95
C THR F 115 -22.43 59.51 -16.21
N VAL F 116 -23.74 59.29 -16.07
CA VAL F 116 -24.58 58.78 -17.16
C VAL F 116 -25.56 59.88 -17.60
N SER F 117 -25.23 60.59 -18.71
CA SER F 117 -25.81 61.90 -18.98
C SER F 117 -25.60 62.30 -20.46
N SER F 118 -26.46 63.22 -20.95
CA SER F 118 -26.35 63.73 -22.31
C SER F 118 -25.47 64.97 -22.36
N ALA F 119 -25.35 65.67 -21.23
CA ALA F 119 -24.64 66.97 -21.18
C ALA F 119 -23.14 66.76 -21.32
N SER F 120 -22.43 67.81 -21.75
CA SER F 120 -21.13 67.67 -22.42
C SER F 120 -20.00 68.14 -21.52
N THR F 121 -18.80 67.70 -21.87
CA THR F 121 -17.64 67.87 -21.01
C THR F 121 -17.29 69.35 -20.92
N LYS F 122 -17.95 70.06 -19.99
CA LYS F 122 -17.74 71.50 -19.82
C LYS F 122 -16.68 71.73 -18.74
N GLY F 123 -15.66 72.51 -19.08
CA GLY F 123 -14.57 72.83 -18.16
C GLY F 123 -15.04 73.76 -17.05
N PRO F 124 -14.30 73.85 -15.93
CA PRO F 124 -14.59 74.81 -14.89
C PRO F 124 -14.09 76.19 -15.25
N SER F 125 -14.72 77.22 -14.70
CA SER F 125 -14.15 78.55 -14.67
C SER F 125 -13.67 78.87 -13.25
N VAL F 126 -12.73 79.80 -13.14
CA VAL F 126 -11.94 79.97 -11.93
C VAL F 126 -11.95 81.45 -11.51
N PHE F 127 -12.87 81.82 -10.60
CA PHE F 127 -13.02 83.20 -10.14
C PHE F 127 -12.35 83.37 -8.76
N PRO F 128 -11.67 84.52 -8.48
CA PRO F 128 -10.91 84.69 -7.24
C PRO F 128 -11.75 85.19 -6.05
N LEU F 129 -11.34 84.81 -4.83
CA LEU F 129 -12.00 85.27 -3.62
C LEU F 129 -10.97 85.93 -2.70
N ALA F 130 -10.52 87.14 -3.07
CA ALA F 130 -9.46 87.83 -2.33
C ALA F 130 -9.95 88.20 -0.93
N PRO F 131 -9.07 88.14 0.09
CA PRO F 131 -9.43 88.59 1.43
C PRO F 131 -9.38 90.11 1.54
N SER F 132 -9.75 90.63 2.72
CA SER F 132 -9.90 92.06 2.91
C SER F 132 -9.43 92.45 4.33
N LEU F 143 -9.82 84.03 0.29
CA LEU F 143 -8.51 83.34 0.43
C LEU F 143 -8.59 81.93 -0.20
N GLY F 144 -9.39 81.79 -1.28
CA GLY F 144 -9.61 80.49 -1.93
C GLY F 144 -10.13 80.64 -3.37
N CYS F 145 -10.18 79.51 -4.11
CA CYS F 145 -10.54 79.51 -5.53
C CYS F 145 -11.98 79.00 -5.69
N LEU F 146 -12.75 79.67 -6.55
CA LEU F 146 -14.14 79.27 -6.84
C LEU F 146 -14.19 78.62 -8.22
N VAL F 147 -14.50 77.31 -8.24
CA VAL F 147 -14.52 76.55 -9.48
C VAL F 147 -15.98 76.27 -9.85
N LYS F 148 -16.51 77.08 -10.79
CA LYS F 148 -17.94 77.12 -11.03
C LYS F 148 -18.26 76.45 -12.38
N ASP F 149 -19.49 75.88 -12.45
CA ASP F 149 -20.12 75.42 -13.68
C ASP F 149 -19.16 74.54 -14.50
N TYR F 150 -18.89 73.33 -13.98
CA TYR F 150 -18.12 72.31 -14.70
C TYR F 150 -18.98 71.04 -14.81
N PHE F 151 -18.49 70.04 -15.57
CA PHE F 151 -19.20 68.77 -15.75
C PHE F 151 -18.42 67.91 -16.75
N PRO F 152 -18.35 66.57 -16.57
CA PRO F 152 -18.96 65.89 -15.43
C PRO F 152 -18.00 65.73 -14.26
N GLU F 153 -18.39 64.89 -13.28
CA GLU F 153 -17.57 64.59 -12.11
C GLU F 153 -16.43 63.65 -12.51
N PRO F 154 -15.15 63.92 -12.10
CA PRO F 154 -14.87 64.78 -10.95
C PRO F 154 -14.21 66.11 -11.30
N VAL F 155 -13.70 66.80 -10.28
CA VAL F 155 -12.73 67.87 -10.47
C VAL F 155 -11.61 67.68 -9.45
N THR F 156 -10.37 67.92 -9.88
CA THR F 156 -9.22 67.87 -8.99
C THR F 156 -8.87 69.30 -8.56
N VAL F 157 -8.43 69.45 -7.31
CA VAL F 157 -7.92 70.72 -6.81
C VAL F 157 -6.59 70.49 -6.08
N SER F 158 -5.59 71.32 -6.40
CA SER F 158 -4.33 71.36 -5.64
C SER F 158 -4.03 72.80 -5.23
N TRP F 159 -3.32 72.95 -4.11
CA TRP F 159 -2.70 74.20 -3.73
C TRP F 159 -1.17 74.06 -3.81
N ASN F 160 -0.55 74.98 -4.55
CA ASN F 160 0.90 74.95 -4.77
C ASN F 160 1.30 73.58 -5.31
N SER F 161 0.38 72.93 -6.03
CA SER F 161 0.60 71.62 -6.62
C SER F 161 1.00 70.61 -5.53
N GLY F 162 0.46 70.77 -4.32
CA GLY F 162 0.74 69.86 -3.22
C GLY F 162 1.84 70.40 -2.30
N ALA F 163 2.19 71.69 -2.43
CA ALA F 163 3.17 72.33 -1.55
C ALA F 163 2.45 72.98 -0.34
N LEU F 164 1.15 73.30 -0.49
CA LEU F 164 0.36 73.97 0.57
C LEU F 164 -0.98 73.27 0.75
N THR F 165 -1.13 72.53 1.86
CA THR F 165 -2.35 71.77 2.11
C THR F 165 -2.77 71.88 3.58
N SER F 166 -2.13 72.77 4.36
CA SER F 166 -2.42 72.88 5.78
C SER F 166 -3.59 73.84 5.99
N GLY F 167 -4.71 73.30 6.48
CA GLY F 167 -5.92 74.06 6.71
C GLY F 167 -6.85 74.07 5.49
N VAL F 168 -6.41 73.42 4.39
CA VAL F 168 -7.20 73.34 3.16
C VAL F 168 -8.49 72.57 3.46
N HIS F 169 -9.58 72.93 2.76
CA HIS F 169 -10.87 72.29 2.96
C HIS F 169 -11.43 71.73 1.64
N THR F 170 -11.12 72.40 0.52
CA THR F 170 -11.57 71.96 -0.79
C THR F 170 -12.92 71.28 -0.65
N PHE F 171 -13.96 72.08 -0.34
CA PHE F 171 -15.30 71.56 -0.10
C PHE F 171 -15.70 70.58 -1.21
N PRO F 172 -16.68 69.67 -0.96
CA PRO F 172 -17.31 68.94 -2.03
C PRO F 172 -18.04 69.84 -3.02
N ALA F 173 -18.69 69.24 -4.01
CA ALA F 173 -19.36 69.99 -5.04
C ALA F 173 -20.85 70.03 -4.76
N VAL F 174 -21.60 70.72 -5.64
CA VAL F 174 -23.05 70.72 -5.62
C VAL F 174 -23.57 70.81 -7.07
N LEU F 175 -24.56 69.98 -7.40
CA LEU F 175 -25.26 70.08 -8.67
C LEU F 175 -26.28 71.23 -8.61
N GLN F 176 -26.03 72.29 -9.40
CA GLN F 176 -26.94 73.44 -9.44
C GLN F 176 -28.13 73.14 -10.35
N SER F 177 -29.12 74.04 -10.36
CA SER F 177 -30.39 73.82 -11.05
C SER F 177 -30.15 73.71 -12.56
N SER F 178 -29.07 74.34 -13.04
CA SER F 178 -28.65 74.20 -14.43
C SER F 178 -28.35 72.73 -14.74
N GLY F 179 -27.72 72.04 -13.80
CA GLY F 179 -27.18 70.70 -14.04
C GLY F 179 -25.68 70.74 -14.29
N LEU F 180 -25.07 71.90 -14.00
CA LEU F 180 -23.62 72.04 -13.89
C LEU F 180 -23.21 72.07 -12.41
N TYR F 181 -22.00 71.57 -12.12
CA TYR F 181 -21.52 71.42 -10.75
C TYR F 181 -20.80 72.70 -10.32
N SER F 182 -20.56 72.83 -9.01
CA SER F 182 -19.89 74.01 -8.46
C SER F 182 -19.33 73.70 -7.07
N LEU F 183 -18.01 73.89 -6.93
CA LEU F 183 -17.34 73.74 -5.64
C LEU F 183 -16.35 74.90 -5.44
N SER F 184 -15.92 75.08 -4.19
CA SER F 184 -14.97 76.12 -3.86
C SER F 184 -13.90 75.56 -2.93
N SER F 185 -12.64 75.71 -3.34
CA SER F 185 -11.52 75.18 -2.58
C SER F 185 -10.84 76.31 -1.81
N VAL F 186 -10.68 76.10 -0.51
CA VAL F 186 -10.21 77.14 0.39
C VAL F 186 -9.15 76.54 1.31
N VAL F 187 -8.12 77.35 1.64
CA VAL F 187 -7.05 76.90 2.52
C VAL F 187 -6.96 77.84 3.74
N THR F 198 4.75 82.30 -3.02
CA THR F 198 3.90 82.15 -4.22
C THR F 198 2.92 81.02 -3.99
N TYR F 199 1.67 81.23 -4.41
CA TYR F 199 0.58 80.33 -4.09
C TYR F 199 -0.30 80.17 -5.32
N ILE F 200 -0.26 78.97 -5.92
CA ILE F 200 -1.07 78.65 -7.10
C ILE F 200 -2.09 77.58 -6.72
N CYS F 201 -3.36 77.80 -7.05
CA CYS F 201 -4.36 76.74 -6.97
C CYS F 201 -4.53 76.09 -8.35
N ASN F 202 -4.58 74.76 -8.36
CA ASN F 202 -4.35 73.98 -9.57
C ASN F 202 -5.59 73.19 -9.91
N VAL F 203 -6.22 73.52 -11.03
CA VAL F 203 -7.46 72.90 -11.43
C VAL F 203 -7.18 71.97 -12.61
N ASN F 204 -7.35 70.66 -12.38
CA ASN F 204 -7.32 69.67 -13.44
C ASN F 204 -8.70 69.03 -13.56
N HIS F 205 -9.37 69.31 -14.68
CA HIS F 205 -10.59 68.63 -15.04
C HIS F 205 -10.32 67.86 -16.32
N LYS F 206 -10.30 66.52 -16.21
CA LYS F 206 -9.76 65.68 -17.26
C LYS F 206 -10.71 65.66 -18.46
N PRO F 207 -12.02 65.40 -18.26
CA PRO F 207 -12.95 65.28 -19.39
C PRO F 207 -12.85 66.44 -20.39
N SER F 208 -12.46 67.63 -19.88
CA SER F 208 -12.38 68.85 -20.68
C SER F 208 -10.92 69.30 -20.85
N ASN F 209 -10.01 68.61 -20.14
CA ASN F 209 -8.57 68.77 -20.32
C ASN F 209 -8.13 70.17 -19.87
N THR F 210 -8.61 70.60 -18.70
CA THR F 210 -8.38 71.95 -18.21
C THR F 210 -7.11 71.96 -17.33
N LYS F 211 -6.17 72.86 -17.67
CA LYS F 211 -4.88 72.94 -17.00
C LYS F 211 -4.67 74.36 -16.47
N VAL F 212 -5.69 74.87 -15.74
CA VAL F 212 -5.71 76.26 -15.29
C VAL F 212 -5.09 76.34 -13.89
N ASP F 213 -4.26 77.38 -13.68
CA ASP F 213 -3.92 77.84 -12.34
C ASP F 213 -4.42 79.28 -12.18
N LYS F 214 -4.91 79.61 -10.99
CA LYS F 214 -4.86 80.98 -10.49
C LYS F 214 -3.95 81.04 -9.28
N ARG F 215 -3.20 82.13 -9.18
CA ARG F 215 -2.47 82.42 -7.97
C ARG F 215 -3.41 83.07 -6.95
N VAL F 216 -3.23 82.68 -5.69
CA VAL F 216 -3.93 83.30 -4.57
C VAL F 216 -3.14 83.01 -3.27
C21 P6S G 1 -15.13 -8.31 8.09
C22 P6S G 1 -15.30 -9.70 7.53
C24 P6S G 1 -14.99 -12.10 7.70
C26 P6S G 1 -16.12 -11.19 5.81
C19 P6S G 1 -15.87 -6.23 7.11
C23 P6S G 1 -14.81 -10.81 8.22
C25 P6S G 1 -15.63 -12.27 6.50
C27 P6S G 1 -15.95 -9.91 6.32
O20 P6S G 1 -16.23 -7.42 7.67
O28 P6S G 1 -14.75 -5.78 7.10
N ONL G 2 -16.91 -5.68 6.48
CA ONL G 2 -16.71 -4.77 5.37
C ONL G 2 -16.93 -3.32 5.84
O ONL G 2 -17.68 -3.10 6.73
CB ONL G 2 -17.61 -5.24 4.20
CG ONL G 2 -18.24 -4.15 3.33
CD ONL G 2 -19.50 -4.64 2.69
OD ONL G 2 -20.42 -4.92 3.41
CE ONL G 2 -19.55 -4.95 1.23
N VAL G 3 -16.07 -2.42 5.42
CA VAL G 3 -15.64 -1.30 6.26
C VAL G 3 -15.16 -0.24 5.28
N PRO G 4 -15.52 1.00 5.50
CA PRO G 4 -15.03 2.09 4.66
C PRO G 4 -13.57 2.44 4.91
N MLL G 5 -12.79 2.46 3.84
CA MLL G 5 -11.48 3.08 3.84
CB MLL G 5 -10.81 2.85 2.48
CG MLL G 5 -9.97 1.55 2.34
CD2 MLL G 5 -10.30 0.83 1.03
CD1 MLL G 5 -10.12 0.60 3.52
C MLL G 5 -11.64 4.57 4.12
O MLL G 5 -12.37 5.28 3.52
OXT MLL G 5 -10.98 4.95 5.23
C10 MLL G 5 -9.87 4.17 5.73
C21 P6S H 1 17.85 -54.38 8.96
C22 P6S H 1 17.76 -55.15 10.27
C24 P6S H 1 18.79 -56.50 12.02
C26 P6S H 1 16.45 -56.00 12.13
C19 P6S H 1 18.66 -52.31 9.82
C23 P6S H 1 18.88 -55.77 10.82
C25 P6S H 1 17.57 -56.61 12.68
C27 P6S H 1 16.54 -55.28 10.94
O20 P6S H 1 18.88 -53.36 9.00
O28 P6S H 1 17.60 -51.71 9.91
N ONL H 2 19.81 -51.90 10.37
CA ONL H 2 19.93 -50.56 10.93
C ONL H 2 20.17 -49.59 9.79
O ONL H 2 21.04 -49.81 9.00
CB ONL H 2 21.03 -50.54 11.98
CG ONL H 2 21.35 -49.19 12.56
CD ONL H 2 22.50 -49.27 13.47
OD ONL H 2 23.54 -49.79 13.12
CE ONL H 2 22.27 -48.80 14.87
N VAL H 3 19.25 -48.63 9.62
CA VAL H 3 18.94 -48.05 8.30
C VAL H 3 18.54 -46.60 8.51
N PRO H 4 19.02 -45.70 7.65
CA PRO H 4 18.56 -44.31 7.63
C PRO H 4 17.11 -44.14 7.22
N MLL H 5 16.31 -43.44 8.03
CA MLL H 5 15.11 -42.80 7.54
CB MLL H 5 14.33 -42.18 8.70
CG MLL H 5 13.30 -43.07 9.39
CD2 MLL H 5 13.10 -44.38 8.65
CD1 MLL H 5 13.69 -43.32 10.84
C MLL H 5 15.50 -41.73 6.52
O MLL H 5 16.46 -41.00 6.65
OXT MLL H 5 14.81 -41.84 5.37
C10 MLL H 5 13.36 -41.96 5.42
CAC FLC I . -1.71 11.35 -4.22
CA FLC I . -0.55 10.89 -5.05
CB FLC I . -0.78 11.00 -6.55
CBC FLC I . -1.09 12.47 -6.95
CG FLC I . 0.48 10.53 -7.28
CGC FLC I . 0.22 9.98 -8.67
OA1 FLC I . -1.84 12.56 -4.01
OA2 FLC I . -2.51 10.50 -3.82
OB1 FLC I . -0.61 13.38 -6.21
OB2 FLC I . -1.82 12.64 -7.96
OG1 FLC I . -0.25 8.78 -8.77
OG2 FLC I . 0.37 10.76 -9.63
OHB FLC I . -1.88 10.18 -6.92
C1 EDO J . -0.65 -10.81 2.00
O1 EDO J . 0.79 -10.72 2.21
C2 EDO J . -1.05 -10.50 0.57
O2 EDO J . -2.47 -10.55 0.32
CA CA K . -35.45 -5.04 -2.74
CA CA L . -7.99 3.53 -13.20
CA CA M . -18.10 11.43 -7.60
P PO4 N . -22.83 -33.41 -20.57
O1 PO4 N . -22.94 -32.34 -19.48
O2 PO4 N . -23.86 -33.12 -21.68
O3 PO4 N . -21.42 -33.38 -21.16
O4 PO4 N . -23.12 -34.79 -19.96
CAC FLC O . 4.78 -38.13 14.53
CA FLC O . 5.72 -39.24 14.07
CB FLC O . 5.81 -39.47 12.55
CBC FLC O . 5.82 -38.10 11.81
CG FLC O . 7.10 -40.23 12.21
CGC FLC O . 7.09 -41.73 12.50
OA1 FLC O . 5.23 -37.25 15.29
OA2 FLC O . 3.59 -38.15 14.15
OB1 FLC O . 5.02 -37.94 10.86
OB2 FLC O . 6.67 -37.27 12.18
OG1 FLC O . 6.36 -42.45 11.81
OG2 FLC O . 7.90 -42.17 13.35
OHB FLC O . 4.69 -40.22 12.12
CA CA P . 38.25 -47.49 18.68
CA CA Q . 11.20 -33.80 22.09
CA CA R . 21.87 -30.40 13.43
C1 EDO S . -8.89 59.31 -16.35
O1 EDO S . -9.06 59.16 -14.94
C2 EDO S . -8.44 58.06 -17.03
O2 EDO S . -9.49 57.12 -17.24
#